data_1BC8
# 
_entry.id   1BC8 
# 
_audit_conform.dict_name       mmcif_pdbx.dic 
_audit_conform.dict_version    5.385 
_audit_conform.dict_location   http://mmcif.pdb.org/dictionaries/ascii/mmcif_pdbx.dic 
# 
loop_
_database_2.database_id 
_database_2.database_code 
_database_2.pdbx_database_accession 
_database_2.pdbx_DOI 
PDB   1BC8         pdb_00001bc8 10.2210/pdb1bc8/pdb 
RCSB  PD0020       ?            ?                   
WWPDB D_1000171581 ?            ?                   
# 
loop_
_pdbx_audit_revision_history.ordinal 
_pdbx_audit_revision_history.data_content_type 
_pdbx_audit_revision_history.major_revision 
_pdbx_audit_revision_history.minor_revision 
_pdbx_audit_revision_history.revision_date 
1 'Structure model' 1 0 1998-12-01 
2 'Structure model' 1 1 2008-05-22 
3 'Structure model' 1 2 2011-07-13 
4 'Structure model' 1 3 2024-02-07 
# 
_pdbx_audit_revision_details.ordinal             1 
_pdbx_audit_revision_details.revision_ordinal    1 
_pdbx_audit_revision_details.data_content_type   'Structure model' 
_pdbx_audit_revision_details.provider            repository 
_pdbx_audit_revision_details.type                'Initial release' 
_pdbx_audit_revision_details.description         ? 
_pdbx_audit_revision_details.details             ? 
# 
loop_
_pdbx_audit_revision_group.ordinal 
_pdbx_audit_revision_group.revision_ordinal 
_pdbx_audit_revision_group.data_content_type 
_pdbx_audit_revision_group.group 
1 2 'Structure model' 'Version format compliance' 
2 3 'Structure model' 'Version format compliance' 
3 4 'Structure model' 'Data collection'           
4 4 'Structure model' 'Database references'       
5 4 'Structure model' 'Derived calculations'      
# 
loop_
_pdbx_audit_revision_category.ordinal 
_pdbx_audit_revision_category.revision_ordinal 
_pdbx_audit_revision_category.data_content_type 
_pdbx_audit_revision_category.category 
1 4 'Structure model' chem_comp_atom         
2 4 'Structure model' chem_comp_bond         
3 4 'Structure model' database_2             
4 4 'Structure model' pdbx_struct_conn_angle 
5 4 'Structure model' struct_conn            
6 4 'Structure model' struct_site            
# 
loop_
_pdbx_audit_revision_item.ordinal 
_pdbx_audit_revision_item.revision_ordinal 
_pdbx_audit_revision_item.data_content_type 
_pdbx_audit_revision_item.item 
1  4 'Structure model' '_database_2.pdbx_DOI'                        
2  4 'Structure model' '_database_2.pdbx_database_accession'         
3  4 'Structure model' '_pdbx_struct_conn_angle.ptnr1_auth_asym_id'  
4  4 'Structure model' '_pdbx_struct_conn_angle.ptnr1_auth_comp_id'  
5  4 'Structure model' '_pdbx_struct_conn_angle.ptnr1_auth_seq_id'   
6  4 'Structure model' '_pdbx_struct_conn_angle.ptnr1_label_asym_id' 
7  4 'Structure model' '_pdbx_struct_conn_angle.ptnr1_label_atom_id' 
8  4 'Structure model' '_pdbx_struct_conn_angle.ptnr1_label_comp_id' 
9  4 'Structure model' '_pdbx_struct_conn_angle.ptnr1_label_seq_id'  
10 4 'Structure model' '_pdbx_struct_conn_angle.ptnr2_auth_asym_id'  
11 4 'Structure model' '_pdbx_struct_conn_angle.ptnr2_auth_seq_id'   
12 4 'Structure model' '_pdbx_struct_conn_angle.ptnr2_label_asym_id' 
13 4 'Structure model' '_pdbx_struct_conn_angle.ptnr3_auth_asym_id'  
14 4 'Structure model' '_pdbx_struct_conn_angle.ptnr3_auth_seq_id'   
15 4 'Structure model' '_pdbx_struct_conn_angle.ptnr3_label_asym_id' 
16 4 'Structure model' '_pdbx_struct_conn_angle.value'               
17 4 'Structure model' '_struct_conn.pdbx_dist_value'                
18 4 'Structure model' '_struct_conn.ptnr1_auth_asym_id'             
19 4 'Structure model' '_struct_conn.ptnr1_auth_comp_id'             
20 4 'Structure model' '_struct_conn.ptnr1_auth_seq_id'              
21 4 'Structure model' '_struct_conn.ptnr1_label_asym_id'            
22 4 'Structure model' '_struct_conn.ptnr1_label_atom_id'            
23 4 'Structure model' '_struct_conn.ptnr1_label_comp_id'            
24 4 'Structure model' '_struct_conn.ptnr1_label_seq_id'             
25 4 'Structure model' '_struct_conn.ptnr2_auth_asym_id'             
26 4 'Structure model' '_struct_conn.ptnr2_auth_comp_id'             
27 4 'Structure model' '_struct_conn.ptnr2_auth_seq_id'              
28 4 'Structure model' '_struct_conn.ptnr2_label_asym_id'            
29 4 'Structure model' '_struct_conn.ptnr2_label_atom_id'            
30 4 'Structure model' '_struct_conn.ptnr2_label_comp_id'            
31 4 'Structure model' '_struct_conn.ptnr2_label_seq_id'             
32 4 'Structure model' '_struct_site.pdbx_auth_asym_id'              
33 4 'Structure model' '_struct_site.pdbx_auth_comp_id'              
34 4 'Structure model' '_struct_site.pdbx_auth_seq_id'               
# 
_pdbx_database_status.status_code                     REL 
_pdbx_database_status.entry_id                        1BC8 
_pdbx_database_status.recvd_initial_deposition_date   1998-05-05 
_pdbx_database_status.deposit_site                    BNL 
_pdbx_database_status.process_site                    NDB 
_pdbx_database_status.SG_entry                        . 
_pdbx_database_status.pdb_format_compatible           Y 
_pdbx_database_status.status_code_mr                  ? 
_pdbx_database_status.status_code_sf                  ? 
_pdbx_database_status.status_code_cs                  ? 
_pdbx_database_status.status_code_nmr_data            ? 
_pdbx_database_status.methods_development_category    ? 
# 
loop_
_audit_author.name 
_audit_author.pdbx_ordinal 
'Mo, Y.'          1 
'Vaessen, B.'     2 
'Johnston, K.'    3 
'Marmorstein, R.' 4 
# 
_citation.id                        primary 
_citation.title                     
;Structures of SAP-1 bound to DNA targets from the E74 and c-fos promoters: insights into DNA sequence discrimination by Ets proteins.
;
_citation.journal_abbrev            Mol.Cell 
_citation.journal_volume            2 
_citation.page_first                201 
_citation.page_last                 212 
_citation.year                      1998 
_citation.journal_id_ASTM           MOCEFL 
_citation.country                   US 
_citation.journal_id_ISSN           1097-2765 
_citation.journal_id_CSD            2168 
_citation.book_publisher            ? 
_citation.pdbx_database_id_PubMed   9734357 
_citation.pdbx_database_id_DOI      '10.1016/S1097-2765(00)80130-6' 
# 
loop_
_citation_author.citation_id 
_citation_author.name 
_citation_author.ordinal 
_citation_author.identifier_ORCID 
primary 'Mo, Y.'          1 ? 
primary 'Vaessen, B.'     2 ? 
primary 'Johnston, K.'    3 ? 
primary 'Marmorstein, R.' 4 ? 
# 
loop_
_entity.id 
_entity.type 
_entity.src_method 
_entity.pdbx_description 
_entity.formula_weight 
_entity.pdbx_number_of_molecules 
_entity.pdbx_ec 
_entity.pdbx_mutation 
_entity.pdbx_fragment 
_entity.details 
1 polymer     syn 
;DNA (5'-D(*TP*AP*CP*CP*GP*GP*AP*AP*GP*T)-3')
;
3069.029  1   ? ? ?                           ? 
2 polymer     syn 
;DNA (5'-D(*AP*AP*CP*TP*TP*CP*CP*GP*GP*T)-3')
;
3019.991  1   ? ? ?                           ? 
3 polymer     man 'PROTEIN (SAP-1 ETS DOMAIN)'                   11219.207 1   ? ? 'ETS DOMAIN, RESIDUES 1-93' ? 
4 non-polymer syn 'ZINC ION'                                     65.409    2   ? ? ?                           ? 
5 water       nat water                                          18.015    160 ? ? ?                           ? 
# 
loop_
_entity_name_com.entity_id 
_entity_name_com.name 
1 'E74 DNA FRAGMENT' 
2 'E74 DNA FRAGMENT' 
3 SAP-1              
# 
loop_
_entity_poly.entity_id 
_entity_poly.type 
_entity_poly.nstd_linkage 
_entity_poly.nstd_monomer 
_entity_poly.pdbx_seq_one_letter_code 
_entity_poly.pdbx_seq_one_letter_code_can 
_entity_poly.pdbx_strand_id 
_entity_poly.pdbx_target_identifier 
1 polydeoxyribonucleotide no no '(DT)(DA)(DC)(DC)(DG)(DG)(DA)(DA)(DG)(DT)'                                                       
TACCGGAAGT                                                                                       A ? 
2 polydeoxyribonucleotide no no '(DA)(DA)(DC)(DT)(DT)(DC)(DC)(DG)(DG)(DT)'                                                       
AACTTCCGGT                                                                                       B ? 
3 'polypeptide(L)'        no no 
;MDSAITLWQFLLQLLQKPQNKHMICWTSNDGQFKLLQAEEVARLWGIRKNKPNMNYDKLSRALRYYYVKNIIKKVNGQKF
VYKFVSYPEILNM
;
;MDSAITLWQFLLQLLQKPQNKHMICWTSNDGQFKLLQAEEVARLWGIRKNKPNMNYDKLSRALRYYYVKNIIKKVNGQKF
VYKFVSYPEILNM
;
C ? 
# 
loop_
_pdbx_entity_nonpoly.entity_id 
_pdbx_entity_nonpoly.name 
_pdbx_entity_nonpoly.comp_id 
4 'ZINC ION' ZN  
5 water      HOH 
# 
loop_
_entity_poly_seq.entity_id 
_entity_poly_seq.num 
_entity_poly_seq.mon_id 
_entity_poly_seq.hetero 
1 1  DT  n 
1 2  DA  n 
1 3  DC  n 
1 4  DC  n 
1 5  DG  n 
1 6  DG  n 
1 7  DA  n 
1 8  DA  n 
1 9  DG  n 
1 10 DT  n 
2 1  DA  n 
2 2  DA  n 
2 3  DC  n 
2 4  DT  n 
2 5  DT  n 
2 6  DC  n 
2 7  DC  n 
2 8  DG  n 
2 9  DG  n 
2 10 DT  n 
3 1  MET n 
3 2  ASP n 
3 3  SER n 
3 4  ALA n 
3 5  ILE n 
3 6  THR n 
3 7  LEU n 
3 8  TRP n 
3 9  GLN n 
3 10 PHE n 
3 11 LEU n 
3 12 LEU n 
3 13 GLN n 
3 14 LEU n 
3 15 LEU n 
3 16 GLN n 
3 17 LYS n 
3 18 PRO n 
3 19 GLN n 
3 20 ASN n 
3 21 LYS n 
3 22 HIS n 
3 23 MET n 
3 24 ILE n 
3 25 CYS n 
3 26 TRP n 
3 27 THR n 
3 28 SER n 
3 29 ASN n 
3 30 ASP n 
3 31 GLY n 
3 32 GLN n 
3 33 PHE n 
3 34 LYS n 
3 35 LEU n 
3 36 LEU n 
3 37 GLN n 
3 38 ALA n 
3 39 GLU n 
3 40 GLU n 
3 41 VAL n 
3 42 ALA n 
3 43 ARG n 
3 44 LEU n 
3 45 TRP n 
3 46 GLY n 
3 47 ILE n 
3 48 ARG n 
3 49 LYS n 
3 50 ASN n 
3 51 LYS n 
3 52 PRO n 
3 53 ASN n 
3 54 MET n 
3 55 ASN n 
3 56 TYR n 
3 57 ASP n 
3 58 LYS n 
3 59 LEU n 
3 60 SER n 
3 61 ARG n 
3 62 ALA n 
3 63 LEU n 
3 64 ARG n 
3 65 TYR n 
3 66 TYR n 
3 67 TYR n 
3 68 VAL n 
3 69 LYS n 
3 70 ASN n 
3 71 ILE n 
3 72 ILE n 
3 73 LYS n 
3 74 LYS n 
3 75 VAL n 
3 76 ASN n 
3 77 GLY n 
3 78 GLN n 
3 79 LYS n 
3 80 PHE n 
3 81 VAL n 
3 82 TYR n 
3 83 LYS n 
3 84 PHE n 
3 85 VAL n 
3 86 SER n 
3 87 TYR n 
3 88 PRO n 
3 89 GLU n 
3 90 ILE n 
3 91 LEU n 
3 92 ASN n 
3 93 MET n 
# 
_entity_src_gen.entity_id                          3 
_entity_src_gen.pdbx_src_id                        1 
_entity_src_gen.pdbx_alt_source_flag               sample 
_entity_src_gen.pdbx_seq_type                      ? 
_entity_src_gen.pdbx_beg_seq_num                   ? 
_entity_src_gen.pdbx_end_seq_num                   ? 
_entity_src_gen.gene_src_common_name               human 
_entity_src_gen.gene_src_genus                     Homo 
_entity_src_gen.pdbx_gene_src_gene                 'SAP-1 RESIDUES 1-93' 
_entity_src_gen.gene_src_species                   ? 
_entity_src_gen.gene_src_strain                    ? 
_entity_src_gen.gene_src_tissue                    ? 
_entity_src_gen.gene_src_tissue_fraction           ? 
_entity_src_gen.gene_src_details                   ? 
_entity_src_gen.pdbx_gene_src_fragment             ? 
_entity_src_gen.pdbx_gene_src_scientific_name      'Homo sapiens' 
_entity_src_gen.pdbx_gene_src_ncbi_taxonomy_id     9606 
_entity_src_gen.pdbx_gene_src_variant              ? 
_entity_src_gen.pdbx_gene_src_cell_line            ? 
_entity_src_gen.pdbx_gene_src_atcc                 ? 
_entity_src_gen.pdbx_gene_src_organ                ? 
_entity_src_gen.pdbx_gene_src_organelle            ? 
_entity_src_gen.pdbx_gene_src_cell                 ? 
_entity_src_gen.pdbx_gene_src_cellular_location    NUCLEUS 
_entity_src_gen.host_org_common_name               ? 
_entity_src_gen.pdbx_host_org_scientific_name      'Escherichia coli' 
_entity_src_gen.pdbx_host_org_ncbi_taxonomy_id     562 
_entity_src_gen.host_org_genus                     Escherichia 
_entity_src_gen.pdbx_host_org_gene                 ? 
_entity_src_gen.pdbx_host_org_organ                ? 
_entity_src_gen.host_org_species                   ? 
_entity_src_gen.pdbx_host_org_tissue               ? 
_entity_src_gen.pdbx_host_org_tissue_fraction      ? 
_entity_src_gen.pdbx_host_org_strain               'BL21(DE3)' 
_entity_src_gen.pdbx_host_org_variant              LYSS 
_entity_src_gen.pdbx_host_org_cell_line            ? 
_entity_src_gen.pdbx_host_org_atcc                 ? 
_entity_src_gen.pdbx_host_org_culture_collection   ? 
_entity_src_gen.pdbx_host_org_cell                 ? 
_entity_src_gen.pdbx_host_org_organelle            ? 
_entity_src_gen.pdbx_host_org_cellular_location    ? 
_entity_src_gen.pdbx_host_org_vector_type          BACTERIA 
_entity_src_gen.pdbx_host_org_vector               PRSETA 
_entity_src_gen.host_org_details                   ? 
_entity_src_gen.expression_system_id               ? 
_entity_src_gen.plasmid_name                       ? 
_entity_src_gen.plasmid_details                    ? 
_entity_src_gen.pdbx_description                   ? 
# 
loop_
_chem_comp.id 
_chem_comp.type 
_chem_comp.mon_nstd_flag 
_chem_comp.name 
_chem_comp.pdbx_synonyms 
_chem_comp.formula 
_chem_comp.formula_weight 
ALA 'L-peptide linking' y ALANINE                              ? 'C3 H7 N O2'      89.093  
ARG 'L-peptide linking' y ARGININE                             ? 'C6 H15 N4 O2 1'  175.209 
ASN 'L-peptide linking' y ASPARAGINE                           ? 'C4 H8 N2 O3'     132.118 
ASP 'L-peptide linking' y 'ASPARTIC ACID'                      ? 'C4 H7 N O4'      133.103 
CYS 'L-peptide linking' y CYSTEINE                             ? 'C3 H7 N O2 S'    121.158 
DA  'DNA linking'       y "2'-DEOXYADENOSINE-5'-MONOPHOSPHATE" ? 'C10 H14 N5 O6 P' 331.222 
DC  'DNA linking'       y "2'-DEOXYCYTIDINE-5'-MONOPHOSPHATE"  ? 'C9 H14 N3 O7 P'  307.197 
DG  'DNA linking'       y "2'-DEOXYGUANOSINE-5'-MONOPHOSPHATE" ? 'C10 H14 N5 O7 P' 347.221 
DT  'DNA linking'       y "THYMIDINE-5'-MONOPHOSPHATE"         ? 'C10 H15 N2 O8 P' 322.208 
GLN 'L-peptide linking' y GLUTAMINE                            ? 'C5 H10 N2 O3'    146.144 
GLU 'L-peptide linking' y 'GLUTAMIC ACID'                      ? 'C5 H9 N O4'      147.129 
GLY 'peptide linking'   y GLYCINE                              ? 'C2 H5 N O2'      75.067  
HIS 'L-peptide linking' y HISTIDINE                            ? 'C6 H10 N3 O2 1'  156.162 
HOH non-polymer         . WATER                                ? 'H2 O'            18.015  
ILE 'L-peptide linking' y ISOLEUCINE                           ? 'C6 H13 N O2'     131.173 
LEU 'L-peptide linking' y LEUCINE                              ? 'C6 H13 N O2'     131.173 
LYS 'L-peptide linking' y LYSINE                               ? 'C6 H15 N2 O2 1'  147.195 
MET 'L-peptide linking' y METHIONINE                           ? 'C5 H11 N O2 S'   149.211 
PHE 'L-peptide linking' y PHENYLALANINE                        ? 'C9 H11 N O2'     165.189 
PRO 'L-peptide linking' y PROLINE                              ? 'C5 H9 N O2'      115.130 
SER 'L-peptide linking' y SERINE                               ? 'C3 H7 N O3'      105.093 
THR 'L-peptide linking' y THREONINE                            ? 'C4 H9 N O3'      119.119 
TRP 'L-peptide linking' y TRYPTOPHAN                           ? 'C11 H12 N2 O2'   204.225 
TYR 'L-peptide linking' y TYROSINE                             ? 'C9 H11 N O3'     181.189 
VAL 'L-peptide linking' y VALINE                               ? 'C5 H11 N O2'     117.146 
ZN  non-polymer         . 'ZINC ION'                           ? 'Zn 2'            65.409  
# 
loop_
_pdbx_poly_seq_scheme.asym_id 
_pdbx_poly_seq_scheme.entity_id 
_pdbx_poly_seq_scheme.seq_id 
_pdbx_poly_seq_scheme.mon_id 
_pdbx_poly_seq_scheme.ndb_seq_num 
_pdbx_poly_seq_scheme.pdb_seq_num 
_pdbx_poly_seq_scheme.auth_seq_num 
_pdbx_poly_seq_scheme.pdb_mon_id 
_pdbx_poly_seq_scheme.auth_mon_id 
_pdbx_poly_seq_scheme.pdb_strand_id 
_pdbx_poly_seq_scheme.pdb_ins_code 
_pdbx_poly_seq_scheme.hetero 
A 1 1  DT  1  1  1  DT  T   A . n 
A 1 2  DA  2  2  2  DA  A   A . n 
A 1 3  DC  3  3  3  DC  C   A . n 
A 1 4  DC  4  4  4  DC  C   A . n 
A 1 5  DG  5  5  5  DG  G   A . n 
A 1 6  DG  6  6  6  DG  G   A . n 
A 1 7  DA  7  7  7  DA  A   A . n 
A 1 8  DA  8  8  8  DA  A   A . n 
A 1 9  DG  9  9  9  DG  G   A . n 
A 1 10 DT  10 10 10 DT  T   A . n 
B 2 1  DA  1  11 11 DA  A   B . n 
B 2 2  DA  2  12 12 DA  A   B . n 
B 2 3  DC  3  13 13 DC  C   B . n 
B 2 4  DT  4  14 14 DT  T   B . n 
B 2 5  DT  5  15 15 DT  T   B . n 
B 2 6  DC  6  16 16 DC  C   B . n 
B 2 7  DC  7  17 17 DC  C   B . n 
B 2 8  DG  8  18 18 DG  G   B . n 
B 2 9  DG  9  19 19 DG  G   B . n 
B 2 10 DT  10 20 20 DT  T   B . n 
C 3 1  MET 1  1  1  MET MET C . n 
C 3 2  ASP 2  2  2  ASP ASP C . n 
C 3 3  SER 3  3  3  SER SER C . n 
C 3 4  ALA 4  4  4  ALA ALA C . n 
C 3 5  ILE 5  5  5  ILE ILE C . n 
C 3 6  THR 6  6  6  THR THR C . n 
C 3 7  LEU 7  7  7  LEU LEU C . n 
C 3 8  TRP 8  8  8  TRP TRP C . n 
C 3 9  GLN 9  9  9  GLN GLN C . n 
C 3 10 PHE 10 10 10 PHE PHE C . n 
C 3 11 LEU 11 11 11 LEU LEU C . n 
C 3 12 LEU 12 12 12 LEU LEU C . n 
C 3 13 GLN 13 13 13 GLN GLN C . n 
C 3 14 LEU 14 14 14 LEU LEU C . n 
C 3 15 LEU 15 15 15 LEU LEU C . n 
C 3 16 GLN 16 16 16 GLN GLN C . n 
C 3 17 LYS 17 17 17 LYS LYS C . n 
C 3 18 PRO 18 18 18 PRO PRO C . n 
C 3 19 GLN 19 19 19 GLN GLN C . n 
C 3 20 ASN 20 20 20 ASN ASN C . n 
C 3 21 LYS 21 21 21 LYS LYS C . n 
C 3 22 HIS 22 22 22 HIS HIS C . n 
C 3 23 MET 23 23 23 MET MET C . n 
C 3 24 ILE 24 24 24 ILE ILE C . n 
C 3 25 CYS 25 25 25 CYS CYS C . n 
C 3 26 TRP 26 26 26 TRP TRP C . n 
C 3 27 THR 27 27 27 THR THR C . n 
C 3 28 SER 28 28 28 SER SER C . n 
C 3 29 ASN 29 29 29 ASN ASN C . n 
C 3 30 ASP 30 30 30 ASP ASP C . n 
C 3 31 GLY 31 31 31 GLY GLY C . n 
C 3 32 GLN 32 32 32 GLN GLN C . n 
C 3 33 PHE 33 33 33 PHE PHE C . n 
C 3 34 LYS 34 34 34 LYS LYS C . n 
C 3 35 LEU 35 35 35 LEU LEU C . n 
C 3 36 LEU 36 36 36 LEU LEU C . n 
C 3 37 GLN 37 37 37 GLN GLN C . n 
C 3 38 ALA 38 38 38 ALA ALA C . n 
C 3 39 GLU 39 39 39 GLU GLU C . n 
C 3 40 GLU 40 40 40 GLU GLU C . n 
C 3 41 VAL 41 41 41 VAL VAL C . n 
C 3 42 ALA 42 42 42 ALA ALA C . n 
C 3 43 ARG 43 43 43 ARG ARG C . n 
C 3 44 LEU 44 44 44 LEU LEU C . n 
C 3 45 TRP 45 45 45 TRP TRP C . n 
C 3 46 GLY 46 46 46 GLY GLY C . n 
C 3 47 ILE 47 47 47 ILE ILE C . n 
C 3 48 ARG 48 48 48 ARG ARG C . n 
C 3 49 LYS 49 49 49 LYS LYS C . n 
C 3 50 ASN 50 50 50 ASN ASN C . n 
C 3 51 LYS 51 51 51 LYS LYS C . n 
C 3 52 PRO 52 52 52 PRO PRO C . n 
C 3 53 ASN 53 53 53 ASN ASN C . n 
C 3 54 MET 54 54 54 MET MET C . n 
C 3 55 ASN 55 55 55 ASN ASN C . n 
C 3 56 TYR 56 56 56 TYR TYR C . n 
C 3 57 ASP 57 57 57 ASP ASP C . n 
C 3 58 LYS 58 58 58 LYS LYS C . n 
C 3 59 LEU 59 59 59 LEU LEU C . n 
C 3 60 SER 60 60 60 SER SER C . n 
C 3 61 ARG 61 61 61 ARG ARG C . n 
C 3 62 ALA 62 62 62 ALA ALA C . n 
C 3 63 LEU 63 63 63 LEU LEU C . n 
C 3 64 ARG 64 64 64 ARG ARG C . n 
C 3 65 TYR 65 65 65 TYR TYR C . n 
C 3 66 TYR 66 66 66 TYR TYR C . n 
C 3 67 TYR 67 67 67 TYR TYR C . n 
C 3 68 VAL 68 68 68 VAL VAL C . n 
C 3 69 LYS 69 69 69 LYS LYS C . n 
C 3 70 ASN 70 70 70 ASN ASN C . n 
C 3 71 ILE 71 71 71 ILE ILE C . n 
C 3 72 ILE 72 72 72 ILE ILE C . n 
C 3 73 LYS 73 73 73 LYS LYS C . n 
C 3 74 LYS 74 74 74 LYS LYS C . n 
C 3 75 VAL 75 75 75 VAL VAL C . n 
C 3 76 ASN 76 76 76 ASN ASN C . n 
C 3 77 GLY 77 77 77 GLY GLY C . n 
C 3 78 GLN 78 78 78 GLN GLN C . n 
C 3 79 LYS 79 79 79 LYS LYS C . n 
C 3 80 PHE 80 80 80 PHE PHE C . n 
C 3 81 VAL 81 81 81 VAL VAL C . n 
C 3 82 TYR 82 82 82 TYR TYR C . n 
C 3 83 LYS 83 83 83 LYS LYS C . n 
C 3 84 PHE 84 84 84 PHE PHE C . n 
C 3 85 VAL 85 85 85 VAL VAL C . n 
C 3 86 SER 86 86 86 SER SER C . n 
C 3 87 TYR 87 87 87 TYR TYR C . n 
C 3 88 PRO 88 88 88 PRO PRO C . n 
C 3 89 GLU 89 89 89 GLU GLU C . n 
C 3 90 ILE 90 90 90 ILE ILE C . n 
C 3 91 LEU 91 91 91 LEU LEU C . n 
C 3 92 ASN 92 92 92 ASN ASN C . n 
C 3 93 MET 93 93 93 MET MET C . n 
# 
loop_
_pdbx_nonpoly_scheme.asym_id 
_pdbx_nonpoly_scheme.entity_id 
_pdbx_nonpoly_scheme.mon_id 
_pdbx_nonpoly_scheme.ndb_seq_num 
_pdbx_nonpoly_scheme.pdb_seq_num 
_pdbx_nonpoly_scheme.auth_seq_num 
_pdbx_nonpoly_scheme.pdb_mon_id 
_pdbx_nonpoly_scheme.auth_mon_id 
_pdbx_nonpoly_scheme.pdb_strand_id 
_pdbx_nonpoly_scheme.pdb_ins_code 
D 4 ZN  1  2   2   ZN  ZN  B . 
E 4 ZN  1  94  1   ZN  ZN  C . 
F 5 HOH 1  19  19  HOH HOH A . 
F 5 HOH 2  20  20  HOH HOH A . 
F 5 HOH 3  21  21  HOH HOH A . 
F 5 HOH 4  23  23  HOH HOH A . 
F 5 HOH 5  24  24  HOH HOH A . 
F 5 HOH 6  25  25  HOH HOH A . 
F 5 HOH 7  26  26  HOH HOH A . 
F 5 HOH 8  47  47  HOH HOH A . 
F 5 HOH 9  48  48  HOH HOH A . 
F 5 HOH 10 50  50  HOH HOH A . 
F 5 HOH 11 51  51  HOH HOH A . 
F 5 HOH 12 52  52  HOH HOH A . 
F 5 HOH 13 53  53  HOH HOH A . 
F 5 HOH 14 57  57  HOH HOH A . 
F 5 HOH 15 58  58  HOH HOH A . 
F 5 HOH 16 59  59  HOH HOH A . 
F 5 HOH 17 60  60  HOH HOH A . 
F 5 HOH 18 71  71  HOH HOH A . 
F 5 HOH 19 72  72  HOH HOH A . 
F 5 HOH 20 73  73  HOH HOH A . 
F 5 HOH 21 74  74  HOH HOH A . 
F 5 HOH 22 77  77  HOH HOH A . 
F 5 HOH 23 84  84  HOH HOH A . 
F 5 HOH 24 92  92  HOH HOH A . 
F 5 HOH 25 93  93  HOH HOH A . 
F 5 HOH 26 95  95  HOH HOH A . 
F 5 HOH 27 100 100 HOH HOH A . 
F 5 HOH 28 102 102 HOH HOH A . 
F 5 HOH 29 103 103 HOH HOH A . 
F 5 HOH 30 107 107 HOH HOH A . 
F 5 HOH 31 109 109 HOH HOH A . 
F 5 HOH 32 110 110 HOH HOH A . 
F 5 HOH 33 112 112 HOH HOH A . 
F 5 HOH 34 115 115 HOH HOH A . 
F 5 HOH 35 133 133 HOH HOH A . 
F 5 HOH 36 134 134 HOH HOH A . 
F 5 HOH 37 145 145 HOH HOH A . 
F 5 HOH 38 146 146 HOH HOH A . 
F 5 HOH 39 147 147 HOH HOH A . 
F 5 HOH 40 156 156 HOH HOH A . 
G 5 HOH 1  8   8   HOH HOH B . 
G 5 HOH 2  9   9   HOH HOH B . 
G 5 HOH 3  10  10  HOH HOH B . 
G 5 HOH 4  27  27  HOH HOH B . 
G 5 HOH 5  28  28  HOH HOH B . 
G 5 HOH 6  29  29  HOH HOH B . 
G 5 HOH 7  30  30  HOH HOH B . 
G 5 HOH 8  32  32  HOH HOH B . 
G 5 HOH 9  54  54  HOH HOH B . 
G 5 HOH 10 62  62  HOH HOH B . 
G 5 HOH 11 63  63  HOH HOH B . 
G 5 HOH 12 68  68  HOH HOH B . 
G 5 HOH 13 70  70  HOH HOH B . 
G 5 HOH 14 76  76  HOH HOH B . 
G 5 HOH 15 80  80  HOH HOH B . 
G 5 HOH 16 81  81  HOH HOH B . 
G 5 HOH 17 82  82  HOH HOH B . 
G 5 HOH 18 83  83  HOH HOH B . 
G 5 HOH 19 90  90  HOH HOH B . 
G 5 HOH 20 98  98  HOH HOH B . 
G 5 HOH 21 99  99  HOH HOH B . 
G 5 HOH 22 101 101 HOH HOH B . 
G 5 HOH 23 113 113 HOH HOH B . 
G 5 HOH 24 114 114 HOH HOH B . 
G 5 HOH 25 131 131 HOH HOH B . 
G 5 HOH 26 132 132 HOH HOH B . 
G 5 HOH 27 135 135 HOH HOH B . 
G 5 HOH 28 136 136 HOH HOH B . 
G 5 HOH 29 137 137 HOH HOH B . 
G 5 HOH 30 138 138 HOH HOH B . 
G 5 HOH 31 139 139 HOH HOH B . 
G 5 HOH 32 152 152 HOH HOH B . 
G 5 HOH 33 153 153 HOH HOH B . 
G 5 HOH 34 154 154 HOH HOH B . 
G 5 HOH 35 155 155 HOH HOH B . 
G 5 HOH 36 157 157 HOH HOH B . 
G 5 HOH 37 158 158 HOH HOH B . 
G 5 HOH 38 159 159 HOH HOH B . 
H 5 HOH 1  95  3   HOH HOH C . 
H 5 HOH 2  96  4   HOH HOH C . 
H 5 HOH 3  97  5   HOH HOH C . 
H 5 HOH 4  98  6   HOH HOH C . 
H 5 HOH 5  99  7   HOH HOH C . 
H 5 HOH 6  100 11  HOH HOH C . 
H 5 HOH 7  101 12  HOH HOH C . 
H 5 HOH 8  102 13  HOH HOH C . 
H 5 HOH 9  103 14  HOH HOH C . 
H 5 HOH 10 104 15  HOH HOH C . 
H 5 HOH 11 105 16  HOH HOH C . 
H 5 HOH 12 106 17  HOH HOH C . 
H 5 HOH 13 107 18  HOH HOH C . 
H 5 HOH 14 108 22  HOH HOH C . 
H 5 HOH 15 109 31  HOH HOH C . 
H 5 HOH 16 110 33  HOH HOH C . 
H 5 HOH 17 111 34  HOH HOH C . 
H 5 HOH 18 112 35  HOH HOH C . 
H 5 HOH 19 113 36  HOH HOH C . 
H 5 HOH 20 114 37  HOH HOH C . 
H 5 HOH 21 115 38  HOH HOH C . 
H 5 HOH 22 116 39  HOH HOH C . 
H 5 HOH 23 117 40  HOH HOH C . 
H 5 HOH 24 118 41  HOH HOH C . 
H 5 HOH 25 119 42  HOH HOH C . 
H 5 HOH 26 120 43  HOH HOH C . 
H 5 HOH 27 121 44  HOH HOH C . 
H 5 HOH 28 122 45  HOH HOH C . 
H 5 HOH 29 123 46  HOH HOH C . 
H 5 HOH 30 124 49  HOH HOH C . 
H 5 HOH 31 125 55  HOH HOH C . 
H 5 HOH 32 126 56  HOH HOH C . 
H 5 HOH 33 127 61  HOH HOH C . 
H 5 HOH 34 128 64  HOH HOH C . 
H 5 HOH 35 129 65  HOH HOH C . 
H 5 HOH 36 130 66  HOH HOH C . 
H 5 HOH 37 131 67  HOH HOH C . 
H 5 HOH 38 132 69  HOH HOH C . 
H 5 HOH 39 133 75  HOH HOH C . 
H 5 HOH 40 134 78  HOH HOH C . 
H 5 HOH 41 135 79  HOH HOH C . 
H 5 HOH 42 136 85  HOH HOH C . 
H 5 HOH 43 137 86  HOH HOH C . 
H 5 HOH 44 138 87  HOH HOH C . 
H 5 HOH 45 139 88  HOH HOH C . 
H 5 HOH 46 140 89  HOH HOH C . 
H 5 HOH 47 141 91  HOH HOH C . 
H 5 HOH 48 142 94  HOH HOH C . 
H 5 HOH 49 143 96  HOH HOH C . 
H 5 HOH 50 144 97  HOH HOH C . 
H 5 HOH 51 145 104 HOH HOH C . 
H 5 HOH 52 146 105 HOH HOH C . 
H 5 HOH 53 147 106 HOH HOH C . 
H 5 HOH 54 148 108 HOH HOH C . 
H 5 HOH 55 149 111 HOH HOH C . 
H 5 HOH 56 150 116 HOH HOH C . 
H 5 HOH 57 151 117 HOH HOH C . 
H 5 HOH 58 152 118 HOH HOH C . 
H 5 HOH 59 153 119 HOH HOH C . 
H 5 HOH 60 154 120 HOH HOH C . 
H 5 HOH 61 155 121 HOH HOH C . 
H 5 HOH 62 156 122 HOH HOH C . 
H 5 HOH 63 157 123 HOH HOH C . 
H 5 HOH 64 158 124 HOH HOH C . 
H 5 HOH 65 159 125 HOH HOH C . 
H 5 HOH 66 160 126 HOH HOH C . 
H 5 HOH 67 161 127 HOH HOH C . 
H 5 HOH 68 162 128 HOH HOH C . 
H 5 HOH 69 163 129 HOH HOH C . 
H 5 HOH 70 164 130 HOH HOH C . 
H 5 HOH 71 165 140 HOH HOH C . 
H 5 HOH 72 166 141 HOH HOH C . 
H 5 HOH 73 167 142 HOH HOH C . 
H 5 HOH 74 168 143 HOH HOH C . 
H 5 HOH 75 169 144 HOH HOH C . 
H 5 HOH 76 170 148 HOH HOH C . 
H 5 HOH 77 171 149 HOH HOH C . 
H 5 HOH 78 172 150 HOH HOH C . 
H 5 HOH 79 173 151 HOH HOH C . 
H 5 HOH 80 174 160 HOH HOH C . 
H 5 HOH 81 175 161 HOH HOH C . 
H 5 HOH 82 176 162 HOH HOH C . 
# 
loop_
_software.name 
_software.classification 
_software.version 
_software.citation_id 
_software.pdbx_ordinal 
PHASES    phasing          .     ? 1 
X-PLOR    refinement       3.851 ? 2 
DENZO     'data reduction' .     ? 3 
SCALEPACK 'data scaling'   .     ? 4 
# 
_cell.entry_id           1BC8 
_cell.length_a           31.590 
_cell.length_b           55.670 
_cell.length_c           44.230 
_cell.angle_alpha        90.00 
_cell.angle_beta         107.16 
_cell.angle_gamma        90.00 
_cell.Z_PDB              2 
_cell.pdbx_unique_axis   ? 
# 
_symmetry.entry_id                         1BC8 
_symmetry.space_group_name_H-M             'P 1 21 1' 
_symmetry.pdbx_full_space_group_name_H-M   ? 
_symmetry.cell_setting                     monoclinic 
_symmetry.Int_Tables_number                4 
# 
_exptl.entry_id          1BC8 
_exptl.method            'X-RAY DIFFRACTION' 
_exptl.crystals_number   1 
# 
_exptl_crystal.id                    1 
_exptl_crystal.density_meas          ? 
_exptl_crystal.density_Matthews      2.13 
_exptl_crystal.density_percent_sol   42.2 
_exptl_crystal.description           ? 
# 
_exptl_crystal_grow.crystal_id      1 
_exptl_crystal_grow.method          ? 
_exptl_crystal_grow.temp            ? 
_exptl_crystal_grow.temp_details    ? 
_exptl_crystal_grow.pH              6.0 
_exptl_crystal_grow.pdbx_details    '50 MM NA CACODYLATE (PH 6.0), 5.0% PEG8000, 20 MM ZINC ACETATE' 
_exptl_crystal_grow.pdbx_pH_range   ? 
# 
loop_
_exptl_crystal_grow_comp.crystal_id 
_exptl_crystal_grow_comp.id 
_exptl_crystal_grow_comp.sol_id 
_exptl_crystal_grow_comp.name 
_exptl_crystal_grow_comp.volume 
_exptl_crystal_grow_comp.conc 
_exptl_crystal_grow_comp.details 
1 1 1 'SODIUM CACODYLATE' ? ? ? 
1 2 1 'PEG 8000'          ? ? ? 
1 3 1 'ZINC ACETATE'      ? ? ? 
1 4 2 'PEG 8000'          ? ? ? 
# 
_diffrn.id                     1 
_diffrn.ambient_temp           110 
_diffrn.ambient_temp_details   ? 
_diffrn.crystal_id             1 
# 
_diffrn_detector.diffrn_id              1 
_diffrn_detector.detector               'IMAGE PLATE' 
_diffrn_detector.type                   MARRESEARCH 
_diffrn_detector.pdbx_collection_date   1997-12-15 
_diffrn_detector.details                MIRRORS 
# 
_diffrn_radiation.diffrn_id                        1 
_diffrn_radiation.wavelength_id                    1 
_diffrn_radiation.pdbx_monochromatic_or_laue_m_l   M 
_diffrn_radiation.monochromator                    'NI FILTER' 
_diffrn_radiation.pdbx_diffrn_protocol             'SINGLE WAVELENGTH' 
_diffrn_radiation.pdbx_scattering_type             x-ray 
# 
_diffrn_radiation_wavelength.id           1 
_diffrn_radiation_wavelength.wavelength   1.5418 
_diffrn_radiation_wavelength.wt           1.0 
# 
_diffrn_source.diffrn_id                   1 
_diffrn_source.source                      'ROTATING ANODE' 
_diffrn_source.type                        'RIGAKU RU200' 
_diffrn_source.pdbx_synchrotron_site       ? 
_diffrn_source.pdbx_synchrotron_beamline   ? 
_diffrn_source.pdbx_wavelength             1.5418 
_diffrn_source.pdbx_wavelength_list        ? 
# 
_reflns.entry_id                     1BC8 
_reflns.observed_criterion_sigma_I   ? 
_reflns.observed_criterion_sigma_F   ? 
_reflns.d_resolution_low             28.9 
_reflns.d_resolution_high            1.93 
_reflns.number_obs                   10728 
_reflns.number_all                   ? 
_reflns.percent_possible_obs         96.7 
_reflns.pdbx_Rmerge_I_obs            0.0710000 
_reflns.pdbx_Rsym_value              ? 
_reflns.pdbx_netI_over_sigmaI        15.0 
_reflns.B_iso_Wilson_estimate        14.8 
_reflns.pdbx_redundancy              7.1 
_reflns.pdbx_diffrn_id               1 
_reflns.pdbx_ordinal                 1 
# 
_reflns_shell.d_res_high             1.93 
_reflns_shell.d_res_low              2.02 
_reflns_shell.percent_possible_all   91.7 
_reflns_shell.Rmerge_I_obs           0.1410000 
_reflns_shell.pdbx_Rsym_value        ? 
_reflns_shell.meanI_over_sigI_obs    ? 
_reflns_shell.pdbx_redundancy        ? 
_reflns_shell.pdbx_diffrn_id         ? 
_reflns_shell.pdbx_ordinal           1 
# 
_refine.entry_id                                 1BC8 
_refine.ls_number_reflns_obs                     10700 
_refine.ls_number_reflns_all                     ? 
_refine.pdbx_ls_sigma_I                          ? 
_refine.pdbx_ls_sigma_F                          2.0 
_refine.pdbx_data_cutoff_high_absF               1000000.00 
_refine.pdbx_data_cutoff_low_absF                0.001 
_refine.pdbx_data_cutoff_high_rms_absF           ? 
_refine.ls_d_res_low                             28.9 
_refine.ls_d_res_high                            1.93 
_refine.ls_percent_reflns_obs                    96.4 
_refine.ls_R_factor_obs                          0.2200000 
_refine.ls_R_factor_all                          ? 
_refine.ls_R_factor_R_work                       0.2200000 
_refine.ls_R_factor_R_free                       0.2770000 
_refine.ls_R_factor_R_free_error                 ? 
_refine.ls_R_factor_R_free_error_details         ? 
_refine.ls_percent_reflns_R_free                 10.1 
_refine.ls_number_reflns_R_free                  ? 
_refine.ls_number_parameters                     ? 
_refine.ls_number_restraints                     ? 
_refine.occupancy_min                            ? 
_refine.occupancy_max                            ? 
_refine.B_iso_mean                               17.0 
_refine.aniso_B[1][1]                            ? 
_refine.aniso_B[2][2]                            ? 
_refine.aniso_B[3][3]                            ? 
_refine.aniso_B[1][2]                            ? 
_refine.aniso_B[1][3]                            ? 
_refine.aniso_B[2][3]                            ? 
_refine.solvent_model_details                    ? 
_refine.solvent_model_param_ksol                 ? 
_refine.solvent_model_param_bsol                 ? 
_refine.pdbx_ls_cross_valid_method               THROUGHOUT 
_refine.details                                  ? 
_refine.pdbx_starting_model                      ? 
_refine.pdbx_method_to_determine_struct          'MULTIPLE ISOMORPHOUS REPLACEMENT' 
_refine.pdbx_isotropic_thermal_model             RESTRAINED 
_refine.pdbx_stereochemistry_target_values       ? 
_refine.pdbx_stereochem_target_val_spec_case     ? 
_refine.pdbx_R_Free_selection_details            RANDOM 
_refine.pdbx_overall_ESU_R                       ? 
_refine.pdbx_overall_ESU_R_Free                  ? 
_refine.overall_SU_ML                            ? 
_refine.overall_SU_B                             ? 
_refine.pdbx_refine_id                           'X-RAY DIFFRACTION' 
_refine.pdbx_diffrn_id                           1 
_refine.pdbx_TLS_residual_ADP_flag               ? 
_refine.correlation_coeff_Fo_to_Fc               ? 
_refine.correlation_coeff_Fo_to_Fc_free          ? 
_refine.pdbx_solvent_vdw_probe_radii             ? 
_refine.pdbx_solvent_ion_probe_radii             ? 
_refine.pdbx_solvent_shrinkage_radii             ? 
_refine.pdbx_overall_phase_error                 ? 
_refine.overall_SU_R_Cruickshank_DPI             ? 
_refine.pdbx_overall_SU_R_free_Cruickshank_DPI   ? 
_refine.pdbx_overall_SU_R_Blow_DPI               ? 
_refine.pdbx_overall_SU_R_free_Blow_DPI          ? 
# 
_refine_analyze.entry_id                        1BC8 
_refine_analyze.Luzzati_coordinate_error_obs    0.25 
_refine_analyze.Luzzati_sigma_a_obs             0.26 
_refine_analyze.Luzzati_d_res_low_obs           5.00 
_refine_analyze.Luzzati_coordinate_error_free   0.32 
_refine_analyze.Luzzati_sigma_a_free            0.29 
_refine_analyze.Luzzati_d_res_low_free          ? 
_refine_analyze.number_disordered_residues      ? 
_refine_analyze.occupancy_sum_hydrogen          ? 
_refine_analyze.occupancy_sum_non_hydrogen      ? 
_refine_analyze.pdbx_refine_id                  'X-RAY DIFFRACTION' 
# 
_refine_hist.pdbx_refine_id                   'X-RAY DIFFRACTION' 
_refine_hist.cycle_id                         LAST 
_refine_hist.pdbx_number_atoms_protein        790 
_refine_hist.pdbx_number_atoms_nucleic_acid   404 
_refine_hist.pdbx_number_atoms_ligand         2 
_refine_hist.number_atoms_solvent             160 
_refine_hist.number_atoms_total               1356 
_refine_hist.d_res_high                       1.93 
_refine_hist.d_res_low                        28.9 
# 
loop_
_refine_ls_restr.type 
_refine_ls_restr.dev_ideal 
_refine_ls_restr.dev_ideal_target 
_refine_ls_restr.weight 
_refine_ls_restr.number 
_refine_ls_restr.pdbx_refine_id 
_refine_ls_restr.pdbx_restraint_function 
x_bond_d                0.007 ? ? ? 'X-RAY DIFFRACTION' ? 
x_bond_d_na             ?     ? ? ? 'X-RAY DIFFRACTION' ? 
x_bond_d_prot           ?     ? ? ? 'X-RAY DIFFRACTION' ? 
x_angle_d               ?     ? ? ? 'X-RAY DIFFRACTION' ? 
x_angle_d_na            ?     ? ? ? 'X-RAY DIFFRACTION' ? 
x_angle_d_prot          ?     ? ? ? 'X-RAY DIFFRACTION' ? 
x_angle_deg             1.19  ? ? ? 'X-RAY DIFFRACTION' ? 
x_angle_deg_na          ?     ? ? ? 'X-RAY DIFFRACTION' ? 
x_angle_deg_prot        ?     ? ? ? 'X-RAY DIFFRACTION' ? 
x_dihedral_angle_d      23.0  ? ? ? 'X-RAY DIFFRACTION' ? 
x_dihedral_angle_d_na   ?     ? ? ? 'X-RAY DIFFRACTION' ? 
x_dihedral_angle_d_prot ?     ? ? ? 'X-RAY DIFFRACTION' ? 
x_improper_angle_d      1.14  ? ? ? 'X-RAY DIFFRACTION' ? 
x_improper_angle_d_na   ?     ? ? ? 'X-RAY DIFFRACTION' ? 
x_improper_angle_d_prot ?     ? ? ? 'X-RAY DIFFRACTION' ? 
x_mcbond_it             ?     ? ? ? 'X-RAY DIFFRACTION' ? 
x_mcangle_it            ?     ? ? ? 'X-RAY DIFFRACTION' ? 
x_scbond_it             ?     ? ? ? 'X-RAY DIFFRACTION' ? 
x_scangle_it            ?     ? ? ? 'X-RAY DIFFRACTION' ? 
# 
_refine_ls_shell.pdbx_total_number_of_bins_used   8 
_refine_ls_shell.d_res_high                       1.93 
_refine_ls_shell.d_res_low                        2.02 
_refine_ls_shell.number_reflns_R_work             1129 
_refine_ls_shell.R_factor_R_work                  0.3144000 
_refine_ls_shell.percent_reflns_obs               91.2 
_refine_ls_shell.R_factor_R_free                  0.3956000 
_refine_ls_shell.R_factor_R_free_error            ? 
_refine_ls_shell.percent_reflns_R_free            8.5 
_refine_ls_shell.number_reflns_R_free             ? 
_refine_ls_shell.pdbx_refine_id                   'X-RAY DIFFRACTION' 
_refine_ls_shell.number_reflns_all                ? 
_refine_ls_shell.R_factor_all                     ? 
# 
loop_
_pdbx_xplor_file.serial_no 
_pdbx_xplor_file.param_file 
_pdbx_xplor_file.topol_file 
_pdbx_xplor_file.pdbx_refine_id 
1 PROTEIN_REP.PARAM TOPHCSDX.PRO 'X-RAY DIFFRACTION' 
2 DNA-RNA.PARAM     DNA-RNA.TOP  'X-RAY DIFFRACTION' 
3 ?                 TOPH11.WAT   'X-RAY DIFFRACTION' 
# 
_struct.entry_id                  1BC8 
_struct.title                     
;STRUCTURES OF SAP-1 BOUND TO DNA SEQUENCES FROM THE E74 AND C-FOS PROMOTERS PROVIDE INSIGHTS INTO HOW ETS PROTEINS DISCRIMINATE BETWEEN RELATED DNA TARGETS
;
_struct.pdbx_model_details        ? 
_struct.pdbx_CASP_flag            ? 
_struct.pdbx_model_type_details   ? 
# 
_struct_keywords.entry_id        1BC8 
_struct_keywords.pdbx_keywords   TRANSCRIPTION/DNA 
_struct_keywords.text            
'ETS DOMAIN, DNA-BINDING DOMAIN, WINGED HELIX-TURN-HELIX, DNA-BINDING SPECIFICITY, TRANSCRIPTION-DNA COMPLEX' 
# 
loop_
_struct_asym.id 
_struct_asym.pdbx_blank_PDB_chainid_flag 
_struct_asym.pdbx_modified 
_struct_asym.entity_id 
_struct_asym.details 
A N N 1 ? 
B N N 2 ? 
C N N 3 ? 
D N N 4 ? 
E N N 4 ? 
F N N 5 ? 
G N N 5 ? 
H N N 5 ? 
# 
loop_
_struct_ref.id 
_struct_ref.db_name 
_struct_ref.db_code 
_struct_ref.entity_id 
_struct_ref.pdbx_seq_one_letter_code 
_struct_ref.pdbx_align_begin 
_struct_ref.pdbx_db_accession 
_struct_ref.pdbx_db_isoform 
1 UNP ELK4_HUMAN 3 ? ? P28324 ? 
2 PDB 1BC8       1 ? ? 1BC8   ? 
3 PDB 1BC8       2 ? ? 1BC8   ? 
# 
loop_
_struct_ref_seq.align_id 
_struct_ref_seq.ref_id 
_struct_ref_seq.pdbx_PDB_id_code 
_struct_ref_seq.pdbx_strand_id 
_struct_ref_seq.seq_align_beg 
_struct_ref_seq.pdbx_seq_align_beg_ins_code 
_struct_ref_seq.seq_align_end 
_struct_ref_seq.pdbx_seq_align_end_ins_code 
_struct_ref_seq.pdbx_db_accession 
_struct_ref_seq.db_align_beg 
_struct_ref_seq.pdbx_db_align_beg_ins_code 
_struct_ref_seq.db_align_end 
_struct_ref_seq.pdbx_db_align_end_ins_code 
_struct_ref_seq.pdbx_auth_seq_align_beg 
_struct_ref_seq.pdbx_auth_seq_align_end 
1 1 1BC8 C 1 ? 93 ? P28324 1  ? 93 ? 1  93 
2 2 1BC8 A 1 ? 10 ? 1BC8   1  ? 10 ? 1  10 
3 3 1BC8 B 1 ? 10 ? 1BC8   11 ? 20 ? 11 20 
# 
_pdbx_struct_assembly.id                   1 
_pdbx_struct_assembly.details              author_defined_assembly 
_pdbx_struct_assembly.method_details       ? 
_pdbx_struct_assembly.oligomeric_details   trimeric 
_pdbx_struct_assembly.oligomeric_count     3 
# 
_pdbx_struct_assembly_gen.assembly_id       1 
_pdbx_struct_assembly_gen.oper_expression   1 
_pdbx_struct_assembly_gen.asym_id_list      A,B,C,D,E,F,G,H 
# 
_pdbx_struct_oper_list.id                   1 
_pdbx_struct_oper_list.type                 'identity operation' 
_pdbx_struct_oper_list.name                 1_555 
_pdbx_struct_oper_list.symmetry_operation   x,y,z 
_pdbx_struct_oper_list.matrix[1][1]         1.0000000000 
_pdbx_struct_oper_list.matrix[1][2]         0.0000000000 
_pdbx_struct_oper_list.matrix[1][3]         0.0000000000 
_pdbx_struct_oper_list.vector[1]            0.0000000000 
_pdbx_struct_oper_list.matrix[2][1]         0.0000000000 
_pdbx_struct_oper_list.matrix[2][2]         1.0000000000 
_pdbx_struct_oper_list.matrix[2][3]         0.0000000000 
_pdbx_struct_oper_list.vector[2]            0.0000000000 
_pdbx_struct_oper_list.matrix[3][1]         0.0000000000 
_pdbx_struct_oper_list.matrix[3][2]         0.0000000000 
_pdbx_struct_oper_list.matrix[3][3]         1.0000000000 
_pdbx_struct_oper_list.vector[3]            0.0000000000 
# 
_struct_biol.id   1 
# 
loop_
_struct_conf.conf_type_id 
_struct_conf.id 
_struct_conf.pdbx_PDB_helix_id 
_struct_conf.beg_label_comp_id 
_struct_conf.beg_label_asym_id 
_struct_conf.beg_label_seq_id 
_struct_conf.pdbx_beg_PDB_ins_code 
_struct_conf.end_label_comp_id 
_struct_conf.end_label_asym_id 
_struct_conf.end_label_seq_id 
_struct_conf.pdbx_end_PDB_ins_code 
_struct_conf.beg_auth_comp_id 
_struct_conf.beg_auth_asym_id 
_struct_conf.beg_auth_seq_id 
_struct_conf.end_auth_comp_id 
_struct_conf.end_auth_asym_id 
_struct_conf.end_auth_seq_id 
_struct_conf.pdbx_PDB_helix_class 
_struct_conf.details 
_struct_conf.pdbx_PDB_helix_length 
HELX_P HELX_P1 H1  THR C 6  ? LEU C 15 ? THR C 6  LEU C 15 1 ? 10 
HELX_P HELX_P2 H2  GLN C 37 ? ASN C 50 ? GLN C 37 ASN C 50 1 ? 14 
HELX_P HELX_P3 H3  ASN C 55 ? ASN C 70 ? ASN C 55 ASN C 70 1 ? 16 
HELX_P HELX_P4 3-1 GLN C 16 ? LYS C 21 ? GLN C 16 LYS C 21 5 ? 6  
HELX_P HELX_P5 3-2 PRO C 88 ? ASN C 92 ? PRO C 88 ASN C 92 5 ? 5  
# 
_struct_conf_type.id          HELX_P 
_struct_conf_type.criteria    ? 
_struct_conf_type.reference   ? 
# 
loop_
_struct_conn.id 
_struct_conn.conn_type_id 
_struct_conn.pdbx_leaving_atom_flag 
_struct_conn.pdbx_PDB_id 
_struct_conn.ptnr1_label_asym_id 
_struct_conn.ptnr1_label_comp_id 
_struct_conn.ptnr1_label_seq_id 
_struct_conn.ptnr1_label_atom_id 
_struct_conn.pdbx_ptnr1_label_alt_id 
_struct_conn.pdbx_ptnr1_PDB_ins_code 
_struct_conn.pdbx_ptnr1_standard_comp_id 
_struct_conn.ptnr1_symmetry 
_struct_conn.ptnr2_label_asym_id 
_struct_conn.ptnr2_label_comp_id 
_struct_conn.ptnr2_label_seq_id 
_struct_conn.ptnr2_label_atom_id 
_struct_conn.pdbx_ptnr2_label_alt_id 
_struct_conn.pdbx_ptnr2_PDB_ins_code 
_struct_conn.ptnr1_auth_asym_id 
_struct_conn.ptnr1_auth_comp_id 
_struct_conn.ptnr1_auth_seq_id 
_struct_conn.ptnr2_auth_asym_id 
_struct_conn.ptnr2_auth_comp_id 
_struct_conn.ptnr2_auth_seq_id 
_struct_conn.ptnr2_symmetry 
_struct_conn.pdbx_ptnr3_label_atom_id 
_struct_conn.pdbx_ptnr3_label_seq_id 
_struct_conn.pdbx_ptnr3_label_comp_id 
_struct_conn.pdbx_ptnr3_label_asym_id 
_struct_conn.pdbx_ptnr3_label_alt_id 
_struct_conn.pdbx_ptnr3_PDB_ins_code 
_struct_conn.details 
_struct_conn.pdbx_dist_value 
_struct_conn.pdbx_value_order 
_struct_conn.pdbx_role 
metalc1  metalc ? ? D ZN  .  ZN  ? ? ? 1_555 B DG  8  N7 ? ? B ZN  2  B DG  18  1_555 ? ? ? ? ? ? ?            2.172 ? ? 
metalc2  metalc ? ? D ZN  .  ZN  ? ? ? 1_555 G HOH .  O  ? ? B ZN  2  B HOH 54  1_555 ? ? ? ? ? ? ?            2.122 ? ? 
metalc3  metalc ? ? D ZN  .  ZN  ? ? ? 1_555 G HOH .  O  ? ? B ZN  2  B HOH 82  1_555 ? ? ? ? ? ? ?            2.574 ? ? 
metalc4  metalc ? ? D ZN  .  ZN  ? ? ? 1_555 G HOH .  O  ? ? B ZN  2  B HOH 135 1_555 ? ? ? ? ? ? ?            2.210 ? ? 
metalc5  metalc ? ? D ZN  .  ZN  ? ? ? 1_555 G HOH .  O  ? ? B ZN  2  B HOH 136 1_555 ? ? ? ? ? ? ?            2.352 ? ? 
metalc6  metalc ? ? D ZN  .  ZN  ? ? ? 1_555 G HOH .  O  ? ? B ZN  2  B HOH 137 1_555 ? ? ? ? ? ? ?            2.392 ? ? 
metalc7  metalc ? ? C GLU 89 OE2 ? ? ? 1_555 E ZN  .  ZN ? ? C GLU 89 C ZN  94  1_555 ? ? ? ? ? ? ?            2.018 ? ? 
metalc8  metalc ? ? E ZN  .  ZN  ? ? ? 1_555 H HOH .  O  ? ? C ZN  94 C HOH 118 1_555 ? ? ? ? ? ? ?            1.951 ? ? 
hydrog1  hydrog ? ? A DA  2  N1  ? ? ? 1_555 B DT  10 N3 ? ? A DA  2  B DT  20  1_555 ? ? ? ? ? ? WATSON-CRICK ?     ? ? 
hydrog2  hydrog ? ? A DA  2  N6  ? ? ? 1_555 B DT  10 O4 ? ? A DA  2  B DT  20  1_555 ? ? ? ? ? ? WATSON-CRICK ?     ? ? 
hydrog3  hydrog ? ? A DC  3  N3  ? ? ? 1_555 B DG  9  N1 ? ? A DC  3  B DG  19  1_555 ? ? ? ? ? ? WATSON-CRICK ?     ? ? 
hydrog4  hydrog ? ? A DC  3  N4  ? ? ? 1_555 B DG  9  O6 ? ? A DC  3  B DG  19  1_555 ? ? ? ? ? ? WATSON-CRICK ?     ? ? 
hydrog5  hydrog ? ? A DC  3  O2  ? ? ? 1_555 B DG  9  N2 ? ? A DC  3  B DG  19  1_555 ? ? ? ? ? ? WATSON-CRICK ?     ? ? 
hydrog6  hydrog ? ? A DC  4  N3  ? ? ? 1_555 B DG  8  N1 ? ? A DC  4  B DG  18  1_555 ? ? ? ? ? ? WATSON-CRICK ?     ? ? 
hydrog7  hydrog ? ? A DC  4  N4  ? ? ? 1_555 B DG  8  O6 ? ? A DC  4  B DG  18  1_555 ? ? ? ? ? ? WATSON-CRICK ?     ? ? 
hydrog8  hydrog ? ? A DC  4  O2  ? ? ? 1_555 B DG  8  N2 ? ? A DC  4  B DG  18  1_555 ? ? ? ? ? ? WATSON-CRICK ?     ? ? 
hydrog9  hydrog ? ? A DG  5  N1  ? ? ? 1_555 B DC  7  N3 ? ? A DG  5  B DC  17  1_555 ? ? ? ? ? ? WATSON-CRICK ?     ? ? 
hydrog10 hydrog ? ? A DG  5  N2  ? ? ? 1_555 B DC  7  O2 ? ? A DG  5  B DC  17  1_555 ? ? ? ? ? ? WATSON-CRICK ?     ? ? 
hydrog11 hydrog ? ? A DG  5  O6  ? ? ? 1_555 B DC  7  N4 ? ? A DG  5  B DC  17  1_555 ? ? ? ? ? ? WATSON-CRICK ?     ? ? 
hydrog12 hydrog ? ? A DG  6  N1  ? ? ? 1_555 B DC  6  N3 ? ? A DG  6  B DC  16  1_555 ? ? ? ? ? ? WATSON-CRICK ?     ? ? 
hydrog13 hydrog ? ? A DG  6  N2  ? ? ? 1_555 B DC  6  O2 ? ? A DG  6  B DC  16  1_555 ? ? ? ? ? ? WATSON-CRICK ?     ? ? 
hydrog14 hydrog ? ? A DG  6  O6  ? ? ? 1_555 B DC  6  N4 ? ? A DG  6  B DC  16  1_555 ? ? ? ? ? ? WATSON-CRICK ?     ? ? 
hydrog15 hydrog ? ? A DA  7  N1  ? ? ? 1_555 B DT  5  N3 ? ? A DA  7  B DT  15  1_555 ? ? ? ? ? ? WATSON-CRICK ?     ? ? 
hydrog16 hydrog ? ? A DA  7  N6  ? ? ? 1_555 B DT  5  O4 ? ? A DA  7  B DT  15  1_555 ? ? ? ? ? ? WATSON-CRICK ?     ? ? 
hydrog17 hydrog ? ? A DA  8  N1  ? ? ? 1_555 B DT  4  N3 ? ? A DA  8  B DT  14  1_555 ? ? ? ? ? ? WATSON-CRICK ?     ? ? 
hydrog18 hydrog ? ? A DA  8  N6  ? ? ? 1_555 B DT  4  O4 ? ? A DA  8  B DT  14  1_555 ? ? ? ? ? ? WATSON-CRICK ?     ? ? 
hydrog19 hydrog ? ? A DG  9  N1  ? ? ? 1_555 B DC  3  N3 ? ? A DG  9  B DC  13  1_555 ? ? ? ? ? ? WATSON-CRICK ?     ? ? 
hydrog20 hydrog ? ? A DG  9  N2  ? ? ? 1_555 B DC  3  O2 ? ? A DG  9  B DC  13  1_555 ? ? ? ? ? ? WATSON-CRICK ?     ? ? 
hydrog21 hydrog ? ? A DG  9  O6  ? ? ? 1_555 B DC  3  N4 ? ? A DG  9  B DC  13  1_555 ? ? ? ? ? ? WATSON-CRICK ?     ? ? 
hydrog22 hydrog ? ? A DT  10 N3  ? ? ? 1_555 B DA  2  N1 ? ? A DT  10 B DA  12  1_555 ? ? ? ? ? ? WATSON-CRICK ?     ? ? 
hydrog23 hydrog ? ? A DT  10 O4  ? ? ? 1_555 B DA  2  N6 ? ? A DT  10 B DA  12  1_555 ? ? ? ? ? ? WATSON-CRICK ?     ? ? 
# 
loop_
_struct_conn_type.id 
_struct_conn_type.criteria 
_struct_conn_type.reference 
metalc ? ? 
hydrog ? ? 
# 
loop_
_pdbx_struct_conn_angle.id 
_pdbx_struct_conn_angle.ptnr1_label_atom_id 
_pdbx_struct_conn_angle.ptnr1_label_alt_id 
_pdbx_struct_conn_angle.ptnr1_label_asym_id 
_pdbx_struct_conn_angle.ptnr1_label_comp_id 
_pdbx_struct_conn_angle.ptnr1_label_seq_id 
_pdbx_struct_conn_angle.ptnr1_auth_atom_id 
_pdbx_struct_conn_angle.ptnr1_auth_asym_id 
_pdbx_struct_conn_angle.ptnr1_auth_comp_id 
_pdbx_struct_conn_angle.ptnr1_auth_seq_id 
_pdbx_struct_conn_angle.ptnr1_PDB_ins_code 
_pdbx_struct_conn_angle.ptnr1_symmetry 
_pdbx_struct_conn_angle.ptnr2_label_atom_id 
_pdbx_struct_conn_angle.ptnr2_label_alt_id 
_pdbx_struct_conn_angle.ptnr2_label_asym_id 
_pdbx_struct_conn_angle.ptnr2_label_comp_id 
_pdbx_struct_conn_angle.ptnr2_label_seq_id 
_pdbx_struct_conn_angle.ptnr2_auth_atom_id 
_pdbx_struct_conn_angle.ptnr2_auth_asym_id 
_pdbx_struct_conn_angle.ptnr2_auth_comp_id 
_pdbx_struct_conn_angle.ptnr2_auth_seq_id 
_pdbx_struct_conn_angle.ptnr2_PDB_ins_code 
_pdbx_struct_conn_angle.ptnr2_symmetry 
_pdbx_struct_conn_angle.ptnr3_label_atom_id 
_pdbx_struct_conn_angle.ptnr3_label_alt_id 
_pdbx_struct_conn_angle.ptnr3_label_asym_id 
_pdbx_struct_conn_angle.ptnr3_label_comp_id 
_pdbx_struct_conn_angle.ptnr3_label_seq_id 
_pdbx_struct_conn_angle.ptnr3_auth_atom_id 
_pdbx_struct_conn_angle.ptnr3_auth_asym_id 
_pdbx_struct_conn_angle.ptnr3_auth_comp_id 
_pdbx_struct_conn_angle.ptnr3_auth_seq_id 
_pdbx_struct_conn_angle.ptnr3_PDB_ins_code 
_pdbx_struct_conn_angle.ptnr3_symmetry 
_pdbx_struct_conn_angle.value 
_pdbx_struct_conn_angle.value_esd 
1  N7  ? B DG  8  ? B DG  18  ? 1_555 ZN ? D ZN . ? B ZN 2  ? 1_555 O ? G HOH . ? B HOH 54  ? 1_555 172.6 ? 
2  N7  ? B DG  8  ? B DG  18  ? 1_555 ZN ? D ZN . ? B ZN 2  ? 1_555 O ? G HOH . ? B HOH 82  ? 1_555 98.7  ? 
3  O   ? G HOH .  ? B HOH 54  ? 1_555 ZN ? D ZN . ? B ZN 2  ? 1_555 O ? G HOH . ? B HOH 82  ? 1_555 74.3  ? 
4  N7  ? B DG  8  ? B DG  18  ? 1_555 ZN ? D ZN . ? B ZN 2  ? 1_555 O ? G HOH . ? B HOH 135 ? 1_555 92.4  ? 
5  O   ? G HOH .  ? B HOH 54  ? 1_555 ZN ? D ZN . ? B ZN 2  ? 1_555 O ? G HOH . ? B HOH 135 ? 1_555 90.6  ? 
6  O   ? G HOH .  ? B HOH 82  ? 1_555 ZN ? D ZN . ? B ZN 2  ? 1_555 O ? G HOH . ? B HOH 135 ? 1_555 94.5  ? 
7  N7  ? B DG  8  ? B DG  18  ? 1_555 ZN ? D ZN . ? B ZN 2  ? 1_555 O ? G HOH . ? B HOH 136 ? 1_555 100.5 ? 
8  O   ? G HOH .  ? B HOH 54  ? 1_555 ZN ? D ZN . ? B ZN 2  ? 1_555 O ? G HOH . ? B HOH 136 ? 1_555 86.5  ? 
9  O   ? G HOH .  ? B HOH 82  ? 1_555 ZN ? D ZN . ? B ZN 2  ? 1_555 O ? G HOH . ? B HOH 136 ? 1_555 160.8 ? 
10 O   ? G HOH .  ? B HOH 135 ? 1_555 ZN ? D ZN . ? B ZN 2  ? 1_555 O ? G HOH . ? B HOH 136 ? 1_555 86.0  ? 
11 N7  ? B DG  8  ? B DG  18  ? 1_555 ZN ? D ZN . ? B ZN 2  ? 1_555 O ? G HOH . ? B HOH 137 ? 1_555 90.6  ? 
12 O   ? G HOH .  ? B HOH 54  ? 1_555 ZN ? D ZN . ? B ZN 2  ? 1_555 O ? G HOH . ? B HOH 137 ? 1_555 85.4  ? 
13 O   ? G HOH .  ? B HOH 82  ? 1_555 ZN ? D ZN . ? B ZN 2  ? 1_555 O ? G HOH . ? B HOH 137 ? 1_555 76.4  ? 
14 O   ? G HOH .  ? B HOH 135 ? 1_555 ZN ? D ZN . ? B ZN 2  ? 1_555 O ? G HOH . ? B HOH 137 ? 1_555 170.8 ? 
15 O   ? G HOH .  ? B HOH 136 ? 1_555 ZN ? D ZN . ? B ZN 2  ? 1_555 O ? G HOH . ? B HOH 137 ? 1_555 101.9 ? 
16 OE2 ? C GLU 89 ? C GLU 89  ? 1_555 ZN ? E ZN . ? C ZN 94 ? 1_555 O ? H HOH . ? C HOH 118 ? 1_555 102.9 ? 
# 
_struct_mon_prot_cis.pdbx_id                1 
_struct_mon_prot_cis.label_comp_id          TYR 
_struct_mon_prot_cis.label_seq_id           87 
_struct_mon_prot_cis.label_asym_id          C 
_struct_mon_prot_cis.label_alt_id           . 
_struct_mon_prot_cis.pdbx_PDB_ins_code      ? 
_struct_mon_prot_cis.auth_comp_id           TYR 
_struct_mon_prot_cis.auth_seq_id            87 
_struct_mon_prot_cis.auth_asym_id           C 
_struct_mon_prot_cis.pdbx_label_comp_id_2   PRO 
_struct_mon_prot_cis.pdbx_label_seq_id_2    88 
_struct_mon_prot_cis.pdbx_label_asym_id_2   C 
_struct_mon_prot_cis.pdbx_PDB_ins_code_2    ? 
_struct_mon_prot_cis.pdbx_auth_comp_id_2    PRO 
_struct_mon_prot_cis.pdbx_auth_seq_id_2     88 
_struct_mon_prot_cis.pdbx_auth_asym_id_2    C 
_struct_mon_prot_cis.pdbx_PDB_model_num     1 
_struct_mon_prot_cis.pdbx_omega_angle       0.12 
# 
_struct_sheet.id               S1 
_struct_sheet.type             ? 
_struct_sheet.number_strands   4 
_struct_sheet.details          ? 
# 
loop_
_struct_sheet_order.sheet_id 
_struct_sheet_order.range_id_1 
_struct_sheet_order.range_id_2 
_struct_sheet_order.offset 
_struct_sheet_order.sense 
S1 1 2 ? anti-parallel 
S1 2 3 ? anti-parallel 
S1 3 4 ? anti-parallel 
# 
loop_
_struct_sheet_range.sheet_id 
_struct_sheet_range.id 
_struct_sheet_range.beg_label_comp_id 
_struct_sheet_range.beg_label_asym_id 
_struct_sheet_range.beg_label_seq_id 
_struct_sheet_range.pdbx_beg_PDB_ins_code 
_struct_sheet_range.end_label_comp_id 
_struct_sheet_range.end_label_asym_id 
_struct_sheet_range.end_label_seq_id 
_struct_sheet_range.pdbx_end_PDB_ins_code 
_struct_sheet_range.beg_auth_comp_id 
_struct_sheet_range.beg_auth_asym_id 
_struct_sheet_range.beg_auth_seq_id 
_struct_sheet_range.end_auth_comp_id 
_struct_sheet_range.end_auth_asym_id 
_struct_sheet_range.end_auth_seq_id 
S1 1 CYS C 25 ? TRP C 26 ? CYS C 25 TRP C 26 
S1 2 GLN C 32 ? LYS C 34 ? GLN C 32 LYS C 34 
S1 3 VAL C 81 ? PHE C 84 ? VAL C 81 PHE C 84 
S1 4 ILE C 72 ? LYS C 74 ? ILE C 72 LYS C 74 
# 
loop_
_struct_site.id 
_struct_site.pdbx_evidence_code 
_struct_site.pdbx_auth_asym_id 
_struct_site.pdbx_auth_comp_id 
_struct_site.pdbx_auth_seq_id 
_struct_site.pdbx_auth_ins_code 
_struct_site.pdbx_num_residues 
_struct_site.details 
AC1 Software C ZN 94 ? 2 'BINDING SITE FOR RESIDUE ZN C 94' 
AC2 Software B ZN 2  ? 6 'BINDING SITE FOR RESIDUE ZN B 2'  
# 
loop_
_struct_site_gen.id 
_struct_site_gen.site_id 
_struct_site_gen.pdbx_num_res 
_struct_site_gen.label_comp_id 
_struct_site_gen.label_asym_id 
_struct_site_gen.label_seq_id 
_struct_site_gen.pdbx_auth_ins_code 
_struct_site_gen.auth_comp_id 
_struct_site_gen.auth_asym_id 
_struct_site_gen.auth_seq_id 
_struct_site_gen.label_atom_id 
_struct_site_gen.label_alt_id 
_struct_site_gen.symmetry 
_struct_site_gen.details 
1 AC1 2 GLU C 89 ? GLU C 89  . ? 1_555 ? 
2 AC1 2 HOH H .  ? HOH C 118 . ? 1_555 ? 
3 AC2 6 DG  B 8  ? DG  B 18  . ? 1_555 ? 
4 AC2 6 HOH G .  ? HOH B 54  . ? 1_555 ? 
5 AC2 6 HOH G .  ? HOH B 82  . ? 1_555 ? 
6 AC2 6 HOH G .  ? HOH B 135 . ? 1_555 ? 
7 AC2 6 HOH G .  ? HOH B 136 . ? 1_555 ? 
8 AC2 6 HOH G .  ? HOH B 137 . ? 1_555 ? 
# 
_pdbx_validate_close_contact.id               1 
_pdbx_validate_close_contact.PDB_model_num    1 
_pdbx_validate_close_contact.auth_atom_id_1   ND2 
_pdbx_validate_close_contact.auth_asym_id_1   C 
_pdbx_validate_close_contact.auth_comp_id_1   ASN 
_pdbx_validate_close_contact.auth_seq_id_1    92 
_pdbx_validate_close_contact.PDB_ins_code_1   ? 
_pdbx_validate_close_contact.label_alt_id_1   ? 
_pdbx_validate_close_contact.auth_atom_id_2   O 
_pdbx_validate_close_contact.auth_asym_id_2   C 
_pdbx_validate_close_contact.auth_comp_id_2   HOH 
_pdbx_validate_close_contact.auth_seq_id_2    113 
_pdbx_validate_close_contact.PDB_ins_code_2   ? 
_pdbx_validate_close_contact.label_alt_id_2   ? 
_pdbx_validate_close_contact.dist             2.10 
# 
_pdbx_validate_torsion.id              1 
_pdbx_validate_torsion.PDB_model_num   1 
_pdbx_validate_torsion.auth_comp_id    ASN 
_pdbx_validate_torsion.auth_asym_id    C 
_pdbx_validate_torsion.auth_seq_id     92 
_pdbx_validate_torsion.PDB_ins_code    ? 
_pdbx_validate_torsion.label_alt_id    ? 
_pdbx_validate_torsion.phi             -118.92 
_pdbx_validate_torsion.psi             74.69 
# 
_pdbx_validate_planes.id              1 
_pdbx_validate_planes.PDB_model_num   1 
_pdbx_validate_planes.auth_comp_id    DG 
_pdbx_validate_planes.auth_asym_id    B 
_pdbx_validate_planes.auth_seq_id     19 
_pdbx_validate_planes.PDB_ins_code    ? 
_pdbx_validate_planes.label_alt_id    ? 
_pdbx_validate_planes.rmsd            0.068 
_pdbx_validate_planes.type            'SIDE CHAIN' 
# 
loop_
_chem_comp_atom.comp_id 
_chem_comp_atom.atom_id 
_chem_comp_atom.type_symbol 
_chem_comp_atom.pdbx_aromatic_flag 
_chem_comp_atom.pdbx_stereo_config 
_chem_comp_atom.pdbx_ordinal 
ALA N      N  N N 1   
ALA CA     C  N S 2   
ALA C      C  N N 3   
ALA O      O  N N 4   
ALA CB     C  N N 5   
ALA OXT    O  N N 6   
ALA H      H  N N 7   
ALA H2     H  N N 8   
ALA HA     H  N N 9   
ALA HB1    H  N N 10  
ALA HB2    H  N N 11  
ALA HB3    H  N N 12  
ALA HXT    H  N N 13  
ARG N      N  N N 14  
ARG CA     C  N S 15  
ARG C      C  N N 16  
ARG O      O  N N 17  
ARG CB     C  N N 18  
ARG CG     C  N N 19  
ARG CD     C  N N 20  
ARG NE     N  N N 21  
ARG CZ     C  N N 22  
ARG NH1    N  N N 23  
ARG NH2    N  N N 24  
ARG OXT    O  N N 25  
ARG H      H  N N 26  
ARG H2     H  N N 27  
ARG HA     H  N N 28  
ARG HB2    H  N N 29  
ARG HB3    H  N N 30  
ARG HG2    H  N N 31  
ARG HG3    H  N N 32  
ARG HD2    H  N N 33  
ARG HD3    H  N N 34  
ARG HE     H  N N 35  
ARG HH11   H  N N 36  
ARG HH12   H  N N 37  
ARG HH21   H  N N 38  
ARG HH22   H  N N 39  
ARG HXT    H  N N 40  
ASN N      N  N N 41  
ASN CA     C  N S 42  
ASN C      C  N N 43  
ASN O      O  N N 44  
ASN CB     C  N N 45  
ASN CG     C  N N 46  
ASN OD1    O  N N 47  
ASN ND2    N  N N 48  
ASN OXT    O  N N 49  
ASN H      H  N N 50  
ASN H2     H  N N 51  
ASN HA     H  N N 52  
ASN HB2    H  N N 53  
ASN HB3    H  N N 54  
ASN HD21   H  N N 55  
ASN HD22   H  N N 56  
ASN HXT    H  N N 57  
ASP N      N  N N 58  
ASP CA     C  N S 59  
ASP C      C  N N 60  
ASP O      O  N N 61  
ASP CB     C  N N 62  
ASP CG     C  N N 63  
ASP OD1    O  N N 64  
ASP OD2    O  N N 65  
ASP OXT    O  N N 66  
ASP H      H  N N 67  
ASP H2     H  N N 68  
ASP HA     H  N N 69  
ASP HB2    H  N N 70  
ASP HB3    H  N N 71  
ASP HD2    H  N N 72  
ASP HXT    H  N N 73  
CYS N      N  N N 74  
CYS CA     C  N R 75  
CYS C      C  N N 76  
CYS O      O  N N 77  
CYS CB     C  N N 78  
CYS SG     S  N N 79  
CYS OXT    O  N N 80  
CYS H      H  N N 81  
CYS H2     H  N N 82  
CYS HA     H  N N 83  
CYS HB2    H  N N 84  
CYS HB3    H  N N 85  
CYS HG     H  N N 86  
CYS HXT    H  N N 87  
DA  OP3    O  N N 88  
DA  P      P  N N 89  
DA  OP1    O  N N 90  
DA  OP2    O  N N 91  
DA  "O5'"  O  N N 92  
DA  "C5'"  C  N N 93  
DA  "C4'"  C  N R 94  
DA  "O4'"  O  N N 95  
DA  "C3'"  C  N S 96  
DA  "O3'"  O  N N 97  
DA  "C2'"  C  N N 98  
DA  "C1'"  C  N R 99  
DA  N9     N  Y N 100 
DA  C8     C  Y N 101 
DA  N7     N  Y N 102 
DA  C5     C  Y N 103 
DA  C6     C  Y N 104 
DA  N6     N  N N 105 
DA  N1     N  Y N 106 
DA  C2     C  Y N 107 
DA  N3     N  Y N 108 
DA  C4     C  Y N 109 
DA  HOP3   H  N N 110 
DA  HOP2   H  N N 111 
DA  "H5'"  H  N N 112 
DA  "H5''" H  N N 113 
DA  "H4'"  H  N N 114 
DA  "H3'"  H  N N 115 
DA  "HO3'" H  N N 116 
DA  "H2'"  H  N N 117 
DA  "H2''" H  N N 118 
DA  "H1'"  H  N N 119 
DA  H8     H  N N 120 
DA  H61    H  N N 121 
DA  H62    H  N N 122 
DA  H2     H  N N 123 
DC  OP3    O  N N 124 
DC  P      P  N N 125 
DC  OP1    O  N N 126 
DC  OP2    O  N N 127 
DC  "O5'"  O  N N 128 
DC  "C5'"  C  N N 129 
DC  "C4'"  C  N R 130 
DC  "O4'"  O  N N 131 
DC  "C3'"  C  N S 132 
DC  "O3'"  O  N N 133 
DC  "C2'"  C  N N 134 
DC  "C1'"  C  N R 135 
DC  N1     N  N N 136 
DC  C2     C  N N 137 
DC  O2     O  N N 138 
DC  N3     N  N N 139 
DC  C4     C  N N 140 
DC  N4     N  N N 141 
DC  C5     C  N N 142 
DC  C6     C  N N 143 
DC  HOP3   H  N N 144 
DC  HOP2   H  N N 145 
DC  "H5'"  H  N N 146 
DC  "H5''" H  N N 147 
DC  "H4'"  H  N N 148 
DC  "H3'"  H  N N 149 
DC  "HO3'" H  N N 150 
DC  "H2'"  H  N N 151 
DC  "H2''" H  N N 152 
DC  "H1'"  H  N N 153 
DC  H41    H  N N 154 
DC  H42    H  N N 155 
DC  H5     H  N N 156 
DC  H6     H  N N 157 
DG  OP3    O  N N 158 
DG  P      P  N N 159 
DG  OP1    O  N N 160 
DG  OP2    O  N N 161 
DG  "O5'"  O  N N 162 
DG  "C5'"  C  N N 163 
DG  "C4'"  C  N R 164 
DG  "O4'"  O  N N 165 
DG  "C3'"  C  N S 166 
DG  "O3'"  O  N N 167 
DG  "C2'"  C  N N 168 
DG  "C1'"  C  N R 169 
DG  N9     N  Y N 170 
DG  C8     C  Y N 171 
DG  N7     N  Y N 172 
DG  C5     C  Y N 173 
DG  C6     C  N N 174 
DG  O6     O  N N 175 
DG  N1     N  N N 176 
DG  C2     C  N N 177 
DG  N2     N  N N 178 
DG  N3     N  N N 179 
DG  C4     C  Y N 180 
DG  HOP3   H  N N 181 
DG  HOP2   H  N N 182 
DG  "H5'"  H  N N 183 
DG  "H5''" H  N N 184 
DG  "H4'"  H  N N 185 
DG  "H3'"  H  N N 186 
DG  "HO3'" H  N N 187 
DG  "H2'"  H  N N 188 
DG  "H2''" H  N N 189 
DG  "H1'"  H  N N 190 
DG  H8     H  N N 191 
DG  H1     H  N N 192 
DG  H21    H  N N 193 
DG  H22    H  N N 194 
DT  OP3    O  N N 195 
DT  P      P  N N 196 
DT  OP1    O  N N 197 
DT  OP2    O  N N 198 
DT  "O5'"  O  N N 199 
DT  "C5'"  C  N N 200 
DT  "C4'"  C  N R 201 
DT  "O4'"  O  N N 202 
DT  "C3'"  C  N S 203 
DT  "O3'"  O  N N 204 
DT  "C2'"  C  N N 205 
DT  "C1'"  C  N R 206 
DT  N1     N  N N 207 
DT  C2     C  N N 208 
DT  O2     O  N N 209 
DT  N3     N  N N 210 
DT  C4     C  N N 211 
DT  O4     O  N N 212 
DT  C5     C  N N 213 
DT  C7     C  N N 214 
DT  C6     C  N N 215 
DT  HOP3   H  N N 216 
DT  HOP2   H  N N 217 
DT  "H5'"  H  N N 218 
DT  "H5''" H  N N 219 
DT  "H4'"  H  N N 220 
DT  "H3'"  H  N N 221 
DT  "HO3'" H  N N 222 
DT  "H2'"  H  N N 223 
DT  "H2''" H  N N 224 
DT  "H1'"  H  N N 225 
DT  H3     H  N N 226 
DT  H71    H  N N 227 
DT  H72    H  N N 228 
DT  H73    H  N N 229 
DT  H6     H  N N 230 
GLN N      N  N N 231 
GLN CA     C  N S 232 
GLN C      C  N N 233 
GLN O      O  N N 234 
GLN CB     C  N N 235 
GLN CG     C  N N 236 
GLN CD     C  N N 237 
GLN OE1    O  N N 238 
GLN NE2    N  N N 239 
GLN OXT    O  N N 240 
GLN H      H  N N 241 
GLN H2     H  N N 242 
GLN HA     H  N N 243 
GLN HB2    H  N N 244 
GLN HB3    H  N N 245 
GLN HG2    H  N N 246 
GLN HG3    H  N N 247 
GLN HE21   H  N N 248 
GLN HE22   H  N N 249 
GLN HXT    H  N N 250 
GLU N      N  N N 251 
GLU CA     C  N S 252 
GLU C      C  N N 253 
GLU O      O  N N 254 
GLU CB     C  N N 255 
GLU CG     C  N N 256 
GLU CD     C  N N 257 
GLU OE1    O  N N 258 
GLU OE2    O  N N 259 
GLU OXT    O  N N 260 
GLU H      H  N N 261 
GLU H2     H  N N 262 
GLU HA     H  N N 263 
GLU HB2    H  N N 264 
GLU HB3    H  N N 265 
GLU HG2    H  N N 266 
GLU HG3    H  N N 267 
GLU HE2    H  N N 268 
GLU HXT    H  N N 269 
GLY N      N  N N 270 
GLY CA     C  N N 271 
GLY C      C  N N 272 
GLY O      O  N N 273 
GLY OXT    O  N N 274 
GLY H      H  N N 275 
GLY H2     H  N N 276 
GLY HA2    H  N N 277 
GLY HA3    H  N N 278 
GLY HXT    H  N N 279 
HIS N      N  N N 280 
HIS CA     C  N S 281 
HIS C      C  N N 282 
HIS O      O  N N 283 
HIS CB     C  N N 284 
HIS CG     C  Y N 285 
HIS ND1    N  Y N 286 
HIS CD2    C  Y N 287 
HIS CE1    C  Y N 288 
HIS NE2    N  Y N 289 
HIS OXT    O  N N 290 
HIS H      H  N N 291 
HIS H2     H  N N 292 
HIS HA     H  N N 293 
HIS HB2    H  N N 294 
HIS HB3    H  N N 295 
HIS HD1    H  N N 296 
HIS HD2    H  N N 297 
HIS HE1    H  N N 298 
HIS HE2    H  N N 299 
HIS HXT    H  N N 300 
HOH O      O  N N 301 
HOH H1     H  N N 302 
HOH H2     H  N N 303 
ILE N      N  N N 304 
ILE CA     C  N S 305 
ILE C      C  N N 306 
ILE O      O  N N 307 
ILE CB     C  N S 308 
ILE CG1    C  N N 309 
ILE CG2    C  N N 310 
ILE CD1    C  N N 311 
ILE OXT    O  N N 312 
ILE H      H  N N 313 
ILE H2     H  N N 314 
ILE HA     H  N N 315 
ILE HB     H  N N 316 
ILE HG12   H  N N 317 
ILE HG13   H  N N 318 
ILE HG21   H  N N 319 
ILE HG22   H  N N 320 
ILE HG23   H  N N 321 
ILE HD11   H  N N 322 
ILE HD12   H  N N 323 
ILE HD13   H  N N 324 
ILE HXT    H  N N 325 
LEU N      N  N N 326 
LEU CA     C  N S 327 
LEU C      C  N N 328 
LEU O      O  N N 329 
LEU CB     C  N N 330 
LEU CG     C  N N 331 
LEU CD1    C  N N 332 
LEU CD2    C  N N 333 
LEU OXT    O  N N 334 
LEU H      H  N N 335 
LEU H2     H  N N 336 
LEU HA     H  N N 337 
LEU HB2    H  N N 338 
LEU HB3    H  N N 339 
LEU HG     H  N N 340 
LEU HD11   H  N N 341 
LEU HD12   H  N N 342 
LEU HD13   H  N N 343 
LEU HD21   H  N N 344 
LEU HD22   H  N N 345 
LEU HD23   H  N N 346 
LEU HXT    H  N N 347 
LYS N      N  N N 348 
LYS CA     C  N S 349 
LYS C      C  N N 350 
LYS O      O  N N 351 
LYS CB     C  N N 352 
LYS CG     C  N N 353 
LYS CD     C  N N 354 
LYS CE     C  N N 355 
LYS NZ     N  N N 356 
LYS OXT    O  N N 357 
LYS H      H  N N 358 
LYS H2     H  N N 359 
LYS HA     H  N N 360 
LYS HB2    H  N N 361 
LYS HB3    H  N N 362 
LYS HG2    H  N N 363 
LYS HG3    H  N N 364 
LYS HD2    H  N N 365 
LYS HD3    H  N N 366 
LYS HE2    H  N N 367 
LYS HE3    H  N N 368 
LYS HZ1    H  N N 369 
LYS HZ2    H  N N 370 
LYS HZ3    H  N N 371 
LYS HXT    H  N N 372 
MET N      N  N N 373 
MET CA     C  N S 374 
MET C      C  N N 375 
MET O      O  N N 376 
MET CB     C  N N 377 
MET CG     C  N N 378 
MET SD     S  N N 379 
MET CE     C  N N 380 
MET OXT    O  N N 381 
MET H      H  N N 382 
MET H2     H  N N 383 
MET HA     H  N N 384 
MET HB2    H  N N 385 
MET HB3    H  N N 386 
MET HG2    H  N N 387 
MET HG3    H  N N 388 
MET HE1    H  N N 389 
MET HE2    H  N N 390 
MET HE3    H  N N 391 
MET HXT    H  N N 392 
PHE N      N  N N 393 
PHE CA     C  N S 394 
PHE C      C  N N 395 
PHE O      O  N N 396 
PHE CB     C  N N 397 
PHE CG     C  Y N 398 
PHE CD1    C  Y N 399 
PHE CD2    C  Y N 400 
PHE CE1    C  Y N 401 
PHE CE2    C  Y N 402 
PHE CZ     C  Y N 403 
PHE OXT    O  N N 404 
PHE H      H  N N 405 
PHE H2     H  N N 406 
PHE HA     H  N N 407 
PHE HB2    H  N N 408 
PHE HB3    H  N N 409 
PHE HD1    H  N N 410 
PHE HD2    H  N N 411 
PHE HE1    H  N N 412 
PHE HE2    H  N N 413 
PHE HZ     H  N N 414 
PHE HXT    H  N N 415 
PRO N      N  N N 416 
PRO CA     C  N S 417 
PRO C      C  N N 418 
PRO O      O  N N 419 
PRO CB     C  N N 420 
PRO CG     C  N N 421 
PRO CD     C  N N 422 
PRO OXT    O  N N 423 
PRO H      H  N N 424 
PRO HA     H  N N 425 
PRO HB2    H  N N 426 
PRO HB3    H  N N 427 
PRO HG2    H  N N 428 
PRO HG3    H  N N 429 
PRO HD2    H  N N 430 
PRO HD3    H  N N 431 
PRO HXT    H  N N 432 
SER N      N  N N 433 
SER CA     C  N S 434 
SER C      C  N N 435 
SER O      O  N N 436 
SER CB     C  N N 437 
SER OG     O  N N 438 
SER OXT    O  N N 439 
SER H      H  N N 440 
SER H2     H  N N 441 
SER HA     H  N N 442 
SER HB2    H  N N 443 
SER HB3    H  N N 444 
SER HG     H  N N 445 
SER HXT    H  N N 446 
THR N      N  N N 447 
THR CA     C  N S 448 
THR C      C  N N 449 
THR O      O  N N 450 
THR CB     C  N R 451 
THR OG1    O  N N 452 
THR CG2    C  N N 453 
THR OXT    O  N N 454 
THR H      H  N N 455 
THR H2     H  N N 456 
THR HA     H  N N 457 
THR HB     H  N N 458 
THR HG1    H  N N 459 
THR HG21   H  N N 460 
THR HG22   H  N N 461 
THR HG23   H  N N 462 
THR HXT    H  N N 463 
TRP N      N  N N 464 
TRP CA     C  N S 465 
TRP C      C  N N 466 
TRP O      O  N N 467 
TRP CB     C  N N 468 
TRP CG     C  Y N 469 
TRP CD1    C  Y N 470 
TRP CD2    C  Y N 471 
TRP NE1    N  Y N 472 
TRP CE2    C  Y N 473 
TRP CE3    C  Y N 474 
TRP CZ2    C  Y N 475 
TRP CZ3    C  Y N 476 
TRP CH2    C  Y N 477 
TRP OXT    O  N N 478 
TRP H      H  N N 479 
TRP H2     H  N N 480 
TRP HA     H  N N 481 
TRP HB2    H  N N 482 
TRP HB3    H  N N 483 
TRP HD1    H  N N 484 
TRP HE1    H  N N 485 
TRP HE3    H  N N 486 
TRP HZ2    H  N N 487 
TRP HZ3    H  N N 488 
TRP HH2    H  N N 489 
TRP HXT    H  N N 490 
TYR N      N  N N 491 
TYR CA     C  N S 492 
TYR C      C  N N 493 
TYR O      O  N N 494 
TYR CB     C  N N 495 
TYR CG     C  Y N 496 
TYR CD1    C  Y N 497 
TYR CD2    C  Y N 498 
TYR CE1    C  Y N 499 
TYR CE2    C  Y N 500 
TYR CZ     C  Y N 501 
TYR OH     O  N N 502 
TYR OXT    O  N N 503 
TYR H      H  N N 504 
TYR H2     H  N N 505 
TYR HA     H  N N 506 
TYR HB2    H  N N 507 
TYR HB3    H  N N 508 
TYR HD1    H  N N 509 
TYR HD2    H  N N 510 
TYR HE1    H  N N 511 
TYR HE2    H  N N 512 
TYR HH     H  N N 513 
TYR HXT    H  N N 514 
VAL N      N  N N 515 
VAL CA     C  N S 516 
VAL C      C  N N 517 
VAL O      O  N N 518 
VAL CB     C  N N 519 
VAL CG1    C  N N 520 
VAL CG2    C  N N 521 
VAL OXT    O  N N 522 
VAL H      H  N N 523 
VAL H2     H  N N 524 
VAL HA     H  N N 525 
VAL HB     H  N N 526 
VAL HG11   H  N N 527 
VAL HG12   H  N N 528 
VAL HG13   H  N N 529 
VAL HG21   H  N N 530 
VAL HG22   H  N N 531 
VAL HG23   H  N N 532 
VAL HXT    H  N N 533 
ZN  ZN     ZN N N 534 
# 
loop_
_chem_comp_bond.comp_id 
_chem_comp_bond.atom_id_1 
_chem_comp_bond.atom_id_2 
_chem_comp_bond.value_order 
_chem_comp_bond.pdbx_aromatic_flag 
_chem_comp_bond.pdbx_stereo_config 
_chem_comp_bond.pdbx_ordinal 
ALA N     CA     sing N N 1   
ALA N     H      sing N N 2   
ALA N     H2     sing N N 3   
ALA CA    C      sing N N 4   
ALA CA    CB     sing N N 5   
ALA CA    HA     sing N N 6   
ALA C     O      doub N N 7   
ALA C     OXT    sing N N 8   
ALA CB    HB1    sing N N 9   
ALA CB    HB2    sing N N 10  
ALA CB    HB3    sing N N 11  
ALA OXT   HXT    sing N N 12  
ARG N     CA     sing N N 13  
ARG N     H      sing N N 14  
ARG N     H2     sing N N 15  
ARG CA    C      sing N N 16  
ARG CA    CB     sing N N 17  
ARG CA    HA     sing N N 18  
ARG C     O      doub N N 19  
ARG C     OXT    sing N N 20  
ARG CB    CG     sing N N 21  
ARG CB    HB2    sing N N 22  
ARG CB    HB3    sing N N 23  
ARG CG    CD     sing N N 24  
ARG CG    HG2    sing N N 25  
ARG CG    HG3    sing N N 26  
ARG CD    NE     sing N N 27  
ARG CD    HD2    sing N N 28  
ARG CD    HD3    sing N N 29  
ARG NE    CZ     sing N N 30  
ARG NE    HE     sing N N 31  
ARG CZ    NH1    sing N N 32  
ARG CZ    NH2    doub N N 33  
ARG NH1   HH11   sing N N 34  
ARG NH1   HH12   sing N N 35  
ARG NH2   HH21   sing N N 36  
ARG NH2   HH22   sing N N 37  
ARG OXT   HXT    sing N N 38  
ASN N     CA     sing N N 39  
ASN N     H      sing N N 40  
ASN N     H2     sing N N 41  
ASN CA    C      sing N N 42  
ASN CA    CB     sing N N 43  
ASN CA    HA     sing N N 44  
ASN C     O      doub N N 45  
ASN C     OXT    sing N N 46  
ASN CB    CG     sing N N 47  
ASN CB    HB2    sing N N 48  
ASN CB    HB3    sing N N 49  
ASN CG    OD1    doub N N 50  
ASN CG    ND2    sing N N 51  
ASN ND2   HD21   sing N N 52  
ASN ND2   HD22   sing N N 53  
ASN OXT   HXT    sing N N 54  
ASP N     CA     sing N N 55  
ASP N     H      sing N N 56  
ASP N     H2     sing N N 57  
ASP CA    C      sing N N 58  
ASP CA    CB     sing N N 59  
ASP CA    HA     sing N N 60  
ASP C     O      doub N N 61  
ASP C     OXT    sing N N 62  
ASP CB    CG     sing N N 63  
ASP CB    HB2    sing N N 64  
ASP CB    HB3    sing N N 65  
ASP CG    OD1    doub N N 66  
ASP CG    OD2    sing N N 67  
ASP OD2   HD2    sing N N 68  
ASP OXT   HXT    sing N N 69  
CYS N     CA     sing N N 70  
CYS N     H      sing N N 71  
CYS N     H2     sing N N 72  
CYS CA    C      sing N N 73  
CYS CA    CB     sing N N 74  
CYS CA    HA     sing N N 75  
CYS C     O      doub N N 76  
CYS C     OXT    sing N N 77  
CYS CB    SG     sing N N 78  
CYS CB    HB2    sing N N 79  
CYS CB    HB3    sing N N 80  
CYS SG    HG     sing N N 81  
CYS OXT   HXT    sing N N 82  
DA  OP3   P      sing N N 83  
DA  OP3   HOP3   sing N N 84  
DA  P     OP1    doub N N 85  
DA  P     OP2    sing N N 86  
DA  P     "O5'"  sing N N 87  
DA  OP2   HOP2   sing N N 88  
DA  "O5'" "C5'"  sing N N 89  
DA  "C5'" "C4'"  sing N N 90  
DA  "C5'" "H5'"  sing N N 91  
DA  "C5'" "H5''" sing N N 92  
DA  "C4'" "O4'"  sing N N 93  
DA  "C4'" "C3'"  sing N N 94  
DA  "C4'" "H4'"  sing N N 95  
DA  "O4'" "C1'"  sing N N 96  
DA  "C3'" "O3'"  sing N N 97  
DA  "C3'" "C2'"  sing N N 98  
DA  "C3'" "H3'"  sing N N 99  
DA  "O3'" "HO3'" sing N N 100 
DA  "C2'" "C1'"  sing N N 101 
DA  "C2'" "H2'"  sing N N 102 
DA  "C2'" "H2''" sing N N 103 
DA  "C1'" N9     sing N N 104 
DA  "C1'" "H1'"  sing N N 105 
DA  N9    C8     sing Y N 106 
DA  N9    C4     sing Y N 107 
DA  C8    N7     doub Y N 108 
DA  C8    H8     sing N N 109 
DA  N7    C5     sing Y N 110 
DA  C5    C6     sing Y N 111 
DA  C5    C4     doub Y N 112 
DA  C6    N6     sing N N 113 
DA  C6    N1     doub Y N 114 
DA  N6    H61    sing N N 115 
DA  N6    H62    sing N N 116 
DA  N1    C2     sing Y N 117 
DA  C2    N3     doub Y N 118 
DA  C2    H2     sing N N 119 
DA  N3    C4     sing Y N 120 
DC  OP3   P      sing N N 121 
DC  OP3   HOP3   sing N N 122 
DC  P     OP1    doub N N 123 
DC  P     OP2    sing N N 124 
DC  P     "O5'"  sing N N 125 
DC  OP2   HOP2   sing N N 126 
DC  "O5'" "C5'"  sing N N 127 
DC  "C5'" "C4'"  sing N N 128 
DC  "C5'" "H5'"  sing N N 129 
DC  "C5'" "H5''" sing N N 130 
DC  "C4'" "O4'"  sing N N 131 
DC  "C4'" "C3'"  sing N N 132 
DC  "C4'" "H4'"  sing N N 133 
DC  "O4'" "C1'"  sing N N 134 
DC  "C3'" "O3'"  sing N N 135 
DC  "C3'" "C2'"  sing N N 136 
DC  "C3'" "H3'"  sing N N 137 
DC  "O3'" "HO3'" sing N N 138 
DC  "C2'" "C1'"  sing N N 139 
DC  "C2'" "H2'"  sing N N 140 
DC  "C2'" "H2''" sing N N 141 
DC  "C1'" N1     sing N N 142 
DC  "C1'" "H1'"  sing N N 143 
DC  N1    C2     sing N N 144 
DC  N1    C6     sing N N 145 
DC  C2    O2     doub N N 146 
DC  C2    N3     sing N N 147 
DC  N3    C4     doub N N 148 
DC  C4    N4     sing N N 149 
DC  C4    C5     sing N N 150 
DC  N4    H41    sing N N 151 
DC  N4    H42    sing N N 152 
DC  C5    C6     doub N N 153 
DC  C5    H5     sing N N 154 
DC  C6    H6     sing N N 155 
DG  OP3   P      sing N N 156 
DG  OP3   HOP3   sing N N 157 
DG  P     OP1    doub N N 158 
DG  P     OP2    sing N N 159 
DG  P     "O5'"  sing N N 160 
DG  OP2   HOP2   sing N N 161 
DG  "O5'" "C5'"  sing N N 162 
DG  "C5'" "C4'"  sing N N 163 
DG  "C5'" "H5'"  sing N N 164 
DG  "C5'" "H5''" sing N N 165 
DG  "C4'" "O4'"  sing N N 166 
DG  "C4'" "C3'"  sing N N 167 
DG  "C4'" "H4'"  sing N N 168 
DG  "O4'" "C1'"  sing N N 169 
DG  "C3'" "O3'"  sing N N 170 
DG  "C3'" "C2'"  sing N N 171 
DG  "C3'" "H3'"  sing N N 172 
DG  "O3'" "HO3'" sing N N 173 
DG  "C2'" "C1'"  sing N N 174 
DG  "C2'" "H2'"  sing N N 175 
DG  "C2'" "H2''" sing N N 176 
DG  "C1'" N9     sing N N 177 
DG  "C1'" "H1'"  sing N N 178 
DG  N9    C8     sing Y N 179 
DG  N9    C4     sing Y N 180 
DG  C8    N7     doub Y N 181 
DG  C8    H8     sing N N 182 
DG  N7    C5     sing Y N 183 
DG  C5    C6     sing N N 184 
DG  C5    C4     doub Y N 185 
DG  C6    O6     doub N N 186 
DG  C6    N1     sing N N 187 
DG  N1    C2     sing N N 188 
DG  N1    H1     sing N N 189 
DG  C2    N2     sing N N 190 
DG  C2    N3     doub N N 191 
DG  N2    H21    sing N N 192 
DG  N2    H22    sing N N 193 
DG  N3    C4     sing N N 194 
DT  OP3   P      sing N N 195 
DT  OP3   HOP3   sing N N 196 
DT  P     OP1    doub N N 197 
DT  P     OP2    sing N N 198 
DT  P     "O5'"  sing N N 199 
DT  OP2   HOP2   sing N N 200 
DT  "O5'" "C5'"  sing N N 201 
DT  "C5'" "C4'"  sing N N 202 
DT  "C5'" "H5'"  sing N N 203 
DT  "C5'" "H5''" sing N N 204 
DT  "C4'" "O4'"  sing N N 205 
DT  "C4'" "C3'"  sing N N 206 
DT  "C4'" "H4'"  sing N N 207 
DT  "O4'" "C1'"  sing N N 208 
DT  "C3'" "O3'"  sing N N 209 
DT  "C3'" "C2'"  sing N N 210 
DT  "C3'" "H3'"  sing N N 211 
DT  "O3'" "HO3'" sing N N 212 
DT  "C2'" "C1'"  sing N N 213 
DT  "C2'" "H2'"  sing N N 214 
DT  "C2'" "H2''" sing N N 215 
DT  "C1'" N1     sing N N 216 
DT  "C1'" "H1'"  sing N N 217 
DT  N1    C2     sing N N 218 
DT  N1    C6     sing N N 219 
DT  C2    O2     doub N N 220 
DT  C2    N3     sing N N 221 
DT  N3    C4     sing N N 222 
DT  N3    H3     sing N N 223 
DT  C4    O4     doub N N 224 
DT  C4    C5     sing N N 225 
DT  C5    C7     sing N N 226 
DT  C5    C6     doub N N 227 
DT  C7    H71    sing N N 228 
DT  C7    H72    sing N N 229 
DT  C7    H73    sing N N 230 
DT  C6    H6     sing N N 231 
GLN N     CA     sing N N 232 
GLN N     H      sing N N 233 
GLN N     H2     sing N N 234 
GLN CA    C      sing N N 235 
GLN CA    CB     sing N N 236 
GLN CA    HA     sing N N 237 
GLN C     O      doub N N 238 
GLN C     OXT    sing N N 239 
GLN CB    CG     sing N N 240 
GLN CB    HB2    sing N N 241 
GLN CB    HB3    sing N N 242 
GLN CG    CD     sing N N 243 
GLN CG    HG2    sing N N 244 
GLN CG    HG3    sing N N 245 
GLN CD    OE1    doub N N 246 
GLN CD    NE2    sing N N 247 
GLN NE2   HE21   sing N N 248 
GLN NE2   HE22   sing N N 249 
GLN OXT   HXT    sing N N 250 
GLU N     CA     sing N N 251 
GLU N     H      sing N N 252 
GLU N     H2     sing N N 253 
GLU CA    C      sing N N 254 
GLU CA    CB     sing N N 255 
GLU CA    HA     sing N N 256 
GLU C     O      doub N N 257 
GLU C     OXT    sing N N 258 
GLU CB    CG     sing N N 259 
GLU CB    HB2    sing N N 260 
GLU CB    HB3    sing N N 261 
GLU CG    CD     sing N N 262 
GLU CG    HG2    sing N N 263 
GLU CG    HG3    sing N N 264 
GLU CD    OE1    doub N N 265 
GLU CD    OE2    sing N N 266 
GLU OE2   HE2    sing N N 267 
GLU OXT   HXT    sing N N 268 
GLY N     CA     sing N N 269 
GLY N     H      sing N N 270 
GLY N     H2     sing N N 271 
GLY CA    C      sing N N 272 
GLY CA    HA2    sing N N 273 
GLY CA    HA3    sing N N 274 
GLY C     O      doub N N 275 
GLY C     OXT    sing N N 276 
GLY OXT   HXT    sing N N 277 
HIS N     CA     sing N N 278 
HIS N     H      sing N N 279 
HIS N     H2     sing N N 280 
HIS CA    C      sing N N 281 
HIS CA    CB     sing N N 282 
HIS CA    HA     sing N N 283 
HIS C     O      doub N N 284 
HIS C     OXT    sing N N 285 
HIS CB    CG     sing N N 286 
HIS CB    HB2    sing N N 287 
HIS CB    HB3    sing N N 288 
HIS CG    ND1    sing Y N 289 
HIS CG    CD2    doub Y N 290 
HIS ND1   CE1    doub Y N 291 
HIS ND1   HD1    sing N N 292 
HIS CD2   NE2    sing Y N 293 
HIS CD2   HD2    sing N N 294 
HIS CE1   NE2    sing Y N 295 
HIS CE1   HE1    sing N N 296 
HIS NE2   HE2    sing N N 297 
HIS OXT   HXT    sing N N 298 
HOH O     H1     sing N N 299 
HOH O     H2     sing N N 300 
ILE N     CA     sing N N 301 
ILE N     H      sing N N 302 
ILE N     H2     sing N N 303 
ILE CA    C      sing N N 304 
ILE CA    CB     sing N N 305 
ILE CA    HA     sing N N 306 
ILE C     O      doub N N 307 
ILE C     OXT    sing N N 308 
ILE CB    CG1    sing N N 309 
ILE CB    CG2    sing N N 310 
ILE CB    HB     sing N N 311 
ILE CG1   CD1    sing N N 312 
ILE CG1   HG12   sing N N 313 
ILE CG1   HG13   sing N N 314 
ILE CG2   HG21   sing N N 315 
ILE CG2   HG22   sing N N 316 
ILE CG2   HG23   sing N N 317 
ILE CD1   HD11   sing N N 318 
ILE CD1   HD12   sing N N 319 
ILE CD1   HD13   sing N N 320 
ILE OXT   HXT    sing N N 321 
LEU N     CA     sing N N 322 
LEU N     H      sing N N 323 
LEU N     H2     sing N N 324 
LEU CA    C      sing N N 325 
LEU CA    CB     sing N N 326 
LEU CA    HA     sing N N 327 
LEU C     O      doub N N 328 
LEU C     OXT    sing N N 329 
LEU CB    CG     sing N N 330 
LEU CB    HB2    sing N N 331 
LEU CB    HB3    sing N N 332 
LEU CG    CD1    sing N N 333 
LEU CG    CD2    sing N N 334 
LEU CG    HG     sing N N 335 
LEU CD1   HD11   sing N N 336 
LEU CD1   HD12   sing N N 337 
LEU CD1   HD13   sing N N 338 
LEU CD2   HD21   sing N N 339 
LEU CD2   HD22   sing N N 340 
LEU CD2   HD23   sing N N 341 
LEU OXT   HXT    sing N N 342 
LYS N     CA     sing N N 343 
LYS N     H      sing N N 344 
LYS N     H2     sing N N 345 
LYS CA    C      sing N N 346 
LYS CA    CB     sing N N 347 
LYS CA    HA     sing N N 348 
LYS C     O      doub N N 349 
LYS C     OXT    sing N N 350 
LYS CB    CG     sing N N 351 
LYS CB    HB2    sing N N 352 
LYS CB    HB3    sing N N 353 
LYS CG    CD     sing N N 354 
LYS CG    HG2    sing N N 355 
LYS CG    HG3    sing N N 356 
LYS CD    CE     sing N N 357 
LYS CD    HD2    sing N N 358 
LYS CD    HD3    sing N N 359 
LYS CE    NZ     sing N N 360 
LYS CE    HE2    sing N N 361 
LYS CE    HE3    sing N N 362 
LYS NZ    HZ1    sing N N 363 
LYS NZ    HZ2    sing N N 364 
LYS NZ    HZ3    sing N N 365 
LYS OXT   HXT    sing N N 366 
MET N     CA     sing N N 367 
MET N     H      sing N N 368 
MET N     H2     sing N N 369 
MET CA    C      sing N N 370 
MET CA    CB     sing N N 371 
MET CA    HA     sing N N 372 
MET C     O      doub N N 373 
MET C     OXT    sing N N 374 
MET CB    CG     sing N N 375 
MET CB    HB2    sing N N 376 
MET CB    HB3    sing N N 377 
MET CG    SD     sing N N 378 
MET CG    HG2    sing N N 379 
MET CG    HG3    sing N N 380 
MET SD    CE     sing N N 381 
MET CE    HE1    sing N N 382 
MET CE    HE2    sing N N 383 
MET CE    HE3    sing N N 384 
MET OXT   HXT    sing N N 385 
PHE N     CA     sing N N 386 
PHE N     H      sing N N 387 
PHE N     H2     sing N N 388 
PHE CA    C      sing N N 389 
PHE CA    CB     sing N N 390 
PHE CA    HA     sing N N 391 
PHE C     O      doub N N 392 
PHE C     OXT    sing N N 393 
PHE CB    CG     sing N N 394 
PHE CB    HB2    sing N N 395 
PHE CB    HB3    sing N N 396 
PHE CG    CD1    doub Y N 397 
PHE CG    CD2    sing Y N 398 
PHE CD1   CE1    sing Y N 399 
PHE CD1   HD1    sing N N 400 
PHE CD2   CE2    doub Y N 401 
PHE CD2   HD2    sing N N 402 
PHE CE1   CZ     doub Y N 403 
PHE CE1   HE1    sing N N 404 
PHE CE2   CZ     sing Y N 405 
PHE CE2   HE2    sing N N 406 
PHE CZ    HZ     sing N N 407 
PHE OXT   HXT    sing N N 408 
PRO N     CA     sing N N 409 
PRO N     CD     sing N N 410 
PRO N     H      sing N N 411 
PRO CA    C      sing N N 412 
PRO CA    CB     sing N N 413 
PRO CA    HA     sing N N 414 
PRO C     O      doub N N 415 
PRO C     OXT    sing N N 416 
PRO CB    CG     sing N N 417 
PRO CB    HB2    sing N N 418 
PRO CB    HB3    sing N N 419 
PRO CG    CD     sing N N 420 
PRO CG    HG2    sing N N 421 
PRO CG    HG3    sing N N 422 
PRO CD    HD2    sing N N 423 
PRO CD    HD3    sing N N 424 
PRO OXT   HXT    sing N N 425 
SER N     CA     sing N N 426 
SER N     H      sing N N 427 
SER N     H2     sing N N 428 
SER CA    C      sing N N 429 
SER CA    CB     sing N N 430 
SER CA    HA     sing N N 431 
SER C     O      doub N N 432 
SER C     OXT    sing N N 433 
SER CB    OG     sing N N 434 
SER CB    HB2    sing N N 435 
SER CB    HB3    sing N N 436 
SER OG    HG     sing N N 437 
SER OXT   HXT    sing N N 438 
THR N     CA     sing N N 439 
THR N     H      sing N N 440 
THR N     H2     sing N N 441 
THR CA    C      sing N N 442 
THR CA    CB     sing N N 443 
THR CA    HA     sing N N 444 
THR C     O      doub N N 445 
THR C     OXT    sing N N 446 
THR CB    OG1    sing N N 447 
THR CB    CG2    sing N N 448 
THR CB    HB     sing N N 449 
THR OG1   HG1    sing N N 450 
THR CG2   HG21   sing N N 451 
THR CG2   HG22   sing N N 452 
THR CG2   HG23   sing N N 453 
THR OXT   HXT    sing N N 454 
TRP N     CA     sing N N 455 
TRP N     H      sing N N 456 
TRP N     H2     sing N N 457 
TRP CA    C      sing N N 458 
TRP CA    CB     sing N N 459 
TRP CA    HA     sing N N 460 
TRP C     O      doub N N 461 
TRP C     OXT    sing N N 462 
TRP CB    CG     sing N N 463 
TRP CB    HB2    sing N N 464 
TRP CB    HB3    sing N N 465 
TRP CG    CD1    doub Y N 466 
TRP CG    CD2    sing Y N 467 
TRP CD1   NE1    sing Y N 468 
TRP CD1   HD1    sing N N 469 
TRP CD2   CE2    doub Y N 470 
TRP CD2   CE3    sing Y N 471 
TRP NE1   CE2    sing Y N 472 
TRP NE1   HE1    sing N N 473 
TRP CE2   CZ2    sing Y N 474 
TRP CE3   CZ3    doub Y N 475 
TRP CE3   HE3    sing N N 476 
TRP CZ2   CH2    doub Y N 477 
TRP CZ2   HZ2    sing N N 478 
TRP CZ3   CH2    sing Y N 479 
TRP CZ3   HZ3    sing N N 480 
TRP CH2   HH2    sing N N 481 
TRP OXT   HXT    sing N N 482 
TYR N     CA     sing N N 483 
TYR N     H      sing N N 484 
TYR N     H2     sing N N 485 
TYR CA    C      sing N N 486 
TYR CA    CB     sing N N 487 
TYR CA    HA     sing N N 488 
TYR C     O      doub N N 489 
TYR C     OXT    sing N N 490 
TYR CB    CG     sing N N 491 
TYR CB    HB2    sing N N 492 
TYR CB    HB3    sing N N 493 
TYR CG    CD1    doub Y N 494 
TYR CG    CD2    sing Y N 495 
TYR CD1   CE1    sing Y N 496 
TYR CD1   HD1    sing N N 497 
TYR CD2   CE2    doub Y N 498 
TYR CD2   HD2    sing N N 499 
TYR CE1   CZ     doub Y N 500 
TYR CE1   HE1    sing N N 501 
TYR CE2   CZ     sing Y N 502 
TYR CE2   HE2    sing N N 503 
TYR CZ    OH     sing N N 504 
TYR OH    HH     sing N N 505 
TYR OXT   HXT    sing N N 506 
VAL N     CA     sing N N 507 
VAL N     H      sing N N 508 
VAL N     H2     sing N N 509 
VAL CA    C      sing N N 510 
VAL CA    CB     sing N N 511 
VAL CA    HA     sing N N 512 
VAL C     O      doub N N 513 
VAL C     OXT    sing N N 514 
VAL CB    CG1    sing N N 515 
VAL CB    CG2    sing N N 516 
VAL CB    HB     sing N N 517 
VAL CG1   HG11   sing N N 518 
VAL CG1   HG12   sing N N 519 
VAL CG1   HG13   sing N N 520 
VAL CG2   HG21   sing N N 521 
VAL CG2   HG22   sing N N 522 
VAL CG2   HG23   sing N N 523 
VAL OXT   HXT    sing N N 524 
# 
loop_
_ndb_struct_conf_na.entry_id 
_ndb_struct_conf_na.feature 
1BC8 'double helix'        
1BC8 'b-form double helix' 
# 
loop_
_ndb_struct_na_base_pair.model_number 
_ndb_struct_na_base_pair.i_label_asym_id 
_ndb_struct_na_base_pair.i_label_comp_id 
_ndb_struct_na_base_pair.i_label_seq_id 
_ndb_struct_na_base_pair.i_symmetry 
_ndb_struct_na_base_pair.j_label_asym_id 
_ndb_struct_na_base_pair.j_label_comp_id 
_ndb_struct_na_base_pair.j_label_seq_id 
_ndb_struct_na_base_pair.j_symmetry 
_ndb_struct_na_base_pair.shear 
_ndb_struct_na_base_pair.stretch 
_ndb_struct_na_base_pair.stagger 
_ndb_struct_na_base_pair.buckle 
_ndb_struct_na_base_pair.propeller 
_ndb_struct_na_base_pair.opening 
_ndb_struct_na_base_pair.pair_number 
_ndb_struct_na_base_pair.pair_name 
_ndb_struct_na_base_pair.i_auth_asym_id 
_ndb_struct_na_base_pair.i_auth_seq_id 
_ndb_struct_na_base_pair.i_PDB_ins_code 
_ndb_struct_na_base_pair.j_auth_asym_id 
_ndb_struct_na_base_pair.j_auth_seq_id 
_ndb_struct_na_base_pair.j_PDB_ins_code 
_ndb_struct_na_base_pair.hbond_type_28 
_ndb_struct_na_base_pair.hbond_type_12 
1 A DA 2  1_555 B DT 10 1_555 0.165  -0.009 -0.497 0.095   -9.245  0.517  1 A_DA2:DT20_B  A 2  ? B 20 ? 20 1 
1 A DC 3  1_555 B DG 9  1_555 0.160  -0.005 -0.543 3.628   -14.196 0.993  2 A_DC3:DG19_B  A 3  ? B 19 ? 19 1 
1 A DC 4  1_555 B DG 8  1_555 0.046  -0.085 0.273  -23.477 -1.943  0.552  3 A_DC4:DG18_B  A 4  ? B 18 ? 19 1 
1 A DG 5  1_555 B DC 7  1_555 0.052  0.068  0.328  10.137  5.488   2.826  4 A_DG5:DC17_B  A 5  ? B 17 ? 19 1 
1 A DG 6  1_555 B DC 6  1_555 -0.650 -0.072 0.091  7.212   -7.206  1.572  5 A_DG6:DC16_B  A 6  ? B 16 ? 19 1 
1 A DA 7  1_555 B DT 5  1_555 0.182  0.030  -0.039 9.134   -14.362 -0.393 6 A_DA7:DT15_B  A 7  ? B 15 ? 20 1 
1 A DA 8  1_555 B DT 4  1_555 0.204  -0.094 0.143  7.497   -16.131 2.718  7 A_DA8:DT14_B  A 8  ? B 14 ? 20 1 
1 A DG 9  1_555 B DC 3  1_555 -0.343 -0.006 0.174  -7.032  -14.179 1.848  8 A_DG9:DC13_B  A 9  ? B 13 ? 19 1 
1 A DT 10 1_555 B DA 2  1_555 0.098  -0.120 0.054  -5.566  -12.534 3.440  9 A_DT10:DA12_B A 10 ? B 12 ? 20 1 
# 
loop_
_ndb_struct_na_base_pair_step.model_number 
_ndb_struct_na_base_pair_step.i_label_asym_id_1 
_ndb_struct_na_base_pair_step.i_label_comp_id_1 
_ndb_struct_na_base_pair_step.i_label_seq_id_1 
_ndb_struct_na_base_pair_step.i_symmetry_1 
_ndb_struct_na_base_pair_step.j_label_asym_id_1 
_ndb_struct_na_base_pair_step.j_label_comp_id_1 
_ndb_struct_na_base_pair_step.j_label_seq_id_1 
_ndb_struct_na_base_pair_step.j_symmetry_1 
_ndb_struct_na_base_pair_step.i_label_asym_id_2 
_ndb_struct_na_base_pair_step.i_label_comp_id_2 
_ndb_struct_na_base_pair_step.i_label_seq_id_2 
_ndb_struct_na_base_pair_step.i_symmetry_2 
_ndb_struct_na_base_pair_step.j_label_asym_id_2 
_ndb_struct_na_base_pair_step.j_label_comp_id_2 
_ndb_struct_na_base_pair_step.j_label_seq_id_2 
_ndb_struct_na_base_pair_step.j_symmetry_2 
_ndb_struct_na_base_pair_step.shift 
_ndb_struct_na_base_pair_step.slide 
_ndb_struct_na_base_pair_step.rise 
_ndb_struct_na_base_pair_step.tilt 
_ndb_struct_na_base_pair_step.roll 
_ndb_struct_na_base_pair_step.twist 
_ndb_struct_na_base_pair_step.x_displacement 
_ndb_struct_na_base_pair_step.y_displacement 
_ndb_struct_na_base_pair_step.helical_rise 
_ndb_struct_na_base_pair_step.inclination 
_ndb_struct_na_base_pair_step.tip 
_ndb_struct_na_base_pair_step.helical_twist 
_ndb_struct_na_base_pair_step.step_number 
_ndb_struct_na_base_pair_step.step_name 
_ndb_struct_na_base_pair_step.i_auth_asym_id_1 
_ndb_struct_na_base_pair_step.i_auth_seq_id_1 
_ndb_struct_na_base_pair_step.i_PDB_ins_code_1 
_ndb_struct_na_base_pair_step.j_auth_asym_id_1 
_ndb_struct_na_base_pair_step.j_auth_seq_id_1 
_ndb_struct_na_base_pair_step.j_PDB_ins_code_1 
_ndb_struct_na_base_pair_step.i_auth_asym_id_2 
_ndb_struct_na_base_pair_step.i_auth_seq_id_2 
_ndb_struct_na_base_pair_step.i_PDB_ins_code_2 
_ndb_struct_na_base_pair_step.j_auth_asym_id_2 
_ndb_struct_na_base_pair_step.j_auth_seq_id_2 
_ndb_struct_na_base_pair_step.j_PDB_ins_code_2 
1 A DA 2 1_555 B DT 10 1_555 A DC 3  1_555 B DG 9 1_555 0.590  -0.827 3.134 1.250  5.886  34.622 -2.198 -0.801 2.976 9.798  -2.081 
35.125 1 AA_DA2DC3:DG19DT20_BB  A 2 ? B 20 ? A 3  ? B 19 ? 
1 A DC 3 1_555 B DG 9  1_555 A DC 4  1_555 B DG 8 1_555 0.079  -0.598 3.849 -4.746 11.411 35.044 -2.697 -0.856 3.455 18.263 7.595  
37.094 2 AA_DC3DC4:DG18DG19_BB  A 3 ? B 19 ? A 4  ? B 18 ? 
1 A DC 4 1_555 B DG 8  1_555 A DG 5  1_555 B DC 7 1_555 -0.014 0.730  2.756 -1.728 2.293  27.061 1.062  -0.339 2.802 4.882  3.679  
27.210 3 AA_DC4DG5:DC17DG18_BB  A 4 ? B 18 ? A 5  ? B 17 ? 
1 A DG 5 1_555 B DC 7  1_555 A DG 6  1_555 B DC 6 1_555 -0.872 -0.556 3.381 -0.376 3.945  33.067 -1.644 1.457  3.304 6.900  0.658  
33.297 4 AA_DG5DG6:DC16DC17_BB  A 5 ? B 17 ? A 6  ? B 16 ? 
1 A DG 6 1_555 B DC 6  1_555 A DA 7  1_555 B DT 5 1_555 -0.277 -0.499 3.259 0.197  7.633  33.391 -2.027 0.501  3.072 13.073 -0.338 
34.229 5 AA_DG6DA7:DT15DC16_BB  A 6 ? B 16 ? A 7  ? B 15 ? 
1 A DA 7 1_555 B DT 5  1_555 A DA 8  1_555 B DT 4 1_555 0.156  -0.344 3.240 -0.382 5.476  30.628 -1.670 -0.362 3.131 10.263 0.716  
31.105 6 AA_DA7DA8:DT14DT15_BB  A 7 ? B 15 ? A 8  ? B 14 ? 
1 A DA 8 1_555 B DT 4  1_555 A DG 9  1_555 B DC 3 1_555 -0.120 -0.721 3.431 -3.993 6.045  40.751 -1.692 -0.273 3.293 8.599  5.680  
41.363 7 AA_DA8DG9:DC13DT14_BB  A 8 ? B 14 ? A 9  ? B 13 ? 
1 A DG 9 1_555 B DC 3  1_555 A DT 10 1_555 B DA 2 1_555 -0.862 -0.742 3.165 0.810  3.123  29.499 -2.075 1.845  3.048 6.111  -1.584 
29.671 8 AA_DG9DT10:DA12DC13_BB A 9 ? B 13 ? A 10 ? B 12 ? 
# 
_atom_sites.entry_id                    1BC8 
_atom_sites.fract_transf_matrix[1][1]   0.01931932 
_atom_sites.fract_transf_matrix[1][2]   0.00037552 
_atom_sites.fract_transf_matrix[1][3]   -0.02691238 
_atom_sites.fract_transf_matrix[2][1]   0.01455513 
_atom_sites.fract_transf_matrix[2][2]   -0.00143665 
_atom_sites.fract_transf_matrix[2][3]   0.01042850 
_atom_sites.fract_transf_matrix[3][1]   0.00275090 
_atom_sites.fract_transf_matrix[3][2]   -0.02245566 
_atom_sites.fract_transf_matrix[3][3]   -0.00693299 
_atom_sites.fract_transf_vector[1]      0.151474 
_atom_sites.fract_transf_vector[2]      -0.012206 
_atom_sites.fract_transf_vector[3]      0.157434 
# 
loop_
_atom_type.symbol 
C  
N  
O  
P  
S  
ZN 
# 
loop_
_atom_site.group_PDB 
_atom_site.id 
_atom_site.type_symbol 
_atom_site.label_atom_id 
_atom_site.label_alt_id 
_atom_site.label_comp_id 
_atom_site.label_asym_id 
_atom_site.label_entity_id 
_atom_site.label_seq_id 
_atom_site.pdbx_PDB_ins_code 
_atom_site.Cartn_x 
_atom_site.Cartn_y 
_atom_site.Cartn_z 
_atom_site.occupancy 
_atom_site.B_iso_or_equiv 
_atom_site.pdbx_formal_charge 
_atom_site.auth_seq_id 
_atom_site.auth_comp_id 
_atom_site.auth_asym_id 
_atom_site.auth_atom_id 
_atom_site.pdbx_PDB_model_num 
ATOM   1    O  "O5'" . DT  A 1 1  ? 18.802  -3.881  -7.842  1.00 17.18 ? 1   DT  A "O5'" 1 
ATOM   2    C  "C5'" . DT  A 1 1  ? 18.716  -2.571  -8.421  1.00 12.46 ? 1   DT  A "C5'" 1 
ATOM   3    C  "C4'" . DT  A 1 1  ? 17.388  -2.337  -9.098  1.00 18.60 ? 1   DT  A "C4'" 1 
ATOM   4    O  "O4'" . DT  A 1 1  ? 17.387  -2.996  -10.390 1.00 20.04 ? 1   DT  A "O4'" 1 
ATOM   5    C  "C3'" . DT  A 1 1  ? 16.206  -2.915  -8.319  1.00 16.09 ? 1   DT  A "C3'" 1 
ATOM   6    O  "O3'" . DT  A 1 1  ? 15.076  -2.045  -8.331  1.00 15.10 ? 1   DT  A "O3'" 1 
ATOM   7    C  "C2'" . DT  A 1 1  ? 15.860  -4.182  -9.074  1.00 14.72 ? 1   DT  A "C2'" 1 
ATOM   8    C  "C1'" . DT  A 1 1  ? 16.240  -3.833  -10.498 1.00 15.05 ? 1   DT  A "C1'" 1 
ATOM   9    N  N1    . DT  A 1 1  ? 16.603  -5.035  -11.284 1.00 14.53 ? 1   DT  A N1    1 
ATOM   10   C  C2    . DT  A 1 1  ? 15.910  -5.303  -12.444 1.00 18.55 ? 1   DT  A C2    1 
ATOM   11   O  O2    . DT  A 1 1  ? 15.052  -4.583  -12.916 1.00 13.78 ? 1   DT  A O2    1 
ATOM   12   N  N3    . DT  A 1 1  ? 16.260  -6.464  -13.049 1.00 16.23 ? 1   DT  A N3    1 
ATOM   13   C  C4    . DT  A 1 1  ? 17.194  -7.391  -12.634 1.00 18.17 ? 1   DT  A C4    1 
ATOM   14   O  O4    . DT  A 1 1  ? 17.344  -8.433  -13.274 1.00 18.13 ? 1   DT  A O4    1 
ATOM   15   C  C5    . DT  A 1 1  ? 17.918  -7.033  -11.437 1.00 16.52 ? 1   DT  A C5    1 
ATOM   16   C  C7    . DT  A 1 1  ? 18.987  -7.945  -10.924 1.00 16.20 ? 1   DT  A C7    1 
ATOM   17   C  C6    . DT  A 1 1  ? 17.596  -5.885  -10.834 1.00 17.00 ? 1   DT  A C6    1 
ATOM   18   P  P     . DA  A 1 2  ? 13.723  -2.487  -7.562  1.00 16.79 ? 2   DA  A P     1 
ATOM   19   O  OP1   . DA  A 1 2  ? 13.238  -1.336  -6.745  1.00 17.73 ? 2   DA  A OP1   1 
ATOM   20   O  OP2   . DA  A 1 2  ? 13.954  -3.810  -6.905  1.00 17.63 ? 2   DA  A OP2   1 
ATOM   21   O  "O5'" . DA  A 1 2  ? 12.694  -2.743  -8.748  1.00 19.10 ? 2   DA  A "O5'" 1 
ATOM   22   C  "C5'" . DA  A 1 2  ? 12.350  -1.705  -9.663  1.00 17.15 ? 2   DA  A "C5'" 1 
ATOM   23   C  "C4'" . DA  A 1 2  ? 11.191  -2.148  -10.527 1.00 13.00 ? 2   DA  A "C4'" 1 
ATOM   24   O  "O4'" . DA  A 1 2  ? 11.623  -3.243  -11.373 1.00 17.27 ? 2   DA  A "O4'" 1 
ATOM   25   C  "C3'" . DA  A 1 2  ? 9.984   -2.666  -9.740  1.00 16.19 ? 2   DA  A "C3'" 1 
ATOM   26   O  "O3'" . DA  A 1 2  ? 8.773   -2.245  -10.388 1.00 13.90 ? 2   DA  A "O3'" 1 
ATOM   27   C  "C2'" . DA  A 1 2  ? 10.162  -4.177  -9.774  1.00 13.74 ? 2   DA  A "C2'" 1 
ATOM   28   C  "C1'" . DA  A 1 2  ? 10.852  -4.413  -11.115 1.00 14.39 ? 2   DA  A "C1'" 1 
ATOM   29   N  N9    . DA  A 1 2  ? 11.759  -5.568  -11.145 1.00 14.09 ? 2   DA  A N9    1 
ATOM   30   C  C8    . DA  A 1 2  ? 12.790  -5.860  -10.284 1.00 16.98 ? 2   DA  A C8    1 
ATOM   31   N  N7    . DA  A 1 2  ? 13.406  -6.985  -10.559 1.00 18.93 ? 2   DA  A N7    1 
ATOM   32   C  C5    . DA  A 1 2  ? 12.741  -7.468  -11.678 1.00 15.08 ? 2   DA  A C5    1 
ATOM   33   C  C6    . DA  A 1 2  ? 12.899  -8.639  -12.451 1.00 18.66 ? 2   DA  A C6    1 
ATOM   34   N  N6    . DA  A 1 2  ? 13.817  -9.575  -12.209 1.00 14.45 ? 2   DA  A N6    1 
ATOM   35   N  N1    . DA  A 1 2  ? 12.068  -8.816  -13.495 1.00 20.40 ? 2   DA  A N1    1 
ATOM   36   C  C2    . DA  A 1 2  ? 11.149  -7.881  -13.749 1.00 16.64 ? 2   DA  A C2    1 
ATOM   37   N  N3    . DA  A 1 2  ? 10.898  -6.747  -13.103 1.00 13.95 ? 2   DA  A N3    1 
ATOM   38   C  C4    . DA  A 1 2  ? 11.734  -6.599  -12.059 1.00 15.74 ? 2   DA  A C4    1 
ATOM   39   P  P     . DC  A 1 3  ? 7.350   -2.593  -9.736  1.00 14.83 ? 3   DC  A P     1 
ATOM   40   O  OP1   . DC  A 1 3  ? 6.357   -1.606  -10.199 1.00 19.09 ? 3   DC  A OP1   1 
ATOM   41   O  OP2   . DC  A 1 3  ? 7.576   -2.797  -8.288  1.00 15.53 ? 3   DC  A OP2   1 
ATOM   42   O  "O5'" . DC  A 1 3  ? 6.959   -4.004  -10.364 1.00 14.21 ? 3   DC  A "O5'" 1 
ATOM   43   C  "C5'" . DC  A 1 3  ? 6.978   -4.207  -11.774 1.00 16.00 ? 3   DC  A "C5'" 1 
ATOM   44   C  "C4'" . DC  A 1 3  ? 6.502   -5.599  -12.122 1.00 15.51 ? 3   DC  A "C4'" 1 
ATOM   45   O  "O4'" . DC  A 1 3  ? 7.629   -6.512  -12.122 1.00 18.24 ? 3   DC  A "O4'" 1 
ATOM   46   C  "C3'" . DC  A 1 3  ? 5.440   -6.216  -11.205 1.00 17.28 ? 3   DC  A "C3'" 1 
ATOM   47   O  "O3'" . DC  A 1 3  ? 4.377   -6.738  -12.009 1.00 15.26 ? 3   DC  A "O3'" 1 
ATOM   48   C  "C2'" . DC  A 1 3  ? 6.188   -7.322  -10.474 1.00 17.05 ? 3   DC  A "C2'" 1 
ATOM   49   C  "C1'" . DC  A 1 3  ? 7.262   -7.715  -11.474 1.00 13.47 ? 3   DC  A "C1'" 1 
ATOM   50   N  N1    . DC  A 1 3  ? 8.489   -8.334  -10.920 1.00 14.95 ? 3   DC  A N1    1 
ATOM   51   C  C2    . DC  A 1 3  ? 9.026   -9.473  -11.563 1.00 14.31 ? 3   DC  A C2    1 
ATOM   52   O  O2    . DC  A 1 3  ? 8.463   -9.925  -12.573 1.00 13.83 ? 3   DC  A O2    1 
ATOM   53   N  N3    . DC  A 1 3  ? 10.142  -10.050 -11.062 1.00 17.87 ? 3   DC  A N3    1 
ATOM   54   C  C4    . DC  A 1 3  ? 10.723  -9.547  -9.968  1.00 15.67 ? 3   DC  A C4    1 
ATOM   55   N  N4    . DC  A 1 3  ? 11.820  -10.158 -9.511  1.00 17.05 ? 3   DC  A N4    1 
ATOM   56   C  C5    . DC  A 1 3  ? 10.202  -8.396  -9.293  1.00 17.58 ? 3   DC  A C5    1 
ATOM   57   C  C6    . DC  A 1 3  ? 9.097   -7.826  -9.801  1.00 15.35 ? 3   DC  A C6    1 
ATOM   58   P  P     . DC  A 1 4  ? 3.073   -7.387  -11.317 1.00 13.52 ? 4   DC  A P     1 
ATOM   59   O  OP1   . DC  A 1 4  ? 1.883   -7.056  -12.148 1.00 11.14 ? 4   DC  A OP1   1 
ATOM   60   O  OP2   . DC  A 1 4  ? 3.073   -7.057  -9.868  1.00 14.42 ? 4   DC  A OP2   1 
ATOM   61   O  "O5'" . DC  A 1 4  ? 3.342   -8.950  -11.438 1.00 18.88 ? 4   DC  A "O5'" 1 
ATOM   62   C  "C5'" . DC  A 1 4  ? 3.780   -9.520  -12.670 1.00 17.04 ? 4   DC  A "C5'" 1 
ATOM   63   C  "C4'" . DC  A 1 4  ? 3.717   -11.026 -12.602 1.00 13.77 ? 4   DC  A "C4'" 1 
ATOM   64   O  "O4'" . DC  A 1 4  ? 5.061   -11.518 -12.365 1.00 16.13 ? 4   DC  A "O4'" 1 
ATOM   65   C  "C3'" . DC  A 1 4  ? 2.854   -11.520 -11.440 1.00 14.89 ? 4   DC  A "C3'" 1 
ATOM   66   O  "O3'" . DC  A 1 4  ? 1.843   -12.434 -11.827 1.00 21.15 ? 4   DC  A "O3'" 1 
ATOM   67   C  "C2'" . DC  A 1 4  ? 3.821   -12.182 -10.483 1.00 14.30 ? 4   DC  A "C2'" 1 
ATOM   68   C  "C1'" . DC  A 1 4  ? 5.070   -12.459 -11.301 1.00 15.84 ? 4   DC  A "C1'" 1 
ATOM   69   N  N1    . DC  A 1 4  ? 6.267   -12.223 -10.469 1.00 17.22 ? 4   DC  A N1    1 
ATOM   70   C  C2    . DC  A 1 4  ? 7.159   -13.287 -10.223 1.00 16.52 ? 4   DC  A C2    1 
ATOM   71   O  O2    . DC  A 1 4  ? 6.975   -14.381 -10.787 1.00 17.28 ? 4   DC  A O2    1 
ATOM   72   N  N3    . DC  A 1 4  ? 8.190   -13.095 -9.370  1.00 15.50 ? 4   DC  A N3    1 
ATOM   73   C  C4    . DC  A 1 4  ? 8.352   -11.909 -8.770  1.00 13.37 ? 4   DC  A C4    1 
ATOM   74   N  N4    . DC  A 1 4  ? 9.347   -11.783 -7.896  1.00 17.30 ? 4   DC  A N4    1 
ATOM   75   C  C5    . DC  A 1 4  ? 7.492   -10.805 -9.033  1.00 13.99 ? 4   DC  A C5    1 
ATOM   76   C  C6    . DC  A 1 4  ? 6.480   -10.999 -9.890  1.00 16.58 ? 4   DC  A C6    1 
ATOM   77   P  P     . DG  A 1 5  ? 0.573   -12.652 -10.864 1.00 16.98 ? 5   DG  A P     1 
ATOM   78   O  OP1   . DG  A 1 5  ? -0.646  -12.448 -11.672 1.00 14.91 ? 5   DG  A OP1   1 
ATOM   79   O  OP2   . DG  A 1 5  ? 0.749   -11.886 -9.603  1.00 16.97 ? 5   DG  A OP2   1 
ATOM   80   O  "O5'" . DG  A 1 5  ? 0.676   -14.197 -10.490 1.00 15.22 ? 5   DG  A "O5'" 1 
ATOM   81   C  "C5'" . DG  A 1 5  ? 0.871   -15.189 -11.501 1.00 16.43 ? 5   DG  A "C5'" 1 
ATOM   82   C  "C4'" . DG  A 1 5  ? 1.512   -16.423 -10.905 1.00 19.88 ? 5   DG  A "C4'" 1 
ATOM   83   O  "O4'" . DG  A 1 5  ? 2.816   -16.089 -10.371 1.00 15.74 ? 5   DG  A "O4'" 1 
ATOM   84   C  "C3'" . DG  A 1 5  ? 0.744   -17.064 -9.751  1.00 19.76 ? 5   DG  A "C3'" 1 
ATOM   85   O  "O3'" . DG  A 1 5  ? 0.927   -18.482 -9.816  1.00 16.42 ? 5   DG  A "O3'" 1 
ATOM   86   C  "C2'" . DG  A 1 5  ? 1.440   -16.506 -8.521  1.00 15.59 ? 5   DG  A "C2'" 1 
ATOM   87   C  "C1'" . DG  A 1 5  ? 2.877   -16.445 -8.996  1.00 16.34 ? 5   DG  A "C1'" 1 
ATOM   88   N  N9    . DG  A 1 5  ? 3.733   -15.481 -8.307  1.00 14.70 ? 5   DG  A N9    1 
ATOM   89   C  C8    . DG  A 1 5  ? 3.423   -14.190 -7.941  1.00 15.36 ? 5   DG  A C8    1 
ATOM   90   N  N7    . DG  A 1 5  ? 4.401   -13.587 -7.319  1.00 15.80 ? 5   DG  A N7    1 
ATOM   91   C  C5    . DG  A 1 5  ? 5.419   -14.534 -7.275  1.00 16.23 ? 5   DG  A C5    1 
ATOM   92   C  C6    . DG  A 1 5  ? 6.720   -14.462 -6.712  1.00 15.00 ? 5   DG  A C6    1 
ATOM   93   O  O6    . DG  A 1 5  ? 7.247   -13.518 -6.120  1.00 19.50 ? 5   DG  A O6    1 
ATOM   94   N  N1    . DG  A 1 5  ? 7.424   -15.656 -6.888  1.00 17.96 ? 5   DG  A N1    1 
ATOM   95   C  C2    . DG  A 1 5  ? 6.929   -16.774 -7.525  1.00 19.25 ? 5   DG  A C2    1 
ATOM   96   N  N2    . DG  A 1 5  ? 7.748   -17.845 -7.615  1.00 16.42 ? 5   DG  A N2    1 
ATOM   97   N  N3    . DG  A 1 5  ? 5.719   -16.849 -8.043  1.00 15.96 ? 5   DG  A N3    1 
ATOM   98   C  C4    . DG  A 1 5  ? 5.022   -15.704 -7.884  1.00 14.08 ? 5   DG  A C4    1 
ATOM   99   P  P     . DG  A 1 6  ? 0.051   -19.458 -8.882  1.00 15.18 ? 6   DG  A P     1 
ATOM   100  O  OP1   . DG  A 1 6  ? -0.974  -20.115 -9.742  1.00 15.91 ? 6   DG  A OP1   1 
ATOM   101  O  OP2   . DG  A 1 6  ? -0.373  -18.760 -7.636  1.00 17.41 ? 6   DG  A OP2   1 
ATOM   102  O  "O5'" . DG  A 1 6  ? 1.107   -20.573 -8.471  1.00 14.00 ? 6   DG  A "O5'" 1 
ATOM   103  C  "C5'" . DG  A 1 6  ? 1.982   -21.141 -9.441  1.00 17.89 ? 6   DG  A "C5'" 1 
ATOM   104  C  "C4'" . DG  A 1 6  ? 3.093   -21.895 -8.756  1.00 14.78 ? 6   DG  A "C4'" 1 
ATOM   105  O  "O4'" . DG  A 1 6  ? 4.059   -20.996 -8.163  1.00 16.57 ? 6   DG  A "O4'" 1 
ATOM   106  C  "C3'" . DG  A 1 6  ? 2.620   -22.808 -7.631  1.00 17.24 ? 6   DG  A "C3'" 1 
ATOM   107  O  "O3'" . DG  A 1 6  ? 3.367   -24.014 -7.686  1.00 16.38 ? 6   DG  A "O3'" 1 
ATOM   108  C  "C2'" . DG  A 1 6  ? 2.938   -22.021 -6.370  1.00 15.42 ? 6   DG  A "C2'" 1 
ATOM   109  C  "C1'" . DG  A 1 6  ? 4.183   -21.241 -6.762  1.00 16.24 ? 6   DG  A "C1'" 1 
ATOM   110  N  N9    . DG  A 1 6  ? 4.323   -19.943 -6.102  1.00 13.81 ? 6   DG  A N9    1 
ATOM   111  C  C8    . DG  A 1 6  ? 3.395   -18.926 -6.077  1.00 14.47 ? 6   DG  A C8    1 
ATOM   112  N  N7    . DG  A 1 6  ? 3.825   -17.855 -5.472  1.00 20.23 ? 6   DG  A N7    1 
ATOM   113  C  C5    . DG  A 1 6  ? 5.106   -18.185 -5.053  1.00 12.59 ? 6   DG  A C5    1 
ATOM   114  C  C6    . DG  A 1 6  ? 6.068   -17.411 -4.349  1.00 15.44 ? 6   DG  A C6    1 
ATOM   115  O  O6    . DG  A 1 6  ? 5.977   -16.239 -3.955  1.00 14.65 ? 6   DG  A O6    1 
ATOM   116  N  N1    . DG  A 1 6  ? 7.234   -18.134 -4.113  1.00 15.46 ? 6   DG  A N1    1 
ATOM   117  C  C2    . DG  A 1 6  ? 7.442   -19.440 -4.498  1.00 17.09 ? 6   DG  A C2    1 
ATOM   118  N  N2    . DG  A 1 6  ? 8.616   -19.985 -4.144  1.00 18.97 ? 6   DG  A N2    1 
ATOM   119  N  N3    . DG  A 1 6  ? 6.559   -20.163 -5.174  1.00 15.05 ? 6   DG  A N3    1 
ATOM   120  C  C4    . DG  A 1 6  ? 5.423   -19.478 -5.413  1.00 17.38 ? 6   DG  A C4    1 
ATOM   121  P  P     . DA  A 1 7  ? 2.977   -25.232 -6.728  1.00 16.48 ? 7   DA  A P     1 
ATOM   122  O  OP1   . DA  A 1 7  ? 3.496   -26.459 -7.383  1.00 17.89 ? 7   DA  A OP1   1 
ATOM   123  O  OP2   . DA  A 1 7  ? 1.533   -25.130 -6.377  1.00 14.37 ? 7   DA  A OP2   1 
ATOM   124  O  "O5'" . DA  A 1 7  ? 3.839   -24.933 -5.428  1.00 16.83 ? 7   DA  A "O5'" 1 
ATOM   125  C  "C5'" . DA  A 1 7  ? 5.250   -25.051 -5.461  1.00 16.03 ? 7   DA  A "C5'" 1 
ATOM   126  C  "C4'" . DA  A 1 7  ? 5.813   -24.893 -4.070  1.00 17.62 ? 7   DA  A "C4'" 1 
ATOM   127  O  "O4'" . DA  A 1 7  ? 5.899   -23.494 -3.694  1.00 18.57 ? 7   DA  A "O4'" 1 
ATOM   128  C  "C3'" . DA  A 1 7  ? 5.043   -25.604 -2.951  1.00 17.77 ? 7   DA  A "C3'" 1 
ATOM   129  O  "O3'" . DA  A 1 7  ? 5.985   -26.316 -2.149  1.00 18.36 ? 7   DA  A "O3'" 1 
ATOM   130  C  "C2'" . DA  A 1 7  ? 4.398   -24.456 -2.181  1.00 13.69 ? 7   DA  A "C2'" 1 
ATOM   131  C  "C1'" . DA  A 1 7  ? 5.398   -23.322 -2.377  1.00 17.20 ? 7   DA  A "C1'" 1 
ATOM   132  N  N9    . DA  A 1 7  ? 4.868   -21.956 -2.276  1.00 17.33 ? 7   DA  A N9    1 
ATOM   133  C  C8    . DA  A 1 7  ? 3.657   -21.472 -2.705  1.00 16.28 ? 7   DA  A C8    1 
ATOM   134  N  N7    . DA  A 1 7  ? 3.494   -20.187 -2.487  1.00 15.88 ? 7   DA  A N7    1 
ATOM   135  C  C5    . DA  A 1 7  ? 4.674   -19.800 -1.866  1.00 16.34 ? 7   DA  A C5    1 
ATOM   136  C  C6    . DA  A 1 7  ? 5.132   -18.554 -1.382  1.00 19.38 ? 7   DA  A C6    1 
ATOM   137  N  N6    . DA  A 1 7  ? 4.425   -17.424 -1.442  1.00 14.51 ? 7   DA  A N6    1 
ATOM   138  N  N1    . DA  A 1 7  ? 6.365   -18.513 -0.823  1.00 16.03 ? 7   DA  A N1    1 
ATOM   139  C  C2    . DA  A 1 7  ? 7.076   -19.644 -0.764  1.00 17.05 ? 7   DA  A C2    1 
ATOM   140  N  N3    . DA  A 1 7  ? 6.754   -20.866 -1.181  1.00 15.82 ? 7   DA  A N3    1 
ATOM   141  C  C4    . DA  A 1 7  ? 5.528   -20.878 -1.727  1.00 14.88 ? 7   DA  A C4    1 
ATOM   142  P  P     . DA  A 1 8  ? 5.488   -27.277 -0.964  1.00 18.53 ? 8   DA  A P     1 
ATOM   143  O  OP1   . DA  A 1 8  ? 6.316   -28.509 -1.018  1.00 16.72 ? 8   DA  A OP1   1 
ATOM   144  O  OP2   . DA  A 1 8  ? 4.007   -27.379 -0.944  1.00 15.44 ? 8   DA  A OP2   1 
ATOM   145  O  "O5'" . DA  A 1 8  ? 5.939   -26.488 0.330   1.00 17.38 ? 8   DA  A "O5'" 1 
ATOM   146  C  "C5'" . DA  A 1 8  ? 7.297   -26.123 0.481   1.00 16.43 ? 8   DA  A "C5'" 1 
ATOM   147  C  "C4'" . DA  A 1 8  ? 7.443   -25.121 1.598   1.00 11.57 ? 8   DA  A "C4'" 1 
ATOM   148  O  "O4'" . DA  A 1 8  ? 6.812   -23.870 1.233   1.00 15.57 ? 8   DA  A "O4'" 1 
ATOM   149  C  "C3'" . DA  A 1 8  ? 6.817   -25.545 2.926   1.00 16.80 ? 8   DA  A "C3'" 1 
ATOM   150  O  "O3'" . DA  A 1 8  ? 7.753   -25.231 3.952   1.00 14.29 ? 8   DA  A "O3'" 1 
ATOM   151  C  "C2'" . DA  A 1 8  ? 5.573   -24.673 3.026   1.00 17.01 ? 8   DA  A "C2'" 1 
ATOM   152  C  "C1'" . DA  A 1 8  ? 6.059   -23.416 2.342   1.00 19.16 ? 8   DA  A "C1'" 1 
ATOM   153  N  N9    . DA  A 1 8  ? 5.041   -22.480 1.866   1.00 15.34 ? 8   DA  A N9    1 
ATOM   154  C  C8    . DA  A 1 8  ? 3.877   -22.714 1.175   1.00 16.04 ? 8   DA  A C8    1 
ATOM   155  N  N7    . DA  A 1 8  ? 3.183   -21.624 0.928   1.00 16.72 ? 8   DA  A N7    1 
ATOM   156  C  C5    . DA  A 1 8  ? 3.946   -20.606 1.489   1.00 14.75 ? 8   DA  A C5    1 
ATOM   157  C  C6    . DA  A 1 8  ? 3.766   -19.200 1.570   1.00 16.65 ? 8   DA  A C6    1 
ATOM   158  N  N6    . DA  A 1 8  ? 2.716   -18.549 1.056   1.00 15.60 ? 8   DA  A N6    1 
ATOM   159  N  N1    . DA  A 1 8  ? 4.721   -18.482 2.201   1.00 19.88 ? 8   DA  A N1    1 
ATOM   160  C  C2    . DA  A 1 8  ? 5.780   -19.127 2.707   1.00 19.47 ? 8   DA  A C2    1 
ATOM   161  N  N3    . DA  A 1 8  ? 6.062   -20.431 2.695   1.00 15.72 ? 8   DA  A N3    1 
ATOM   162  C  C4    . DA  A 1 8  ? 5.095   -21.121 2.065   1.00 15.50 ? 8   DA  A C4    1 
ATOM   163  P  P     . DG  A 1 9  ? 7.477   -25.665 5.470   1.00 14.96 ? 9   DG  A P     1 
ATOM   164  O  OP1   . DG  A 1 9  ? 8.626   -26.488 5.915   1.00 15.46 ? 9   DG  A OP1   1 
ATOM   165  O  OP2   . DG  A 1 9  ? 6.095   -26.189 5.597   1.00 13.77 ? 9   DG  A OP2   1 
ATOM   166  O  "O5'" . DG  A 1 9  ? 7.535   -24.267 6.231   1.00 13.48 ? 9   DG  A "O5'" 1 
ATOM   167  C  "C5'" . DG  A 1 9  ? 8.721   -23.484 6.207   1.00 16.11 ? 9   DG  A "C5'" 1 
ATOM   168  C  "C4'" . DG  A 1 9  ? 8.518   -22.212 6.995   1.00 18.04 ? 9   DG  A "C4'" 1 
ATOM   169  O  "O4'" . DG  A 1 9  ? 7.627   -21.332 6.269   1.00 14.73 ? 9   DG  A "O4'" 1 
ATOM   170  C  "C3'" . DG  A 1 9  ? 7.907   -22.397 8.385   1.00 16.72 ? 9   DG  A "C3'" 1 
ATOM   171  O  "O3'" . DG  A 1 9  ? 8.569   -21.538 9.315   1.00 19.93 ? 9   DG  A "O3'" 1 
ATOM   172  C  "C2'" . DG  A 1 9  ? 6.456   -21.998 8.195   1.00 14.67 ? 9   DG  A "C2'" 1 
ATOM   173  C  "C1'" . DG  A 1 9  ? 6.536   -20.952 7.095   1.00 20.49 ? 9   DG  A "C1'" 1 
ATOM   174  N  N9    . DG  A 1 9  ? 5.343   -20.877 6.255   1.00 14.69 ? 9   DG  A N9    1 
ATOM   175  C  C8    . DG  A 1 9  ? 4.761   -21.900 5.544   1.00 17.56 ? 9   DG  A C8    1 
ATOM   176  N  N7    . DG  A 1 9  ? 3.692   -21.530 4.896   1.00 15.14 ? 9   DG  A N7    1 
ATOM   177  C  C5    . DG  A 1 9  ? 3.559   -20.182 5.189   1.00 20.89 ? 9   DG  A C5    1 
ATOM   178  C  C6    . DG  A 1 9  ? 2.588   -19.258 4.772   1.00 16.26 ? 9   DG  A C6    1 
ATOM   179  O  O6    . DG  A 1 9  ? 1.618   -19.453 4.033   1.00 16.06 ? 9   DG  A O6    1 
ATOM   180  N  N1    . DG  A 1 9  ? 2.818   -17.988 5.304   1.00 17.21 ? 9   DG  A N1    1 
ATOM   181  C  C2    . DG  A 1 9  ? 3.867   -17.660 6.135   1.00 21.36 ? 9   DG  A C2    1 
ATOM   182  N  N2    . DG  A 1 9  ? 3.928   -16.383 6.555   1.00 14.52 ? 9   DG  A N2    1 
ATOM   183  N  N3    . DG  A 1 9  ? 4.790   -18.522 6.530   1.00 12.99 ? 9   DG  A N3    1 
ATOM   184  C  C4    . DG  A 1 9  ? 4.572   -19.758 6.024   1.00 17.78 ? 9   DG  A C4    1 
ATOM   185  P  P     . DT  A 1 10 ? 8.085   -21.476 10.847  1.00 16.26 ? 10  DT  A P     1 
ATOM   186  O  OP1   . DT  A 1 10 ? 9.278   -21.089 11.651  1.00 15.56 ? 10  DT  A OP1   1 
ATOM   187  O  OP2   . DT  A 1 10 ? 7.320   -22.700 11.209  1.00 13.41 ? 10  DT  A OP2   1 
ATOM   188  O  "O5'" . DT  A 1 10 ? 7.062   -20.248 10.852  1.00 13.59 ? 10  DT  A "O5'" 1 
ATOM   189  C  "C5'" . DT  A 1 10 ? 7.530   -18.919 10.621  1.00 15.79 ? 10  DT  A "C5'" 1 
ATOM   190  C  "C4'" . DT  A 1 10 ? 6.518   -17.908 11.105  1.00 16.32 ? 10  DT  A "C4'" 1 
ATOM   191  O  "O4'" . DT  A 1 10 ? 5.436   -17.792 10.155  1.00 16.97 ? 10  DT  A "O4'" 1 
ATOM   192  C  "C3'" . DT  A 1 10 ? 5.872   -18.221 12.454  1.00 18.99 ? 10  DT  A "C3'" 1 
ATOM   193  O  "O3'" . DT  A 1 10 ? 5.691   -17.005 13.177  1.00 15.40 ? 10  DT  A "O3'" 1 
ATOM   194  C  "C2'" . DT  A 1 10 ? 4.509   -18.767 12.064  1.00 16.43 ? 10  DT  A "C2'" 1 
ATOM   195  C  "C1'" . DT  A 1 10 ? 4.194   -17.962 10.810  1.00 17.74 ? 10  DT  A "C1'" 1 
ATOM   196  N  N1    . DT  A 1 10 ? 3.258   -18.590 9.844   1.00 15.83 ? 10  DT  A N1    1 
ATOM   197  C  C2    . DT  A 1 10 ? 2.293   -17.799 9.235   1.00 12.93 ? 10  DT  A C2    1 
ATOM   198  O  O2    . DT  A 1 10 ? 2.162   -16.606 9.447   1.00 17.43 ? 10  DT  A O2    1 
ATOM   199  N  N3    . DT  A 1 10 ? 1.478   -18.472 8.357   1.00 17.21 ? 10  DT  A N3    1 
ATOM   200  C  C4    . DT  A 1 10 ? 1.516   -19.817 8.034   1.00 13.38 ? 10  DT  A C4    1 
ATOM   201  O  O4    . DT  A 1 10 ? 0.708   -20.280 7.225   1.00 14.60 ? 10  DT  A O4    1 
ATOM   202  C  C5    . DT  A 1 10 ? 2.543   -20.583 8.705   1.00 14.93 ? 10  DT  A C5    1 
ATOM   203  C  C7    . DT  A 1 10 ? 2.662   -22.047 8.421   1.00 22.05 ? 10  DT  A C7    1 
ATOM   204  C  C6    . DT  A 1 10 ? 3.352   -19.941 9.563   1.00 18.59 ? 10  DT  A C6    1 
ATOM   205  O  "O5'" . DA  B 2 1  ? -8.344  -18.294 4.845   1.00 17.00 ? 11  DA  B "O5'" 1 
ATOM   206  C  "C5'" . DA  B 2 1  ? -9.336  -17.632 5.639   1.00 17.12 ? 11  DA  B "C5'" 1 
ATOM   207  C  "C4'" . DA  B 2 1  ? -8.871  -16.303 6.192   1.00 17.24 ? 11  DA  B "C4'" 1 
ATOM   208  O  "O4'" . DA  B 2 1  ? -7.835  -16.500 7.175   1.00 15.39 ? 11  DA  B "O4'" 1 
ATOM   209  C  "C3'" . DA  B 2 1  ? -8.293  -15.328 5.170   1.00 15.49 ? 11  DA  B "C3'" 1 
ATOM   210  O  "O3'" . DA  B 2 1  ? -8.678  -13.998 5.540   1.00 12.48 ? 11  DA  B "O3'" 1 
ATOM   211  C  "C2'" . DA  B 2 1  ? -6.789  -15.549 5.261   1.00 12.36 ? 11  DA  B "C2'" 1 
ATOM   212  C  "C1'" . DA  B 2 1  ? -6.553  -16.147 6.650   1.00 16.41 ? 11  DA  B "C1'" 1 
ATOM   213  N  N9    . DA  B 2 1  ? -5.787  -17.395 6.579   1.00 18.30 ? 11  DA  B N9    1 
ATOM   214  C  C8    . DA  B 2 1  ? -6.054  -18.443 5.723   1.00 12.44 ? 11  DA  B C8    1 
ATOM   215  N  N7    . DA  B 2 1  ? -5.274  -19.471 5.883   1.00 18.24 ? 11  DA  B N7    1 
ATOM   216  C  C5    . DA  B 2 1  ? -4.425  -19.081 6.898   1.00 17.90 ? 11  DA  B C5    1 
ATOM   217  C  C6    . DA  B 2 1  ? -3.392  -19.744 7.522   1.00 15.10 ? 11  DA  B C6    1 
ATOM   218  N  N6    . DA  B 2 1  ? -3.060  -20.991 7.228   1.00 13.54 ? 11  DA  B N6    1 
ATOM   219  N  N1    . DA  B 2 1  ? -2.716  -19.096 8.481   1.00 16.27 ? 11  DA  B N1    1 
ATOM   220  C  C2    . DA  B 2 1  ? -3.104  -17.855 8.799   1.00 17.24 ? 11  DA  B C2    1 
ATOM   221  N  N3    . DA  B 2 1  ? -4.086  -17.116 8.296   1.00 13.64 ? 11  DA  B N3    1 
ATOM   222  C  C4    . DA  B 2 1  ? -4.717  -17.798 7.330   1.00 16.16 ? 11  DA  B C4    1 
ATOM   223  P  P     . DA  B 2 2  ? -8.367  -12.765 4.564   1.00 14.94 ? 12  DA  B P     1 
ATOM   224  O  OP1   . DA  B 2 2  ? -9.304  -11.683 4.959   1.00 17.61 ? 12  DA  B OP1   1 
ATOM   225  O  OP2   . DA  B 2 2  ? -8.346  -13.231 3.159   1.00 18.50 ? 12  DA  B OP2   1 
ATOM   226  O  "O5'" . DA  B 2 2  ? -6.894  -12.353 4.986   1.00 17.56 ? 12  DA  B "O5'" 1 
ATOM   227  C  "C5'" . DA  B 2 2  ? -6.649  -11.792 6.270   1.00 18.44 ? 12  DA  B "C5'" 1 
ATOM   228  C  "C4'" . DA  B 2 2  ? -5.176  -11.519 6.452   1.00 15.29 ? 12  DA  B "C4'" 1 
ATOM   229  O  "O4'" . DA  B 2 2  ? -4.460  -12.762 6.631   1.00 16.60 ? 12  DA  B "O4'" 1 
ATOM   230  C  "C3'" . DA  B 2 2  ? -4.482  -10.791 5.298   1.00 18.11 ? 12  DA  B "C3'" 1 
ATOM   231  O  "O3'" . DA  B 2 2  ? -3.564  -9.832  5.828   1.00 17.19 ? 12  DA  B "O3'" 1 
ATOM   232  C  "C2'" . DA  B 2 2  ? -3.708  -11.898 4.608   1.00 17.52 ? 12  DA  B "C2'" 1 
ATOM   233  C  "C1'" . DA  B 2 2  ? -3.322  -12.763 5.793   1.00 16.14 ? 12  DA  B "C1'" 1 
ATOM   234  N  N9    . DA  B 2 2  ? -2.970  -14.154 5.501   1.00 17.57 ? 12  DA  B N9    1 
ATOM   235  C  C8    . DA  B 2 2  ? -3.417  -14.960 4.484   1.00 18.61 ? 12  DA  B C8    1 
ATOM   236  N  N7    . DA  B 2 2  ? -2.887  -16.156 4.486   1.00 18.80 ? 12  DA  B N7    1 
ATOM   237  C  C5    . DA  B 2 2  ? -2.036  -16.141 5.583   1.00 14.59 ? 12  DA  B C5    1 
ATOM   238  C  C6    . DA  B 2 2  ? -1.178  -17.113 6.130   1.00 15.40 ? 12  DA  B C6    1 
ATOM   239  N  N6    . DA  B 2 2  ? -1.023  -18.346 5.623   1.00 17.47 ? 12  DA  B N6    1 
ATOM   240  N  N1    . DA  B 2 2  ? -0.471  -16.774 7.231   1.00 17.32 ? 12  DA  B N1    1 
ATOM   241  C  C2    . DA  B 2 2  ? -0.627  -15.542 7.740   1.00 18.52 ? 12  DA  B C2    1 
ATOM   242  N  N3    . DA  B 2 2  ? -1.400  -14.550 7.316   1.00 17.23 ? 12  DA  B N3    1 
ATOM   243  C  C4    . DA  B 2 2  ? -2.085  -14.916 6.221   1.00 17.52 ? 12  DA  B C4    1 
ATOM   244  P  P     . DC  B 2 3  ? -3.044  -8.627  4.901   1.00 15.36 ? 13  DC  B P     1 
ATOM   245  O  OP1   . DC  B 2 3  ? -2.241  -7.705  5.745   1.00 16.49 ? 13  DC  B OP1   1 
ATOM   246  O  OP2   . DC  B 2 3  ? -4.233  -8.115  4.183   1.00 20.64 ? 13  DC  B OP2   1 
ATOM   247  O  "O5'" . DC  B 2 3  ? -2.081  -9.357  3.853   1.00 17.63 ? 13  DC  B "O5'" 1 
ATOM   248  C  "C5'" . DC  B 2 3  ? -0.668  -9.147  3.854   1.00 14.81 ? 13  DC  B "C5'" 1 
ATOM   249  C  "C4'" . DC  B 2 3  ? -0.018  -9.949  4.957   1.00 15.32 ? 13  DC  B "C4'" 1 
ATOM   250  O  "O4'" . DC  B 2 3  ? -0.422  -11.343 4.889   1.00 16.87 ? 13  DC  B "O4'" 1 
ATOM   251  C  "C3'" . DC  B 2 3  ? 1.510   -9.948  4.918   1.00 20.65 ? 13  DC  B "C3'" 1 
ATOM   252  O  "O3'" . DC  B 2 3  ? 2.072   -9.609  6.184   1.00 18.31 ? 13  DC  B "O3'" 1 
ATOM   253  C  "C2'" . DC  B 2 3  ? 1.876   -11.379 4.565   1.00 17.92 ? 13  DC  B "C2'" 1 
ATOM   254  C  "C1'" . DC  B 2 3  ? 0.708   -12.166 5.114   1.00 15.53 ? 13  DC  B "C1'" 1 
ATOM   255  N  N1    . DC  B 2 3  ? 0.507   -13.459 4.423   1.00 18.84 ? 13  DC  B N1    1 
ATOM   256  C  C2    . DC  B 2 3  ? 1.221   -14.585 4.879   1.00 16.15 ? 13  DC  B C2    1 
ATOM   257  O  O2    . DC  B 2 3  ? 1.977   -14.469 5.866   1.00 15.94 ? 13  DC  B O2    1 
ATOM   258  N  N3    . DC  B 2 3  ? 1.079   -15.766 4.227   1.00 14.57 ? 13  DC  B N3    1 
ATOM   259  C  C4    . DC  B 2 3  ? 0.277   -15.851 3.163   1.00 15.46 ? 13  DC  B C4    1 
ATOM   260  N  N4    . DC  B 2 3  ? 0.194   -17.030 2.534   1.00 20.68 ? 13  DC  B N4    1 
ATOM   261  C  C5    . DC  B 2 3  ? -0.473  -14.732 2.693   1.00 16.60 ? 13  DC  B C5    1 
ATOM   262  C  C6    . DC  B 2 3  ? -0.333  -13.569 3.349   1.00 16.42 ? 13  DC  B C6    1 
ATOM   263  P  P     . DT  B 2 4  ? 3.566   -9.016  6.244   1.00 13.95 ? 14  DT  B P     1 
ATOM   264  O  OP1   . DT  B 2 4  ? 3.764   -8.319  7.539   1.00 14.49 ? 14  DT  B OP1   1 
ATOM   265  O  OP2   . DT  B 2 4  ? 3.839   -8.304  4.970   1.00 17.49 ? 14  DT  B OP2   1 
ATOM   266  O  "O5'" . DT  B 2 4  ? 4.489   -10.308 6.241   1.00 14.50 ? 14  DT  B "O5'" 1 
ATOM   267  C  "C5'" . DT  B 2 4  ? 4.677   -11.058 7.425   1.00 17.11 ? 14  DT  B "C5'" 1 
ATOM   268  C  "C4'" . DT  B 2 4  ? 5.730   -12.115 7.205   1.00 16.38 ? 14  DT  B "C4'" 1 
ATOM   269  O  "O4'" . DT  B 2 4  ? 5.208   -13.150 6.342   1.00 16.84 ? 14  DT  B "O4'" 1 
ATOM   270  C  "C3'" . DT  B 2 4  ? 7.037   -11.633 6.571   1.00 16.84 ? 14  DT  B "C3'" 1 
ATOM   271  O  "O3'" . DT  B 2 4  ? 8.108   -12.192 7.340   1.00 16.31 ? 14  DT  B "O3'" 1 
ATOM   272  C  "C2'" . DT  B 2 4  ? 6.968   -12.178 5.146   1.00 18.19 ? 14  DT  B "C2'" 1 
ATOM   273  C  "C1'" . DT  B 2 4  ? 6.134   -13.442 5.312   1.00 15.73 ? 14  DT  B "C1'" 1 
ATOM   274  N  N1    . DT  B 2 4  ? 5.358   -13.955 4.143   1.00 12.73 ? 14  DT  B N1    1 
ATOM   275  C  C2    . DT  B 2 4  ? 5.490   -15.295 3.832   1.00 15.39 ? 14  DT  B C2    1 
ATOM   276  O  O2    . DT  B 2 4  ? 6.298   -16.035 4.369   1.00 12.97 ? 14  DT  B O2    1 
ATOM   277  N  N3    . DT  B 2 4  ? 4.650   -15.736 2.845   1.00 13.71 ? 14  DT  B N3    1 
ATOM   278  C  C4    . DT  B 2 4  ? 3.743   -15.003 2.122   1.00 10.92 ? 14  DT  B C4    1 
ATOM   279  O  O4    . DT  B 2 4  ? 3.034   -15.560 1.298   1.00 13.48 ? 14  DT  B O4    1 
ATOM   280  C  C5    . DT  B 2 4  ? 3.705   -13.595 2.432   1.00 15.98 ? 14  DT  B C5    1 
ATOM   281  C  C7    . DT  B 2 4  ? 2.790   -12.708 1.647   1.00 20.28 ? 14  DT  B C7    1 
ATOM   282  C  C6    . DT  B 2 4  ? 4.501   -13.145 3.419   1.00 18.32 ? 14  DT  B C6    1 
ATOM   283  P  P     . DT  B 2 5  ? 9.620   -11.693 7.129   1.00 16.07 ? 15  DT  B P     1 
ATOM   284  O  OP1   . DT  B 2 5  ? 10.300  -11.805 8.442   1.00 16.75 ? 15  DT  B OP1   1 
ATOM   285  O  OP2   . DT  B 2 5  ? 9.641   -10.401 6.399   1.00 19.15 ? 15  DT  B OP2   1 
ATOM   286  O  "O5'" . DT  B 2 5  ? 10.211  -12.828 6.180   1.00 18.14 ? 15  DT  B "O5'" 1 
ATOM   287  C  "C5'" . DT  B 2 5  ? 10.162  -14.182 6.594   1.00 18.29 ? 15  DT  B "C5'" 1 
ATOM   288  C  "C4'" . DT  B 2 5  ? 10.548  -15.110 5.467   1.00 13.66 ? 15  DT  B "C4'" 1 
ATOM   289  O  "O4'" . DT  B 2 5  ? 9.451   -15.342 4.550   1.00 19.85 ? 15  DT  B "O4'" 1 
ATOM   290  C  "C3'" . DT  B 2 5  ? 11.759  -14.721 4.615   1.00 14.92 ? 15  DT  B "C3'" 1 
ATOM   291  O  "O3'" . DT  B 2 5  ? 12.656  -15.832 4.600   1.00 20.02 ? 15  DT  B "O3'" 1 
ATOM   292  C  "C2'" . DT  B 2 5  ? 11.165  -14.499 3.229   1.00 14.89 ? 15  DT  B "C2'" 1 
ATOM   293  C  "C1'" . DT  B 2 5  ? 9.989   -15.461 3.249   1.00 12.32 ? 15  DT  B "C1'" 1 
ATOM   294  N  N1    . DT  B 2 5  ? 8.889   -15.273 2.266   1.00 19.11 ? 15  DT  B N1    1 
ATOM   295  C  C2    . DT  B 2 5  ? 8.449   -16.404 1.603   1.00 18.53 ? 15  DT  B C2    1 
ATOM   296  O  O2    . DT  B 2 5  ? 8.947   -17.505 1.760   1.00 12.22 ? 15  DT  B O2    1 
ATOM   297  N  N3    . DT  B 2 5  ? 7.403   -16.200 0.740   1.00 17.23 ? 15  DT  B N3    1 
ATOM   298  C  C4    . DT  B 2 5  ? 6.769   -15.005 0.464   1.00 14.89 ? 15  DT  B C4    1 
ATOM   299  O  O4    . DT  B 2 5  ? 5.832   -14.986 -0.327  1.00 19.20 ? 15  DT  B O4    1 
ATOM   300  C  C5    . DT  B 2 5  ? 7.295   -13.847 1.168   1.00 18.68 ? 15  DT  B C5    1 
ATOM   301  C  C7    . DT  B 2 5  ? 6.686   -12.504 0.908   1.00 14.27 ? 15  DT  B C7    1 
ATOM   302  C  C6    . DT  B 2 5  ? 8.312   -14.036 2.026   1.00 16.90 ? 15  DT  B C6    1 
ATOM   303  P  P     . DC  B 2 6  ? 14.220  -15.606 4.336   1.00 15.26 ? 16  DC  B P     1 
ATOM   304  O  OP1   . DC  B 2 6  ? 14.992  -16.218 5.447   1.00 16.68 ? 16  DC  B OP1   1 
ATOM   305  O  OP2   . DC  B 2 6  ? 14.489  -14.198 3.925   1.00 16.11 ? 16  DC  B OP2   1 
ATOM   306  O  "O5'" . DC  B 2 6  ? 14.462  -16.484 3.050   1.00 16.44 ? 16  DC  B "O5'" 1 
ATOM   307  C  "C5'" . DC  B 2 6  ? 13.663  -16.276 1.925   1.00 13.29 ? 16  DC  B "C5'" 1 
ATOM   308  C  "C4'" . DC  B 2 6  ? 13.614  -17.533 1.104   1.00 13.05 ? 16  DC  B "C4'" 1 
ATOM   309  O  "O4'" . DC  B 2 6  ? 12.269  -17.636 0.605   1.00 12.39 ? 16  DC  B "O4'" 1 
ATOM   310  C  "C3'" . DC  B 2 6  ? 14.527  -17.458 -0.110  1.00 20.54 ? 16  DC  B "C3'" 1 
ATOM   311  O  "O3'" . DC  B 2 6  ? 15.143  -18.722 -0.355  1.00 16.67 ? 16  DC  B "O3'" 1 
ATOM   312  C  "C2'" . DC  B 2 6  ? 13.603  -17.014 -1.226  1.00 15.69 ? 16  DC  B "C2'" 1 
ATOM   313  C  "C1'" . DC  B 2 6  ? 12.249  -17.551 -0.801  1.00 17.14 ? 16  DC  B "C1'" 1 
ATOM   314  N  N1    . DC  B 2 6  ? 11.112  -16.695 -1.176  1.00 15.07 ? 16  DC  B N1    1 
ATOM   315  C  C2    . DC  B 2 6  ? 10.110  -17.241 -1.973  1.00 16.18 ? 16  DC  B C2    1 
ATOM   316  O  O2    . DC  B 2 6  ? 10.170  -18.448 -2.269  1.00 16.40 ? 16  DC  B O2    1 
ATOM   317  N  N3    . DC  B 2 6  ? 9.097   -16.453 -2.395  1.00 19.55 ? 16  DC  B N3    1 
ATOM   318  C  C4    . DC  B 2 6  ? 9.051   -15.168 -2.032  1.00 11.23 ? 16  DC  B C4    1 
ATOM   319  N  N4    . DC  B 2 6  ? 8.043   -14.430 -2.490  1.00 16.61 ? 16  DC  B N4    1 
ATOM   320  C  C5    . DC  B 2 6  ? 10.039  -14.589 -1.186  1.00 14.07 ? 16  DC  B C5    1 
ATOM   321  C  C6    . DC  B 2 6  ? 11.043  -15.383 -0.779  1.00 13.22 ? 16  DC  B C6    1 
ATOM   322  P  P     . DC  B 2 7  ? 16.334  -18.833 -1.432  1.00 16.29 ? 17  DC  B P     1 
ATOM   323  O  OP1   . DC  B 2 7  ? 17.213  -19.953 -1.038  1.00 14.75 ? 17  DC  B OP1   1 
ATOM   324  O  OP2   . DC  B 2 7  ? 16.923  -17.491 -1.679  1.00 15.14 ? 17  DC  B OP2   1 
ATOM   325  O  "O5'" . DC  B 2 7  ? 15.577  -19.216 -2.772  1.00 14.68 ? 17  DC  B "O5'" 1 
ATOM   326  C  "C5'" . DC  B 2 7  ? 14.372  -19.968 -2.749  1.00 14.96 ? 17  DC  B "C5'" 1 
ATOM   327  C  "C4'" . DC  B 2 7  ? 13.924  -20.277 -4.156  1.00 17.12 ? 17  DC  B "C4'" 1 
ATOM   328  O  "O4'" . DC  B 2 7  ? 12.688  -19.572 -4.415  1.00 16.18 ? 17  DC  B "O4'" 1 
ATOM   329  C  "C3'" . DC  B 2 7  ? 14.903  -19.866 -5.259  1.00 16.08 ? 17  DC  B "C3'" 1 
ATOM   330  O  "O3'" . DC  B 2 7  ? 15.031  -20.916 -6.215  1.00 15.69 ? 17  DC  B "O3'" 1 
ATOM   331  C  "C2'" . DC  B 2 7  ? 14.273  -18.632 -5.883  1.00 15.18 ? 17  DC  B "C2'" 1 
ATOM   332  C  "C1'" . DC  B 2 7  ? 12.785  -18.797 -5.599  1.00 15.84 ? 17  DC  B "C1'" 1 
ATOM   333  N  N1    . DC  B 2 7  ? 12.073  -17.521 -5.363  1.00 14.23 ? 17  DC  B N1    1 
ATOM   334  C  C2    . DC  B 2 7  ? 10.865  -17.286 -6.035  1.00 14.70 ? 17  DC  B C2    1 
ATOM   335  O  O2    . DC  B 2 7  ? 10.396  -18.174 -6.760  1.00 12.45 ? 17  DC  B O2    1 
ATOM   336  N  N3    . DC  B 2 7  ? 10.236  -16.094 -5.873  1.00 16.91 ? 17  DC  B N3    1 
ATOM   337  C  C4    . DC  B 2 7  ? 10.763  -15.164 -5.072  1.00 16.81 ? 17  DC  B C4    1 
ATOM   338  N  N4    . DC  B 2 7  ? 10.122  -13.995 -4.967  1.00 15.64 ? 17  DC  B N4    1 
ATOM   339  C  C5    . DC  B 2 7  ? 11.972  -15.390 -4.350  1.00 17.07 ? 17  DC  B C5    1 
ATOM   340  C  C6    . DC  B 2 7  ? 12.587  -16.571 -4.522  1.00 14.83 ? 17  DC  B C6    1 
ATOM   341  P  P     . DG  B 2 8  ? 16.309  -20.962 -7.186  1.00 15.77 ? 18  DG  B P     1 
ATOM   342  O  OP1   . DG  B 2 8  ? 16.885  -22.333 -7.127  1.00 18.65 ? 18  DG  B OP1   1 
ATOM   343  O  OP2   . DG  B 2 8  ? 17.182  -19.786 -6.897  1.00 16.55 ? 18  DG  B OP2   1 
ATOM   344  O  "O5'" . DG  B 2 8  ? 15.643  -20.792 -8.617  1.00 15.42 ? 18  DG  B "O5'" 1 
ATOM   345  C  "C5'" . DG  B 2 8  ? 14.606  -21.676 -9.023  1.00 16.83 ? 18  DG  B "C5'" 1 
ATOM   346  C  "C4'" . DG  B 2 8  ? 13.775  -21.037 -10.107 1.00 19.75 ? 18  DG  B "C4'" 1 
ATOM   347  O  "O4'" . DG  B 2 8  ? 13.140  -19.837 -9.602  1.00 23.87 ? 18  DG  B "O4'" 1 
ATOM   348  C  "C3'" . DG  B 2 8  ? 14.561  -20.601 -11.344 1.00 13.52 ? 18  DG  B "C3'" 1 
ATOM   349  O  "O3'" . DG  B 2 8  ? 13.720  -20.792 -12.487 1.00 19.14 ? 18  DG  B "O3'" 1 
ATOM   350  C  "C2'" . DG  B 2 8  ? 14.753  -19.110 -11.107 1.00 16.05 ? 18  DG  B "C2'" 1 
ATOM   351  C  "C1'" . DG  B 2 8  ? 13.410  -18.778 -10.497 1.00 14.86 ? 18  DG  B "C1'" 1 
ATOM   352  N  N9    . DG  B 2 8  ? 13.281  -17.517 -9.775  1.00 16.50 ? 18  DG  B N9    1 
ATOM   353  C  C8    . DG  B 2 8  ? 14.242  -16.829 -9.074  1.00 16.43 ? 18  DG  B C8    1 
ATOM   354  N  N7    . DG  B 2 8  ? 13.786  -15.729 -8.535  1.00 16.56 ? 18  DG  B N7    1 
ATOM   355  C  C5    . DG  B 2 8  ? 12.448  -15.693 -8.904  1.00 14.31 ? 18  DG  B C5    1 
ATOM   356  C  C6    . DG  B 2 8  ? 11.425  -14.741 -8.609  1.00 16.05 ? 18  DG  B C6    1 
ATOM   357  O  O6    . DG  B 2 8  ? 11.500  -13.712 -7.923  1.00 13.47 ? 18  DG  B O6    1 
ATOM   358  N  N1    . DG  B 2 8  ? 10.213  -15.093 -9.194  1.00 16.94 ? 18  DG  B N1    1 
ATOM   359  C  C2    . DG  B 2 8  ? 10.003  -16.218 -9.956  1.00 17.15 ? 18  DG  B C2    1 
ATOM   360  N  N2    . DG  B 2 8  ? 8.766   -16.399 -10.441 1.00 14.06 ? 18  DG  B N2    1 
ATOM   361  N  N3    . DG  B 2 8  ? 10.939  -17.108 -10.226 1.00 13.83 ? 18  DG  B N3    1 
ATOM   362  C  C4    . DG  B 2 8  ? 12.125  -16.785 -9.674  1.00 13.93 ? 18  DG  B C4    1 
ATOM   363  P  P     . DG  B 2 9  ? 14.314  -21.421 -13.839 1.00 12.87 ? 19  DG  B P     1 
ATOM   364  O  OP1   . DG  B 2 9  ? 13.822  -22.823 -13.902 1.00 17.39 ? 19  DG  B OP1   1 
ATOM   365  O  OP2   . DG  B 2 9  ? 15.769  -21.150 -13.898 1.00 14.95 ? 19  DG  B OP2   1 
ATOM   366  O  "O5'" . DG  B 2 9  ? 13.571  -20.571 -14.960 1.00 16.12 ? 19  DG  B "O5'" 1 
ATOM   367  C  "C5'" . DG  B 2 9  ? 12.160  -20.652 -15.088 1.00 15.99 ? 19  DG  B "C5'" 1 
ATOM   368  C  "C4'" . DG  B 2 9  ? 11.561  -19.309 -15.443 1.00 15.13 ? 19  DG  B "C4'" 1 
ATOM   369  O  "O4'" . DG  B 2 9  ? 11.423  -18.439 -14.280 1.00 16.57 ? 19  DG  B "O4'" 1 
ATOM   370  C  "C3'" . DG  B 2 9  ? 12.275  -18.499 -16.528 1.00 16.77 ? 19  DG  B "C3'" 1 
ATOM   371  O  "O3'" . DG  B 2 9  ? 11.365  -18.170 -17.581 1.00 15.71 ? 19  DG  B "O3'" 1 
ATOM   372  C  "C2'" . DG  B 2 9  ? 12.675  -17.228 -15.809 1.00 15.89 ? 19  DG  B "C2'" 1 
ATOM   373  C  "C1'" . DG  B 2 9  ? 11.605  -17.107 -14.728 1.00 14.48 ? 19  DG  B "C1'" 1 
ATOM   374  N  N9    . DG  B 2 9  ? 12.074  -16.274 -13.624 1.00 14.79 ? 19  DG  B N9    1 
ATOM   375  C  C8    . DG  B 2 9  ? 13.269  -16.393 -12.971 1.00 11.23 ? 19  DG  B C8    1 
ATOM   376  N  N7    . DG  B 2 9  ? 13.516  -15.402 -12.165 1.00 18.81 ? 19  DG  B N7    1 
ATOM   377  C  C5    . DG  B 2 9  ? 12.391  -14.596 -12.251 1.00 16.67 ? 19  DG  B C5    1 
ATOM   378  C  C6    . DG  B 2 9  ? 12.099  -13.357 -11.612 1.00 15.96 ? 19  DG  B C6    1 
ATOM   379  O  O6    . DG  B 2 9  ? 12.811  -12.705 -10.835 1.00 16.48 ? 19  DG  B O6    1 
ATOM   380  N  N1    . DG  B 2 9  ? 10.841  -12.881 -11.970 1.00 18.44 ? 19  DG  B N1    1 
ATOM   381  C  C2    . DG  B 2 9  ? 9.979   -13.509 -12.832 1.00 15.48 ? 19  DG  B C2    1 
ATOM   382  N  N2    . DG  B 2 9  ? 8.811   -12.893 -13.049 1.00 16.44 ? 19  DG  B N2    1 
ATOM   383  N  N3    . DG  B 2 9  ? 10.242  -14.663 -13.439 1.00 13.59 ? 19  DG  B N3    1 
ATOM   384  C  C4    . DG  B 2 9  ? 11.464  -15.143 -13.108 1.00 17.11 ? 19  DG  B C4    1 
ATOM   385  P  P     . DT  B 2 10 ? 11.833  -17.221 -18.799 1.00 18.03 ? 20  DT  B P     1 
ATOM   386  O  OP1   . DT  B 2 10 ? 11.457  -17.909 -20.064 1.00 16.92 ? 20  DT  B OP1   1 
ATOM   387  O  OP2   . DT  B 2 10 ? 13.231  -16.759 -18.611 1.00 17.99 ? 20  DT  B OP2   1 
ATOM   388  O  "O5'" . DT  B 2 10 ? 10.890  -15.943 -18.631 1.00 15.64 ? 20  DT  B "O5'" 1 
ATOM   389  C  "C5'" . DT  B 2 10 ? 9.470   -16.087 -18.569 1.00 17.03 ? 20  DT  B "C5'" 1 
ATOM   390  C  "C4'" . DT  B 2 10 ? 8.795   -14.736 -18.651 1.00 20.42 ? 20  DT  B "C4'" 1 
ATOM   391  O  "O4'" . DT  B 2 10 ? 9.067   -13.987 -17.438 1.00 11.45 ? 20  DT  B "O4'" 1 
ATOM   392  C  "C3'" . DT  B 2 10 ? 9.241   -13.847 -19.816 1.00 15.71 ? 20  DT  B "C3'" 1 
ATOM   393  O  "O3'" . DT  B 2 10 ? 8.204   -12.997 -20.270 1.00 14.73 ? 20  DT  B "O3'" 1 
ATOM   394  C  "C2'" . DT  B 2 10 ? 10.259  -12.920 -19.181 1.00 15.53 ? 20  DT  B "C2'" 1 
ATOM   395  C  "C1'" . DT  B 2 10 ? 9.737   -12.768 -17.753 1.00 16.62 ? 20  DT  B "C1'" 1 
ATOM   396  N  N1    . DT  B 2 10 ? 10.807  -12.564 -16.745 1.00 18.13 ? 20  DT  B N1    1 
ATOM   397  C  C2    . DT  B 2 10 ? 10.726  -11.474 -15.901 1.00 16.84 ? 20  DT  B C2    1 
ATOM   398  O  O2    . DT  B 2 10 ? 9.818   -10.658 -15.945 1.00 15.13 ? 20  DT  B O2    1 
ATOM   399  N  N3    . DT  B 2 10 ? 11.760  -11.377 -15.002 1.00 13.45 ? 20  DT  B N3    1 
ATOM   400  C  C4    . DT  B 2 10 ? 12.843  -12.227 -14.872 1.00 17.41 ? 20  DT  B C4    1 
ATOM   401  O  O4    . DT  B 2 10 ? 13.700  -12.008 -14.019 1.00 17.34 ? 20  DT  B O4    1 
ATOM   402  C  C5    . DT  B 2 10 ? 12.867  -13.338 -15.794 1.00 13.29 ? 20  DT  B C5    1 
ATOM   403  C  C7    . DT  B 2 10 ? 14.009  -14.304 -15.744 1.00 14.14 ? 20  DT  B C7    1 
ATOM   404  C  C6    . DT  B 2 10 ? 11.862  -13.451 -16.664 1.00 16.54 ? 20  DT  B C6    1 
ATOM   405  N  N     . MET C 3 1  ? 1.880   -8.571  20.475  1.00 48.14 ? 1   MET C N     1 
ATOM   406  C  CA    . MET C 3 1  ? 1.010   -7.376  20.696  1.00 47.68 ? 1   MET C CA    1 
ATOM   407  C  C     . MET C 3 1  ? 1.296   -6.323  19.625  1.00 47.33 ? 1   MET C C     1 
ATOM   408  O  O     . MET C 3 1  ? 1.673   -5.185  19.926  1.00 48.04 ? 1   MET C O     1 
ATOM   409  C  CB    . MET C 3 1  ? 1.259   -6.790  22.094  1.00 48.84 ? 1   MET C CB    1 
ATOM   410  C  CG    . MET C 3 1  ? 0.303   -5.667  22.496  1.00 50.02 ? 1   MET C CG    1 
ATOM   411  S  SD    . MET C 3 1  ? 1.142   -4.318  23.387  1.00 53.05 ? 1   MET C SD    1 
ATOM   412  C  CE    . MET C 3 1  ? 1.419   -3.110  22.034  1.00 50.78 ? 1   MET C CE    1 
ATOM   413  N  N     . ASP C 3 2  ? 1.114   -6.721  18.369  1.00 45.55 ? 2   ASP C N     1 
ATOM   414  C  CA    . ASP C 3 2  ? 1.340   -5.833  17.231  1.00 43.31 ? 2   ASP C CA    1 
ATOM   415  C  C     . ASP C 3 2  ? 0.022   -5.182  16.788  1.00 41.91 ? 2   ASP C C     1 
ATOM   416  O  O     . ASP C 3 2  ? -1.014  -5.339  17.443  1.00 42.52 ? 2   ASP C O     1 
ATOM   417  C  CB    . ASP C 3 2  ? 1.940   -6.632  16.067  1.00 41.90 ? 2   ASP C CB    1 
ATOM   418  C  CG    . ASP C 3 2  ? 1.196   -7.934  15.812  1.00 41.75 ? 2   ASP C CG    1 
ATOM   419  O  OD1   . ASP C 3 2  ? 1.255   -8.838  16.678  1.00 41.03 ? 2   ASP C OD1   1 
ATOM   420  O  OD2   . ASP C 3 2  ? 0.551   -8.053  14.746  1.00 40.75 ? 2   ASP C OD2   1 
ATOM   421  N  N     . SER C 3 3  ? 0.067   -4.444  15.681  1.00 40.22 ? 3   SER C N     1 
ATOM   422  C  CA    . SER C 3 3  ? -1.134  -3.803  15.152  1.00 37.78 ? 3   SER C CA    1 
ATOM   423  C  C     . SER C 3 3  ? -1.894  -4.827  14.310  1.00 36.38 ? 3   SER C C     1 
ATOM   424  O  O     . SER C 3 3  ? -1.289  -5.568  13.519  1.00 36.39 ? 3   SER C O     1 
ATOM   425  C  CB    . SER C 3 3  ? -0.762  -2.596  14.287  1.00 37.24 ? 3   SER C CB    1 
ATOM   426  O  OG    . SER C 3 3  ? -1.919  -1.945  13.790  1.00 36.02 ? 3   SER C OG    1 
ATOM   427  N  N     . ALA C 3 4  ? -3.214  -4.876  14.489  1.00 33.88 ? 4   ALA C N     1 
ATOM   428  C  CA    . ALA C 3 4  ? -4.058  -5.807  13.739  1.00 31.57 ? 4   ALA C CA    1 
ATOM   429  C  C     . ALA C 3 4  ? -4.334  -5.232  12.357  1.00 29.65 ? 4   ALA C C     1 
ATOM   430  O  O     . ALA C 3 4  ? -5.117  -5.784  11.579  1.00 29.38 ? 4   ALA C O     1 
ATOM   431  C  CB    . ALA C 3 4  ? -5.359  -6.019  14.466  1.00 31.46 ? 4   ALA C CB    1 
ATOM   432  N  N     . ILE C 3 5  ? -3.690  -4.106  12.070  1.00 27.46 ? 5   ILE C N     1 
ATOM   433  C  CA    . ILE C 3 5  ? -3.858  -3.428  10.800  1.00 24.88 ? 5   ILE C CA    1 
ATOM   434  C  C     . ILE C 3 5  ? -3.523  -4.348  9.628   1.00 23.07 ? 5   ILE C C     1 
ATOM   435  O  O     . ILE C 3 5  ? -2.600  -5.163  9.689   1.00 23.24 ? 5   ILE C O     1 
ATOM   436  C  CB    . ILE C 3 5  ? -2.971  -2.144  10.737  1.00 25.14 ? 5   ILE C CB    1 
ATOM   437  C  CG1   . ILE C 3 5  ? -3.218  -1.394  9.429   1.00 24.63 ? 5   ILE C CG1   1 
ATOM   438  C  CG2   . ILE C 3 5  ? -1.499  -2.509  10.867  1.00 25.14 ? 5   ILE C CG2   1 
ATOM   439  C  CD1   . ILE C 3 5  ? -4.198  -0.274  9.554   1.00 25.13 ? 5   ILE C CD1   1 
ATOM   440  N  N     . THR C 3 6  ? -4.309  -4.203  8.571   1.00 19.71 ? 6   THR C N     1 
ATOM   441  C  CA    . THR C 3 6  ? -4.154  -4.959  7.339   1.00 18.05 ? 6   THR C CA    1 
ATOM   442  C  C     . THR C 3 6  ? -3.157  -4.169  6.471   1.00 16.47 ? 6   THR C C     1 
ATOM   443  O  O     . THR C 3 6  ? -2.934  -2.989  6.736   1.00 15.38 ? 6   THR C O     1 
ATOM   444  C  CB    . THR C 3 6  ? -5.528  -5.061  6.660   1.00 17.62 ? 6   THR C CB    1 
ATOM   445  O  OG1   . THR C 3 6  ? -5.823  -6.428  6.371   1.00 20.34 ? 6   THR C OG1   1 
ATOM   446  C  CG2   . THR C 3 6  ? -5.573  -4.245  5.414   1.00 16.14 ? 6   THR C CG2   1 
ATOM   447  N  N     . LEU C 3 7  ? -2.550  -4.788  5.456   1.00 14.83 ? 7   LEU C N     1 
ATOM   448  C  CA    . LEU C 3 7  ? -1.594  -4.029  4.634   1.00 13.70 ? 7   LEU C CA    1 
ATOM   449  C  C     . LEU C 3 7  ? -2.281  -2.977  3.763   1.00 12.67 ? 7   LEU C C     1 
ATOM   450  O  O     . LEU C 3 7  ? -1.773  -1.868  3.606   1.00 13.35 ? 7   LEU C O     1 
ATOM   451  C  CB    . LEU C 3 7  ? -0.733  -4.948  3.743   1.00 13.14 ? 7   LEU C CB    1 
ATOM   452  C  CG    . LEU C 3 7  ? 0.110   -4.245  2.652   1.00 12.58 ? 7   LEU C CG    1 
ATOM   453  C  CD1   . LEU C 3 7  ? 1.267   -3.486  3.289   1.00 11.31 ? 7   LEU C CD1   1 
ATOM   454  C  CD2   . LEU C 3 7  ? 0.639   -5.276  1.640   1.00 11.96 ? 7   LEU C CD2   1 
ATOM   455  N  N     . TRP C 3 8  ? -3.430  -3.305  3.191   1.00 12.37 ? 8   TRP C N     1 
ATOM   456  C  CA    . TRP C 3 8  ? -4.097  -2.323  2.357   1.00 11.96 ? 8   TRP C CA    1 
ATOM   457  C  C     . TRP C 3 8  ? -4.670  -1.198  3.224   1.00 11.14 ? 8   TRP C C     1 
ATOM   458  O  O     . TRP C 3 8  ? -4.870  -0.093  2.739   1.00 10.62 ? 8   TRP C O     1 
ATOM   459  C  CB    . TRP C 3 8  ? -5.183  -2.973  1.483   1.00 12.42 ? 8   TRP C CB    1 
ATOM   460  C  CG    . TRP C 3 8  ? -6.342  -3.562  2.227   1.00 14.71 ? 8   TRP C CG    1 
ATOM   461  C  CD1   . TRP C 3 8  ? -6.543  -4.882  2.516   1.00 13.68 ? 8   TRP C CD1   1 
ATOM   462  C  CD2   . TRP C 3 8  ? -7.463  -2.852  2.782   1.00 15.24 ? 8   TRP C CD2   1 
ATOM   463  N  NE1   . TRP C 3 8  ? -7.719  -5.041  3.221   1.00 14.95 ? 8   TRP C NE1   1 
ATOM   464  C  CE2   . TRP C 3 8  ? -8.305  -3.812  3.396   1.00 15.66 ? 8   TRP C CE2   1 
ATOM   465  C  CE3   . TRP C 3 8  ? -7.837  -1.499  2.819   1.00 14.21 ? 8   TRP C CE3   1 
ATOM   466  C  CZ2   . TRP C 3 8  ? -9.500  -3.461  4.043   1.00 15.13 ? 8   TRP C CZ2   1 
ATOM   467  C  CZ3   . TRP C 3 8  ? -9.025  -1.151  3.462   1.00 15.09 ? 8   TRP C CZ3   1 
ATOM   468  C  CH2   . TRP C 3 8  ? -9.840  -2.129  4.065   1.00 15.89 ? 8   TRP C CH2   1 
ATOM   469  N  N     . GLN C 3 9  ? -4.899  -1.471  4.507   1.00 10.26 ? 9   GLN C N     1 
ATOM   470  C  CA    . GLN C 3 9  ? -5.434  -0.450  5.418   1.00 11.58 ? 9   GLN C CA    1 
ATOM   471  C  C     . GLN C 3 9  ? -4.299  0.470   5.839   1.00 12.02 ? 9   GLN C C     1 
ATOM   472  O  O     . GLN C 3 9  ? -4.487  1.668   6.040   1.00 12.36 ? 9   GLN C O     1 
ATOM   473  C  CB    . GLN C 3 9  ? -6.018  -1.080  6.679   1.00 12.48 ? 9   GLN C CB    1 
ATOM   474  C  CG    . GLN C 3 9  ? -7.323  -1.819  6.504   1.00 13.65 ? 9   GLN C CG    1 
ATOM   475  C  CD    . GLN C 3 9  ? -7.678  -2.631  7.744   1.00 14.77 ? 9   GLN C CD    1 
ATOM   476  O  OE1   . GLN C 3 9  ? -6.916  -2.668  8.710   1.00 14.89 ? 9   GLN C OE1   1 
ATOM   477  N  NE2   . GLN C 3 9  ? -8.834  -3.280  7.726   1.00 16.11 ? 9   GLN C NE2   1 
ATOM   478  N  N     . PHE C 3 10 ? -3.119  -0.123  5.984   1.00 12.02 ? 10  PHE C N     1 
ATOM   479  C  CA    . PHE C 3 10 ? -1.917  0.592   6.374   1.00 12.30 ? 10  PHE C CA    1 
ATOM   480  C  C     . PHE C 3 10 ? -1.532  1.562   5.262   1.00 12.37 ? 10  PHE C C     1 
ATOM   481  O  O     . PHE C 3 10 ? -1.110  2.684   5.530   1.00 11.81 ? 10  PHE C O     1 
ATOM   482  C  CB    . PHE C 3 10 ? -0.795  -0.413  6.631   1.00 12.03 ? 10  PHE C CB    1 
ATOM   483  C  CG    . PHE C 3 10 ? 0.562   0.207   6.801   1.00 13.06 ? 10  PHE C CG    1 
ATOM   484  C  CD1   . PHE C 3 10 ? 0.924   0.800   8.002   1.00 13.40 ? 10  PHE C CD1   1 
ATOM   485  C  CD2   . PHE C 3 10 ? 1.492   0.169   5.765   1.00 12.38 ? 10  PHE C CD2   1 
ATOM   486  C  CE1   . PHE C 3 10 ? 2.195   1.345   8.169   1.00 13.80 ? 10  PHE C CE1   1 
ATOM   487  C  CE2   . PHE C 3 10 ? 2.765   0.709   5.922   1.00 12.21 ? 10  PHE C CE2   1 
ATOM   488  C  CZ    . PHE C 3 10 ? 3.117   1.295   7.118   1.00 13.42 ? 10  PHE C CZ    1 
ATOM   489  N  N     . LEU C 3 11 ? -1.688  1.128   4.014   1.00 11.56 ? 11  LEU C N     1 
ATOM   490  C  CA    . LEU C 3 11 ? -1.365  1.979   2.871   1.00 11.48 ? 11  LEU C CA    1 
ATOM   491  C  C     . LEU C 3 11 ? -2.348  3.134   2.838   1.00 12.32 ? 11  LEU C C     1 
ATOM   492  O  O     . LEU C 3 11 ? -1.968  4.281   2.606   1.00 11.73 ? 11  LEU C O     1 
ATOM   493  C  CB    . LEU C 3 11 ? -1.447  1.176   1.576   1.00 10.56 ? 11  LEU C CB    1 
ATOM   494  C  CG    . LEU C 3 11 ? -0.337  0.122   1.506   1.00 10.59 ? 11  LEU C CG    1 
ATOM   495  C  CD1   . LEU C 3 11 ? -0.488  -0.691  0.234   1.00 10.95 ? 11  LEU C CD1   1 
ATOM   496  C  CD2   . LEU C 3 11 ? 1.040   0.809   1.571   1.00 10.23 ? 11  LEU C CD2   1 
ATOM   497  N  N     . LEU C 3 12 ? -3.616  2.812   3.086   1.00 12.43 ? 12  LEU C N     1 
ATOM   498  C  CA    . LEU C 3 12 ? -4.681  3.806   3.120   1.00 13.65 ? 12  LEU C CA    1 
ATOM   499  C  C     . LEU C 3 12 ? -4.379  4.822   4.223   1.00 13.79 ? 12  LEU C C     1 
ATOM   500  O  O     . LEU C 3 12 ? -4.661  6.006   4.083   1.00 15.40 ? 12  LEU C O     1 
ATOM   501  C  CB    . LEU C 3 12 ? -6.030  3.119   3.390   1.00 13.90 ? 12  LEU C CB    1 
ATOM   502  C  CG    . LEU C 3 12 ? -7.151  3.186   2.336   1.00 14.96 ? 12  LEU C CG    1 
ATOM   503  C  CD1   . LEU C 3 12 ? -6.588  3.245   0.910   1.00 14.23 ? 12  LEU C CD1   1 
ATOM   504  C  CD2   . LEU C 3 12 ? -8.055  1.981   2.511   1.00 13.90 ? 12  LEU C CD2   1 
ATOM   505  N  N     . GLN C 3 13 ? -3.791  4.361   5.315   1.00 14.28 ? 13  GLN C N     1 
ATOM   506  C  CA    . GLN C 3 13 ? -3.458  5.255   6.413   1.00 16.00 ? 13  GLN C CA    1 
ATOM   507  C  C     . GLN C 3 13 ? -2.372  6.259   6.014   1.00 15.46 ? 13  GLN C C     1 
ATOM   508  O  O     . GLN C 3 13 ? -2.493  7.454   6.294   1.00 14.97 ? 13  GLN C O     1 
ATOM   509  C  CB    . GLN C 3 13 ? -3.013  4.446   7.633   1.00 18.13 ? 13  GLN C CB    1 
ATOM   510  C  CG    . GLN C 3 13 ? -3.812  4.749   8.901   1.00 22.10 ? 13  GLN C CG    1 
ATOM   511  C  CD    . GLN C 3 13 ? -4.232  3.493   9.671   1.00 24.06 ? 13  GLN C CD    1 
ATOM   512  O  OE1   . GLN C 3 13 ? -5.422  3.294   9.962   1.00 25.48 ? 13  GLN C OE1   1 
ATOM   513  N  NE2   . GLN C 3 13 ? -3.256  2.644   10.007  1.00 24.49 ? 13  GLN C NE2   1 
ATOM   514  N  N     . LEU C 3 14 ? -1.321  5.774   5.354   1.00 14.25 ? 14  LEU C N     1 
ATOM   515  C  CA    . LEU C 3 14 ? -0.220  6.637   4.905   1.00 13.32 ? 14  LEU C CA    1 
ATOM   516  C  C     . LEU C 3 14 ? -0.724  7.633   3.873   1.00 13.33 ? 14  LEU C C     1 
ATOM   517  O  O     . LEU C 3 14 ? -0.308  8.796   3.849   1.00 12.12 ? 14  LEU C O     1 
ATOM   518  C  CB    . LEU C 3 14 ? 0.913   5.799   4.285   1.00 12.53 ? 14  LEU C CB    1 
ATOM   519  C  CG    . LEU C 3 14 ? 1.626   4.815   5.220   1.00 12.36 ? 14  LEU C CG    1 
ATOM   520  C  CD1   . LEU C 3 14 ? 2.583   3.943   4.437   1.00 11.75 ? 14  LEU C CD1   1 
ATOM   521  C  CD2   . LEU C 3 14 ? 2.375   5.584   6.297   1.00 13.50 ? 14  LEU C CD2   1 
ATOM   522  N  N     . LEU C 3 15 ? -1.624  7.163   3.018   1.00 12.74 ? 15  LEU C N     1 
ATOM   523  C  CA    . LEU C 3 15 ? -2.196  7.988   1.967   1.00 13.71 ? 15  LEU C CA    1 
ATOM   524  C  C     . LEU C 3 15 ? -3.107  9.109   2.523   1.00 14.78 ? 15  LEU C C     1 
ATOM   525  O  O     . LEU C 3 15 ? -3.486  10.024  1.798   1.00 14.32 ? 15  LEU C O     1 
ATOM   526  C  CB    . LEU C 3 15 ? -2.988  7.096   1.007   1.00 12.89 ? 15  LEU C CB    1 
ATOM   527  C  CG    . LEU C 3 15 ? -2.558  6.808   -0.445  1.00 12.15 ? 15  LEU C CG    1 
ATOM   528  C  CD1   . LEU C 3 15 ? -1.206  7.400   -0.770  1.00 11.12 ? 15  LEU C CD1   1 
ATOM   529  C  CD2   . LEU C 3 15 ? -2.560  5.308   -0.675  1.00 11.61 ? 15  LEU C CD2   1 
ATOM   530  N  N     . GLN C 3 16 ? -3.451  9.037   3.802   1.00 15.88 ? 16  GLN C N     1 
ATOM   531  C  CA    . GLN C 3 16 ? -4.319  10.041  4.418   1.00 18.12 ? 16  GLN C CA    1 
ATOM   532  C  C     . GLN C 3 16 ? -3.524  11.207  5.033   1.00 18.00 ? 16  GLN C C     1 
ATOM   533  O  O     . GLN C 3 16 ? -4.056  12.295  5.248   1.00 18.24 ? 16  GLN C O     1 
ATOM   534  C  CB    . GLN C 3 16 ? -5.184  9.364   5.492   1.00 21.41 ? 16  GLN C CB    1 
ATOM   535  C  CG    . GLN C 3 16 ? -6.418  10.145  5.955   1.00 26.16 ? 16  GLN C CG    1 
ATOM   536  C  CD    . GLN C 3 16 ? -7.238  10.727  4.801   1.00 29.74 ? 16  GLN C CD    1 
ATOM   537  O  OE1   . GLN C 3 16 ? -7.484  10.061  3.790   1.00 32.32 ? 16  GLN C OE1   1 
ATOM   538  N  NE2   . GLN C 3 16 ? -7.670  11.978  4.956   1.00 30.30 ? 16  GLN C NE2   1 
ATOM   539  N  N     . LYS C 3 17 ? -2.243  10.981  5.297   1.00 18.05 ? 17  LYS C N     1 
ATOM   540  C  CA    . LYS C 3 17 ? -1.404  11.999  5.909   1.00 17.81 ? 17  LYS C CA    1 
ATOM   541  C  C     . LYS C 3 17 ? -0.385  12.624  4.954   1.00 16.99 ? 17  LYS C C     1 
ATOM   542  O  O     . LYS C 3 17 ? 0.442   11.928  4.362   1.00 15.88 ? 17  LYS C O     1 
ATOM   543  C  CB    . LYS C 3 17 ? -0.684  11.397  7.117   1.00 18.91 ? 17  LYS C CB    1 
ATOM   544  C  CG    . LYS C 3 17 ? -1.610  10.673  8.072   1.00 20.88 ? 17  LYS C CG    1 
ATOM   545  C  CD    . LYS C 3 17 ? -2.425  11.661  8.897   1.00 22.33 ? 17  LYS C CD    1 
ATOM   546  C  CE    . LYS C 3 17 ? -3.595  10.982  9.596   1.00 21.94 ? 17  LYS C CE    1 
ATOM   547  N  NZ    . LYS C 3 17 ? -3.137  10.219  10.780  1.00 24.52 ? 17  LYS C NZ    1 
ATOM   548  N  N     . PRO C 3 18 ? -0.427  13.962  4.811   1.00 16.53 ? 18  PRO C N     1 
ATOM   549  C  CA    . PRO C 3 18 ? 0.485   14.705  3.932   1.00 15.39 ? 18  PRO C CA    1 
ATOM   550  C  C     . PRO C 3 18 ? 1.941   14.404  4.238   1.00 13.18 ? 18  PRO C C     1 
ATOM   551  O  O     . PRO C 3 18 ? 2.791   14.436  3.353   1.00 12.91 ? 18  PRO C O     1 
ATOM   552  C  CB    . PRO C 3 18 ? 0.143   16.172  4.206   1.00 16.16 ? 18  PRO C CB    1 
ATOM   553  C  CG    . PRO C 3 18 ? -1.248  16.142  4.724   1.00 17.25 ? 18  PRO C CG    1 
ATOM   554  C  CD    . PRO C 3 18 ? -1.354  14.864  5.517   1.00 17.73 ? 18  PRO C CD    1 
ATOM   555  N  N     . GLN C 3 19 ? 2.219   14.112  5.502   1.00 12.58 ? 19  GLN C N     1 
ATOM   556  C  CA    . GLN C 3 19 ? 3.569   13.811  5.944   1.00 13.24 ? 19  GLN C CA    1 
ATOM   557  C  C     . GLN C 3 19 ? 4.200   12.655  5.178   1.00 13.21 ? 19  GLN C C     1 
ATOM   558  O  O     . GLN C 3 19 ? 5.427   12.554  5.115   1.00 12.78 ? 19  GLN C O     1 
ATOM   559  C  CB    . GLN C 3 19 ? 3.579   13.464  7.433   1.00 14.67 ? 19  GLN C CB    1 
ATOM   560  C  CG    . GLN C 3 19 ? 2.672   14.332  8.283   1.00 19.09 ? 19  GLN C CG    1 
ATOM   561  C  CD    . GLN C 3 19 ? 1.318   13.696  8.549   1.00 20.01 ? 19  GLN C CD    1 
ATOM   562  O  OE1   . GLN C 3 19 ? 0.314   14.074  7.940   1.00 19.64 ? 19  GLN C OE1   1 
ATOM   563  N  NE2   . GLN C 3 19 ? 1.282   12.729  9.467   1.00 20.47 ? 19  GLN C NE2   1 
ATOM   564  N  N     . ASN C 3 20 ? 3.369   11.784  4.611   1.00 12.67 ? 20  ASN C N     1 
ATOM   565  C  CA    . ASN C 3 20 ? 3.869   10.619  3.876   1.00 12.68 ? 20  ASN C CA    1 
ATOM   566  C  C     . ASN C 3 20 ? 3.741   10.717  2.371   1.00 13.13 ? 20  ASN C C     1 
ATOM   567  O  O     . ASN C 3 20 ? 3.997   9.738   1.662   1.00 13.10 ? 20  ASN C O     1 
ATOM   568  C  CB    . ASN C 3 20 ? 3.147   9.356   4.347   1.00 12.27 ? 20  ASN C CB    1 
ATOM   569  C  CG    . ASN C 3 20 ? 3.021   9.288   5.845   1.00 11.64 ? 20  ASN C CG    1 
ATOM   570  O  OD1   . ASN C 3 20 ? 4.005   9.082   6.546   1.00 12.43 ? 20  ASN C OD1   1 
ATOM   571  N  ND2   . ASN C 3 20 ? 1.805   9.461   6.345   1.00 11.23 ? 20  ASN C ND2   1 
ATOM   572  N  N     . LYS C 3 21 ? 3.333   11.886  1.882   1.00 12.56 ? 21  LYS C N     1 
ATOM   573  C  CA    . LYS C 3 21 ? 3.168   12.098  0.448   1.00 12.71 ? 21  LYS C CA    1 
ATOM   574  C  C     . LYS C 3 21 ? 4.483   11.871  -0.296  1.00 12.06 ? 21  LYS C C     1 
ATOM   575  O  O     . LYS C 3 21 ? 4.485   11.440  -1.451  1.00 12.10 ? 21  LYS C O     1 
ATOM   576  C  CB    . LYS C 3 21 ? 2.668   13.517  0.176   1.00 14.24 ? 21  LYS C CB    1 
ATOM   577  C  CG    . LYS C 3 21 ? 1.322   13.584  -0.507  1.00 17.58 ? 21  LYS C CG    1 
ATOM   578  C  CD    . LYS C 3 21 ? 1.100   14.960  -1.102  1.00 18.54 ? 21  LYS C CD    1 
ATOM   579  C  CE    . LYS C 3 21 ? 1.778   15.064  -2.466  1.00 20.06 ? 21  LYS C CE    1 
ATOM   580  N  NZ    . LYS C 3 21 ? 0.930   14.495  -3.551  1.00 21.36 ? 21  LYS C NZ    1 
ATOM   581  N  N     . HIS C 3 22 ? 5.602   12.152  0.362   1.00 11.26 ? 22  HIS C N     1 
ATOM   582  C  CA    . HIS C 3 22 ? 6.900   11.961  -0.275  1.00 11.41 ? 22  HIS C CA    1 
ATOM   583  C  C     . HIS C 3 22 ? 7.243   10.488  -0.475  1.00 10.93 ? 22  HIS C C     1 
ATOM   584  O  O     . HIS C 3 22 ? 8.105   10.172  -1.288  1.00 10.91 ? 22  HIS C O     1 
ATOM   585  C  CB    . HIS C 3 22 ? 8.018   12.619  0.536   1.00 9.28  ? 22  HIS C CB    1 
ATOM   586  C  CG    . HIS C 3 22 ? 8.249   11.975  1.864   1.00 9.58  ? 22  HIS C CG    1 
ATOM   587  N  ND1   . HIS C 3 22 ? 7.434   12.204  2.949   1.00 9.37  ? 22  HIS C ND1   1 
ATOM   588  C  CD2   . HIS C 3 22 ? 9.208   11.121  2.289   1.00 8.54  ? 22  HIS C CD2   1 
ATOM   589  C  CE1   . HIS C 3 22 ? 7.880   11.523  3.986   1.00 7.65  ? 22  HIS C CE1   1 
ATOM   590  N  NE2   . HIS C 3 22 ? 8.955   10.856  3.613   1.00 7.72  ? 22  HIS C NE2   1 
ATOM   591  N  N     . MET C 3 23 ? 6.585   9.588   0.257   1.00 10.59 ? 23  MET C N     1 
ATOM   592  C  CA    . MET C 3 23 ? 6.878   8.163   0.106   1.00 9.82  ? 23  MET C CA    1 
ATOM   593  C  C     . MET C 3 23 ? 5.762   7.368   -0.573  1.00 10.39 ? 23  MET C C     1 
ATOM   594  O  O     . MET C 3 23 ? 6.009   6.296   -1.146  1.00 9.33  ? 23  MET C O     1 
ATOM   595  C  CB    . MET C 3 23 ? 7.237   7.545   1.462   1.00 10.40 ? 23  MET C CB    1 
ATOM   596  C  CG    . MET C 3 23 ? 6.070   7.176   2.336   1.00 10.96 ? 23  MET C CG    1 
ATOM   597  S  SD    . MET C 3 23 ? 6.661   6.380   3.849   1.00 12.43 ? 23  MET C SD    1 
ATOM   598  C  CE    . MET C 3 23 ? 7.150   7.858   4.831   1.00 12.88 ? 23  MET C CE    1 
ATOM   599  N  N     . ILE C 3 24 ? 4.543   7.891   -0.509  1.00 10.11 ? 24  ILE C N     1 
ATOM   600  C  CA    . ILE C 3 24 ? 3.386   7.259   -1.141  1.00 10.87 ? 24  ILE C CA    1 
ATOM   601  C  C     . ILE C 3 24 ? 2.326   8.332   -1.410  1.00 11.19 ? 24  ILE C C     1 
ATOM   602  O  O     . ILE C 3 24 ? 1.901   9.047   -0.504  1.00 11.01 ? 24  ILE C O     1 
ATOM   603  C  CB    . ILE C 3 24 ? 2.802   6.112   -0.265  1.00 10.16 ? 24  ILE C CB    1 
ATOM   604  C  CG1   . ILE C 3 24 ? 1.571   5.512   -0.954  1.00 10.04 ? 24  ILE C CG1   1 
ATOM   605  C  CG2   . ILE C 3 24 ? 2.484   6.615   1.127   1.00 11.05 ? 24  ILE C CG2   1 
ATOM   606  C  CD1   . ILE C 3 24 ? 1.119   4.170   -0.373  1.00 10.49 ? 24  ILE C CD1   1 
ATOM   607  N  N     . CYS C 3 25 ? 1.913   8.456   -2.667  1.00 11.32 ? 25  CYS C N     1 
ATOM   608  C  CA    . CYS C 3 25 ? 0.942   9.479   -3.038  1.00 11.83 ? 25  CYS C CA    1 
ATOM   609  C  C     . CYS C 3 25 ? -0.116  8.976   -4.010  1.00 12.69 ? 25  CYS C C     1 
ATOM   610  O  O     . CYS C 3 25 ? 0.088   7.980   -4.708  1.00 13.01 ? 25  CYS C O     1 
ATOM   611  C  CB    . CYS C 3 25 ? 1.678   10.658  -3.675  1.00 12.02 ? 25  CYS C CB    1 
ATOM   612  S  SG    . CYS C 3 25 ? 2.453   10.217  -5.279  1.00 13.67 ? 25  CYS C SG    1 
ATOM   613  N  N     . TRP C 3 26 ? -1.256  9.660   -4.050  1.00 12.71 ? 26  TRP C N     1 
ATOM   614  C  CA    . TRP C 3 26 ? -2.322  9.286   -4.973  1.00 12.43 ? 26  TRP C CA    1 
ATOM   615  C  C     . TRP C 3 26 ? -1.899  9.845   -6.324  1.00 12.97 ? 26  TRP C C     1 
ATOM   616  O  O     . TRP C 3 26 ? -1.348  10.952  -6.402  1.00 11.73 ? 26  TRP C O     1 
ATOM   617  C  CB    . TRP C 3 26 ? -3.664  9.919   -4.572  1.00 11.87 ? 26  TRP C CB    1 
ATOM   618  C  CG    . TRP C 3 26 ? -4.288  9.376   -3.320  1.00 12.13 ? 26  TRP C CG    1 
ATOM   619  C  CD1   . TRP C 3 26 ? -4.450  10.037  -2.134  1.00 12.17 ? 26  TRP C CD1   1 
ATOM   620  C  CD2   . TRP C 3 26 ? -4.897  8.088   -3.146  1.00 11.94 ? 26  TRP C CD2   1 
ATOM   621  N  NE1   . TRP C 3 26 ? -5.127  9.245   -1.235  1.00 12.73 ? 26  TRP C NE1   1 
ATOM   622  C  CE2   . TRP C 3 26 ? -5.415  8.044   -1.829  1.00 12.33 ? 26  TRP C CE2   1 
ATOM   623  C  CE3   . TRP C 3 26 ? -5.058  6.966   -3.978  1.00 11.12 ? 26  TRP C CE3   1 
ATOM   624  C  CZ2   . TRP C 3 26 ? -6.085  6.920   -1.319  1.00 11.66 ? 26  TRP C CZ2   1 
ATOM   625  C  CZ3   . TRP C 3 26 ? -5.725  5.848   -3.471  1.00 10.62 ? 26  TRP C CZ3   1 
ATOM   626  C  CH2   . TRP C 3 26 ? -6.230  5.837   -2.150  1.00 11.37 ? 26  TRP C CH2   1 
ATOM   627  N  N     . THR C 3 27 ? -2.145  9.082   -7.383  1.00 13.09 ? 27  THR C N     1 
ATOM   628  C  CA    . THR C 3 27 ? -1.790  9.513   -8.726  1.00 14.65 ? 27  THR C CA    1 
ATOM   629  C  C     . THR C 3 27 ? -3.028  9.624   -9.596  1.00 15.30 ? 27  THR C C     1 
ATOM   630  O  O     . THR C 3 27 ? -2.943  9.866   -10.798 1.00 14.68 ? 27  THR C O     1 
ATOM   631  C  CB    . THR C 3 27 ? -0.806  8.542   -9.380  1.00 13.89 ? 27  THR C CB    1 
ATOM   632  O  OG1   . THR C 3 27 ? -1.326  7.217   -9.309  1.00 15.65 ? 27  THR C OG1   1 
ATOM   633  C  CG2   . THR C 3 27 ? 0.520   8.585   -8.662  1.00 14.44 ? 27  THR C CG2   1 
ATOM   634  N  N     . SER C 3 28 ? -4.188  9.437   -8.977  1.00 15.80 ? 28  SER C N     1 
ATOM   635  C  CA    . SER C 3 28 ? -5.454  9.547   -9.687  1.00 16.47 ? 28  SER C CA    1 
ATOM   636  C  C     . SER C 3 28 ? -6.565  9.832   -8.686  1.00 16.94 ? 28  SER C C     1 
ATOM   637  O  O     . SER C 3 28 ? -6.343  9.766   -7.473  1.00 16.98 ? 28  SER C O     1 
ATOM   638  C  CB    . SER C 3 28 ? -5.761  8.253   -10.452 1.00 17.89 ? 28  SER C CB    1 
ATOM   639  O  OG    . SER C 3 28 ? -6.632  7.400   -9.718  1.00 15.83 ? 28  SER C OG    1 
ATOM   640  N  N     . ASN C 3 29 ? -7.752  10.161  -9.200  1.00 17.88 ? 29  ASN C N     1 
ATOM   641  C  CA    . ASN C 3 29 ? -8.911  10.431  -8.354  1.00 18.92 ? 29  ASN C CA    1 
ATOM   642  C  C     . ASN C 3 29 ? -9.851  9.220   -8.347  1.00 19.46 ? 29  ASN C C     1 
ATOM   643  O  O     . ASN C 3 29 ? -11.058 9.355   -8.091  1.00 19.01 ? 29  ASN C O     1 
ATOM   644  C  CB    . ASN C 3 29 ? -9.660  11.673  -8.843  1.00 20.55 ? 29  ASN C CB    1 
ATOM   645  C  CG    . ASN C 3 29 ? -10.290 11.476  -10.204 1.00 22.02 ? 29  ASN C CG    1 
ATOM   646  O  OD1   . ASN C 3 29 ? -9.910  10.574  -10.958 1.00 23.49 ? 29  ASN C OD1   1 
ATOM   647  N  ND2   . ASN C 3 29 ? -11.260 12.325  -10.531 1.00 23.01 ? 29  ASN C ND2   1 
ATOM   648  N  N     . ASP C 3 30 ? -9.299  8.039   -8.643  1.00 19.08 ? 30  ASP C N     1 
ATOM   649  C  CA    . ASP C 3 30 ? -10.103 6.822   -8.631  1.00 18.88 ? 30  ASP C CA    1 
ATOM   650  C  C     . ASP C 3 30 ? -9.409  5.600   -8.023  1.00 18.10 ? 30  ASP C C     1 
ATOM   651  O  O     . ASP C 3 30 ? -9.689  4.459   -8.402  1.00 18.10 ? 30  ASP C O     1 
ATOM   652  C  CB    . ASP C 3 30 ? -10.641 6.515   -10.039 1.00 20.05 ? 30  ASP C CB    1 
ATOM   653  C  CG    . ASP C 3 30 ? -9.570  6.051   -11.012 1.00 19.64 ? 30  ASP C CG    1 
ATOM   654  O  OD1   . ASP C 3 30 ? -8.364  6.153   -10.695 1.00 19.75 ? 30  ASP C OD1   1 
ATOM   655  O  OD2   . ASP C 3 30 ? -9.955  5.582   -12.110 1.00 20.86 ? 30  ASP C OD2   1 
ATOM   656  N  N     . GLY C 3 31 ? -8.505  5.845   -7.073  1.00 17.67 ? 31  GLY C N     1 
ATOM   657  C  CA    . GLY C 3 31 ? -7.823  4.755   -6.391  1.00 15.78 ? 31  GLY C CA    1 
ATOM   658  C  C     . GLY C 3 31 ? -6.373  4.442   -6.714  1.00 15.01 ? 31  GLY C C     1 
ATOM   659  O  O     . GLY C 3 31 ? -5.754  3.637   -6.021  1.00 15.54 ? 31  GLY C O     1 
ATOM   660  N  N     . GLN C 3 32 ? -5.830  5.069   -7.751  1.00 14.35 ? 32  GLN C N     1 
ATOM   661  C  CA    . GLN C 3 32 ? -4.447  4.841   -8.172  1.00 13.67 ? 32  GLN C CA    1 
ATOM   662  C  C     . GLN C 3 32 ? -3.433  5.546   -7.264  1.00 13.33 ? 32  GLN C C     1 
ATOM   663  O  O     . GLN C 3 32 ? -3.610  6.708   -6.896  1.00 11.91 ? 32  GLN C O     1 
ATOM   664  C  CB    . GLN C 3 32 ? -4.279  5.330   -9.604  1.00 14.92 ? 32  GLN C CB    1 
ATOM   665  C  CG    . GLN C 3 32 ? -3.187  4.654   -10.394 1.00 18.62 ? 32  GLN C CG    1 
ATOM   666  C  CD    . GLN C 3 32 ? -3.433  4.747   -11.888 1.00 19.87 ? 32  GLN C CD    1 
ATOM   667  O  OE1   . GLN C 3 32 ? -4.566  4.609   -12.355 1.00 22.44 ? 32  GLN C OE1   1 
ATOM   668  N  NE2   . GLN C 3 32 ? -2.375  4.984   -12.645 1.00 22.35 ? 32  GLN C NE2   1 
ATOM   669  N  N     . PHE C 3 33 ? -2.367  4.844   -6.902  1.00 12.08 ? 33  PHE C N     1 
ATOM   670  C  CA    . PHE C 3 33 ? -1.351  5.423   -6.038  1.00 11.28 ? 33  PHE C CA    1 
ATOM   671  C  C     . PHE C 3 33 ? 0.018   4.907   -6.431  1.00 11.58 ? 33  PHE C C     1 
ATOM   672  O  O     . PHE C 3 33 ? 0.122   3.896   -7.118  1.00 11.41 ? 33  PHE C O     1 
ATOM   673  C  CB    . PHE C 3 33 ? -1.644  5.101   -4.560  1.00 10.42 ? 33  PHE C CB    1 
ATOM   674  C  CG    . PHE C 3 33 ? -1.548  3.629   -4.211  1.00 9.28  ? 33  PHE C CG    1 
ATOM   675  C  CD1   . PHE C 3 33 ? -2.632  2.775   -4.425  1.00 9.59  ? 33  PHE C CD1   1 
ATOM   676  C  CD2   . PHE C 3 33 ? -0.380  3.104   -3.660  1.00 9.03  ? 33  PHE C CD2   1 
ATOM   677  C  CE1   . PHE C 3 33 ? -2.549  1.405   -4.092  1.00 7.34  ? 33  PHE C CE1   1 
ATOM   678  C  CE2   . PHE C 3 33 ? -0.286  1.742   -3.323  1.00 8.14  ? 33  PHE C CE2   1 
ATOM   679  C  CZ    . PHE C 3 33 ? -1.374  0.897   -3.541  1.00 7.02  ? 33  PHE C CZ    1 
ATOM   680  N  N     . LYS C 3 34 ? 1.063   5.609   -5.996  1.00 11.68 ? 34  LYS C N     1 
ATOM   681  C  CA    . LYS C 3 34 ? 2.435   5.235   -6.314  1.00 11.90 ? 34  LYS C CA    1 
ATOM   682  C  C     . LYS C 3 34 ? 3.354   5.273   -5.096  1.00 12.16 ? 34  LYS C C     1 
ATOM   683  O  O     . LYS C 3 34 ? 3.340   6.230   -4.307  1.00 10.80 ? 34  LYS C O     1 
ATOM   684  C  CB    . LYS C 3 34 ? 2.980   6.167   -7.405  1.00 12.29 ? 34  LYS C CB    1 
ATOM   685  C  CG    . LYS C 3 34 ? 4.469   6.019   -7.701  1.00 13.19 ? 34  LYS C CG    1 
ATOM   686  C  CD    . LYS C 3 34 ? 4.858   6.816   -8.952  1.00 14.49 ? 34  LYS C CD    1 
ATOM   687  C  CE    . LYS C 3 34 ? 6.298   6.549   -9.374  1.00 15.79 ? 34  LYS C CE    1 
ATOM   688  N  NZ    . LYS C 3 34 ? 7.047   5.714   -8.388  1.00 16.74 ? 34  LYS C NZ    1 
ATOM   689  N  N     . LEU C 3 35 ? 4.143   4.210   -4.940  1.00 12.51 ? 35  LEU C N     1 
ATOM   690  C  CA    . LEU C 3 35 ? 5.100   4.109   -3.849  1.00 12.86 ? 35  LEU C CA    1 
ATOM   691  C  C     . LEU C 3 35 ? 6.367   4.850   -4.280  1.00 13.32 ? 35  LEU C C     1 
ATOM   692  O  O     . LEU C 3 35 ? 7.300   4.253   -4.839  1.00 13.56 ? 35  LEU C O     1 
ATOM   693  C  CB    . LEU C 3 35 ? 5.425   2.639   -3.561  1.00 14.11 ? 35  LEU C CB    1 
ATOM   694  C  CG    . LEU C 3 35 ? 4.223   1.747   -3.261  1.00 14.11 ? 35  LEU C CG    1 
ATOM   695  C  CD1   . LEU C 3 35 ? 4.619   0.284   -3.435  1.00 14.99 ? 35  LEU C CD1   1 
ATOM   696  C  CD2   . LEU C 3 35 ? 3.743   2.014   -1.845  1.00 13.04 ? 35  LEU C CD2   1 
ATOM   697  N  N     . LEU C 3 36 ? 6.388   6.159   -4.027  1.00 12.82 ? 36  LEU C N     1 
ATOM   698  C  CA    . LEU C 3 36 ? 7.524   6.995   -4.394  1.00 11.99 ? 36  LEU C CA    1 
ATOM   699  C  C     . LEU C 3 36 ? 8.786   6.491   -3.732  1.00 10.86 ? 36  LEU C C     1 
ATOM   700  O  O     . LEU C 3 36 ? 9.841   6.468   -4.348  1.00 10.61 ? 36  LEU C O     1 
ATOM   701  C  CB    . LEU C 3 36 ? 7.270   8.451   -3.991  1.00 11.33 ? 36  LEU C CB    1 
ATOM   702  C  CG    . LEU C 3 36 ? 6.054   9.128   -4.622  1.00 12.80 ? 36  LEU C CG    1 
ATOM   703  C  CD1   . LEU C 3 36 ? 6.057   10.598  -4.239  1.00 12.15 ? 36  LEU C CD1   1 
ATOM   704  C  CD2   . LEU C 3 36 ? 6.092   8.983   -6.144  1.00 13.59 ? 36  LEU C CD2   1 
ATOM   705  N  N     . GLN C 3 37 ? 8.665   6.099   -2.466  1.00 11.05 ? 37  GLN C N     1 
ATOM   706  C  CA    . GLN C 3 37 ? 9.777   5.571   -1.683  1.00 11.01 ? 37  GLN C CA    1 
ATOM   707  C  C     . GLN C 3 37 ? 9.340   4.186   -1.175  1.00 11.31 ? 37  GLN C C     1 
ATOM   708  O  O     . GLN C 3 37 ? 8.971   4.021   -0.006  1.00 10.23 ? 37  GLN C O     1 
ATOM   709  C  CB    . GLN C 3 37 ? 10.069  6.503   -0.502  1.00 11.79 ? 37  GLN C CB    1 
ATOM   710  C  CG    . GLN C 3 37 ? 10.497  7.910   -0.898  1.00 14.11 ? 37  GLN C CG    1 
ATOM   711  C  CD    . GLN C 3 37 ? 11.784  7.941   -1.715  1.00 15.46 ? 37  GLN C CD    1 
ATOM   712  O  OE1   . GLN C 3 37 ? 11.941  8.776   -2.608  1.00 17.23 ? 37  GLN C OE1   1 
ATOM   713  N  NE2   . GLN C 3 37 ? 12.714  7.031   -1.411  1.00 15.64 ? 37  GLN C NE2   1 
ATOM   714  N  N     . ALA C 3 38 ? 9.398   3.203   -2.076  1.00 12.36 ? 38  ALA C N     1 
ATOM   715  C  CA    . ALA C 3 38 ? 8.980   1.828   -1.819  1.00 11.58 ? 38  ALA C CA    1 
ATOM   716  C  C     . ALA C 3 38 ? 9.633   1.122   -0.635  1.00 11.57 ? 38  ALA C C     1 
ATOM   717  O  O     . ALA C 3 38 ? 8.940   0.473   0.154   1.00 12.20 ? 38  ALA C O     1 
ATOM   718  C  CB    . ALA C 3 38 ? 9.165   1.009   -3.077  1.00 12.17 ? 38  ALA C CB    1 
ATOM   719  N  N     . GLU C 3 39 ? 10.952  1.239   -0.508  1.00 10.34 ? 39  GLU C N     1 
ATOM   720  C  CA    . GLU C 3 39 ? 11.666  0.618   0.601   1.00 10.03 ? 39  GLU C CA    1 
ATOM   721  C  C     . GLU C 3 39 ? 11.368  1.354   1.916   1.00 10.28 ? 39  GLU C C     1 
ATOM   722  O  O     . GLU C 3 39 ? 11.372  0.752   2.993   1.00 8.56  ? 39  GLU C O     1 
ATOM   723  C  CB    . GLU C 3 39 ? 13.169  0.627   0.326   1.00 10.80 ? 39  GLU C CB    1 
ATOM   724  C  CG    . GLU C 3 39 ? 13.573  -0.218  -0.877  1.00 11.58 ? 39  GLU C CG    1 
ATOM   725  C  CD    . GLU C 3 39 ? 13.215  -1.698  -0.722  1.00 12.52 ? 39  GLU C CD    1 
ATOM   726  O  OE1   . GLU C 3 39 ? 12.832  -2.116  0.387   1.00 12.74 ? 39  GLU C OE1   1 
ATOM   727  O  OE2   . GLU C 3 39 ? 13.322  -2.442  -1.718  1.00 12.35 ? 39  GLU C OE2   1 
ATOM   728  N  N     . GLU C 3 40 ? 11.124  2.662   1.836   1.00 10.18 ? 40  GLU C N     1 
ATOM   729  C  CA    . GLU C 3 40 ? 10.812  3.407   3.043   1.00 10.19 ? 40  GLU C CA    1 
ATOM   730  C  C     . GLU C 3 40 ? 9.429   2.979   3.555   1.00 9.86  ? 40  GLU C C     1 
ATOM   731  O  O     . GLU C 3 40 ? 9.235   2.808   4.759   1.00 10.62 ? 40  GLU C O     1 
ATOM   732  C  CB    . GLU C 3 40 ? 10.842  4.919   2.792   1.00 8.63  ? 40  GLU C CB    1 
ATOM   733  C  CG    . GLU C 3 40 ? 10.609  5.692   4.070   1.00 8.66  ? 40  GLU C CG    1 
ATOM   734  C  CD    . GLU C 3 40 ? 10.670  7.198   3.899   1.00 8.32  ? 40  GLU C CD    1 
ATOM   735  O  OE1   . GLU C 3 40 ? 10.754  7.695   2.752   1.00 7.48  ? 40  GLU C OE1   1 
ATOM   736  O  OE2   . GLU C 3 40 ? 10.640  7.884   4.937   1.00 9.73  ? 40  GLU C OE2   1 
ATOM   737  N  N     . VAL C 3 41 ? 8.474   2.793   2.644   1.00 10.29 ? 41  VAL C N     1 
ATOM   738  C  CA    . VAL C 3 41 ? 7.124   2.354   3.022   1.00 9.15  ? 41  VAL C CA    1 
ATOM   739  C  C     . VAL C 3 41 ? 7.224   0.945   3.625   1.00 10.06 ? 41  VAL C C     1 
ATOM   740  O  O     . VAL C 3 41 ? 6.541   0.634   4.602   1.00 9.64  ? 41  VAL C O     1 
ATOM   741  C  CB    . VAL C 3 41 ? 6.166   2.292   1.791   1.00 8.85  ? 41  VAL C CB    1 
ATOM   742  C  CG1   . VAL C 3 41 ? 4.869   1.604   2.170   1.00 8.85  ? 41  VAL C CG1   1 
ATOM   743  C  CG2   . VAL C 3 41 ? 5.864   3.702   1.268   1.00 9.44  ? 41  VAL C CG2   1 
ATOM   744  N  N     . ALA C 3 42 ? 8.085   0.104   3.048   1.00 10.14 ? 42  ALA C N     1 
ATOM   745  C  CA    . ALA C 3 42 ? 8.262   -1.275  3.521   1.00 10.96 ? 42  ALA C CA    1 
ATOM   746  C  C     . ALA C 3 42 ? 8.843   -1.346  4.933   1.00 11.19 ? 42  ALA C C     1 
ATOM   747  O  O     . ALA C 3 42 ? 8.439   -2.187  5.750   1.00 12.54 ? 42  ALA C O     1 
ATOM   748  C  CB    . ALA C 3 42 ? 9.146   -2.060  2.548   1.00 9.96  ? 42  ALA C CB    1 
ATOM   749  N  N     . ARG C 3 43 ? 9.801   -0.476  5.219   1.00 11.52 ? 43  ARG C N     1 
ATOM   750  C  CA    . ARG C 3 43 ? 10.415  -0.441  6.540   1.00 11.02 ? 43  ARG C CA    1 
ATOM   751  C  C     . ARG C 3 43 ? 9.357   -0.016  7.559   1.00 11.29 ? 43  ARG C C     1 
ATOM   752  O  O     . ARG C 3 43 ? 9.286   -0.560  8.669   1.00 11.57 ? 43  ARG C O     1 
ATOM   753  C  CB    . ARG C 3 43 ? 11.597  0.534   6.538   1.00 11.64 ? 43  ARG C CB    1 
ATOM   754  C  CG    . ARG C 3 43 ? 12.795  0.036   5.726   1.00 12.39 ? 43  ARG C CG    1 
ATOM   755  C  CD    . ARG C 3 43 ? 14.067  0.831   6.017   1.00 13.37 ? 43  ARG C CD    1 
ATOM   756  N  NE    . ARG C 3 43 ? 13.963  2.230   5.593   1.00 14.66 ? 43  ARG C NE    1 
ATOM   757  C  CZ    . ARG C 3 43 ? 14.355  2.685   4.409   1.00 14.57 ? 43  ARG C CZ    1 
ATOM   758  N  NH1   . ARG C 3 43 ? 14.879  1.850   3.521   1.00 16.54 ? 43  ARG C NH1   1 
ATOM   759  N  NH2   . ARG C 3 43 ? 14.226  3.970   4.114   1.00 13.51 ? 43  ARG C NH2   1 
ATOM   760  N  N     . LEU C 3 44 ? 8.520   0.940   7.165   1.00 11.55 ? 44  LEU C N     1 
ATOM   761  C  CA    . LEU C 3 44 ? 7.444   1.452   8.023   1.00 12.34 ? 44  LEU C CA    1 
ATOM   762  C  C     . LEU C 3 44 ? 6.430   0.351   8.322   1.00 12.24 ? 44  LEU C C     1 
ATOM   763  O  O     . LEU C 3 44 ? 5.879   0.270   9.417   1.00 11.45 ? 44  LEU C O     1 
ATOM   764  C  CB    . LEU C 3 44 ? 6.732   2.619   7.321   1.00 13.26 ? 44  LEU C CB    1 
ATOM   765  C  CG    . LEU C 3 44 ? 6.011   3.665   8.174   1.00 12.89 ? 44  LEU C CG    1 
ATOM   766  C  CD1   . LEU C 3 44 ? 6.983   4.261   9.181   1.00 13.22 ? 44  LEU C CD1   1 
ATOM   767  C  CD2   . LEU C 3 44 ? 5.444   4.744   7.270   1.00 12.61 ? 44  LEU C CD2   1 
ATOM   768  N  N     . TRP C 3 45 ? 6.184   -0.491  7.324   1.00 11.97 ? 45  TRP C N     1 
ATOM   769  C  CA    . TRP C 3 45 ? 5.248   -1.607  7.448   1.00 12.60 ? 45  TRP C CA    1 
ATOM   770  C  C     . TRP C 3 45 ? 5.843   -2.662  8.392   1.00 12.86 ? 45  TRP C C     1 
ATOM   771  O  O     . TRP C 3 45 ? 5.148   -3.233  9.239   1.00 12.48 ? 45  TRP C O     1 
ATOM   772  C  CB    . TRP C 3 45 ? 4.976   -2.181  6.040   1.00 11.92 ? 45  TRP C CB    1 
ATOM   773  C  CG    . TRP C 3 45 ? 4.179   -3.449  5.990   1.00 11.84 ? 45  TRP C CG    1 
ATOM   774  C  CD1   . TRP C 3 45 ? 4.537   -4.614  5.359   1.00 12.10 ? 45  TRP C CD1   1 
ATOM   775  C  CD2   . TRP C 3 45 ? 2.890   -3.688  6.579   1.00 12.01 ? 45  TRP C CD2   1 
ATOM   776  N  NE1   . TRP C 3 45 ? 3.553   -5.559  5.524   1.00 11.63 ? 45  TRP C NE1   1 
ATOM   777  C  CE2   . TRP C 3 45 ? 2.531   -5.023  6.267   1.00 11.89 ? 45  TRP C CE2   1 
ATOM   778  C  CE3   . TRP C 3 45 ? 2.004   -2.908  7.341   1.00 11.55 ? 45  TRP C CE3   1 
ATOM   779  C  CZ2   . TRP C 3 45 ? 1.317   -5.595  6.691   1.00 12.16 ? 45  TRP C CZ2   1 
ATOM   780  C  CZ3   . TRP C 3 45 ? 0.798   -3.478  7.765   1.00 12.28 ? 45  TRP C CZ3   1 
ATOM   781  C  CH2   . TRP C 3 45 ? 0.469   -4.811  7.436   1.00 12.27 ? 45  TRP C CH2   1 
ATOM   782  N  N     . GLY C 3 46 ? 7.142   -2.901  8.256   1.00 13.12 ? 46  GLY C N     1 
ATOM   783  C  CA    . GLY C 3 46 ? 7.802   -3.867  9.117   1.00 13.54 ? 46  GLY C CA    1 
ATOM   784  C  C     . GLY C 3 46 ? 7.821   -3.415  10.573  1.00 13.89 ? 46  GLY C C     1 
ATOM   785  O  O     . GLY C 3 46 ? 7.756   -4.240  11.487  1.00 12.56 ? 46  GLY C O     1 
ATOM   786  N  N     . ILE C 3 47 ? 7.925   -2.107  10.798  1.00 13.51 ? 47  ILE C N     1 
ATOM   787  C  CA    . ILE C 3 47 ? 7.932   -1.578  12.156  1.00 13.56 ? 47  ILE C CA    1 
ATOM   788  C  C     . ILE C 3 47 ? 6.537   -1.805  12.745  1.00 14.81 ? 47  ILE C C     1 
ATOM   789  O  O     . ILE C 3 47 ? 6.389   -2.234  13.892  1.00 15.06 ? 47  ILE C O     1 
ATOM   790  C  CB    . ILE C 3 47 ? 8.286   -0.064  12.162  1.00 12.81 ? 47  ILE C CB    1 
ATOM   791  C  CG1   . ILE C 3 47 ? 9.802   0.107   11.997  1.00 13.13 ? 47  ILE C CG1   1 
ATOM   792  C  CG2   . ILE C 3 47 ? 7.814   0.585   13.465  1.00 12.85 ? 47  ILE C CG2   1 
ATOM   793  C  CD1   . ILE C 3 47 ? 10.261  1.512   11.663  1.00 13.51 ? 47  ILE C CD1   1 
ATOM   794  N  N     . ARG C 3 48 ? 5.515   -1.539  11.940  1.00 15.43 ? 48  ARG C N     1 
ATOM   795  C  CA    . ARG C 3 48 ? 4.133   -1.710  12.369  1.00 18.30 ? 48  ARG C CA    1 
ATOM   796  C  C     . ARG C 3 48 ? 3.789   -3.171  12.706  1.00 18.37 ? 48  ARG C C     1 
ATOM   797  O  O     . ARG C 3 48 ? 3.124   -3.446  13.700  1.00 18.65 ? 48  ARG C O     1 
ATOM   798  C  CB    . ARG C 3 48 ? 3.197   -1.198  11.270  1.00 21.41 ? 48  ARG C CB    1 
ATOM   799  C  CG    . ARG C 3 48 ? 1.746   -1.052  11.694  1.00 27.65 ? 48  ARG C CG    1 
ATOM   800  C  CD    . ARG C 3 48 ? 1.553   0.145   12.609  1.00 31.11 ? 48  ARG C CD    1 
ATOM   801  N  NE    . ARG C 3 48 ? 2.501   1.214   12.302  1.00 35.46 ? 48  ARG C NE    1 
ATOM   802  C  CZ    . ARG C 3 48 ? 2.380   2.468   12.728  1.00 37.45 ? 48  ARG C CZ    1 
ATOM   803  N  NH1   . ARG C 3 48 ? 1.345   2.828   13.485  1.00 38.27 ? 48  ARG C NH1   1 
ATOM   804  N  NH2   . ARG C 3 48 ? 3.296   3.367   12.390  1.00 37.35 ? 48  ARG C NH2   1 
ATOM   805  N  N     . LYS C 3 49 ? 4.252   -4.103  11.875  1.00 18.38 ? 49  LYS C N     1 
ATOM   806  C  CA    . LYS C 3 49 ? 3.972   -5.521  12.075  1.00 17.99 ? 49  LYS C CA    1 
ATOM   807  C  C     . LYS C 3 49 ? 5.060   -6.233  12.861  1.00 18.18 ? 49  LYS C C     1 
ATOM   808  O  O     . LYS C 3 49 ? 4.955   -7.424  13.132  1.00 17.33 ? 49  LYS C O     1 
ATOM   809  C  CB    . LYS C 3 49 ? 3.794   -6.215  10.726  1.00 17.43 ? 49  LYS C CB    1 
ATOM   810  C  CG    . LYS C 3 49 ? 2.512   -5.844  10.016  1.00 18.46 ? 49  LYS C CG    1 
ATOM   811  C  CD    . LYS C 3 49 ? 1.373   -6.775  10.406  1.00 20.06 ? 49  LYS C CD    1 
ATOM   812  C  CE    . LYS C 3 49 ? 1.068   -7.785  9.297   1.00 21.46 ? 49  LYS C CE    1 
ATOM   813  N  NZ    . LYS C 3 49 ? 1.896   -9.018  9.396   1.00 22.33 ? 49  LYS C NZ    1 
ATOM   814  N  N     . ASN C 3 50 ? 6.111   -5.506  13.220  1.00 18.66 ? 50  ASN C N     1 
ATOM   815  C  CA    . ASN C 3 50 ? 7.211   -6.090  13.971  1.00 19.33 ? 50  ASN C CA    1 
ATOM   816  C  C     . ASN C 3 50 ? 8.043   -7.095  13.153  1.00 19.35 ? 50  ASN C C     1 
ATOM   817  O  O     . ASN C 3 50 ? 8.453   -8.136  13.667  1.00 18.17 ? 50  ASN C O     1 
ATOM   818  C  CB    . ASN C 3 50 ? 6.664   -6.768  15.228  1.00 20.79 ? 50  ASN C CB    1 
ATOM   819  C  CG    . ASN C 3 50 ? 7.451   -6.419  16.461  1.00 22.56 ? 50  ASN C CG    1 
ATOM   820  O  OD1   . ASN C 3 50 ? 8.476   -7.046  16.755  1.00 23.99 ? 50  ASN C OD1   1 
ATOM   821  N  ND2   . ASN C 3 50 ? 6.987   -5.406  17.195  1.00 22.79 ? 50  ASN C ND2   1 
ATOM   822  N  N     . LYS C 3 51 ? 8.282   -6.778  11.881  1.00 18.39 ? 51  LYS C N     1 
ATOM   823  C  CA    . LYS C 3 51 ? 9.083   -7.630  10.990  1.00 18.54 ? 51  LYS C CA    1 
ATOM   824  C  C     . LYS C 3 51 ? 10.273  -6.791  10.494  1.00 17.93 ? 51  LYS C C     1 
ATOM   825  O  O     . LYS C 3 51 ? 10.240  -6.233  9.394   1.00 18.14 ? 51  LYS C O     1 
ATOM   826  C  CB    . LYS C 3 51 ? 8.240   -8.099  9.795   1.00 17.54 ? 51  LYS C CB    1 
ATOM   827  C  CG    . LYS C 3 51 ? 6.974   -8.855  10.173  1.00 18.26 ? 51  LYS C CG    1 
ATOM   828  C  CD    . LYS C 3 51 ? 7.283   -10.288 10.611  1.00 19.94 ? 51  LYS C CD    1 
ATOM   829  C  CE    . LYS C 3 51 ? 6.029   -10.992 11.139  1.00 20.86 ? 51  LYS C CE    1 
ATOM   830  N  NZ    . LYS C 3 51 ? 6.367   -12.247 11.880  1.00 22.14 ? 51  LYS C NZ    1 
ATOM   831  N  N     . PRO C 3 52 ? 11.347  -6.713  11.297  1.00 17.51 ? 52  PRO C N     1 
ATOM   832  C  CA    . PRO C 3 52 ? 12.556  -5.944  10.981  1.00 17.45 ? 52  PRO C CA    1 
ATOM   833  C  C     . PRO C 3 52 ? 13.205  -6.195  9.639   1.00 16.74 ? 52  PRO C C     1 
ATOM   834  O  O     . PRO C 3 52 ? 13.954  -5.353  9.160   1.00 16.69 ? 52  PRO C O     1 
ATOM   835  C  CB    . PRO C 3 52 ? 13.508  -6.261  12.134  1.00 17.13 ? 52  PRO C CB    1 
ATOM   836  C  CG    . PRO C 3 52 ? 12.955  -7.481  12.771  1.00 17.91 ? 52  PRO C CG    1 
ATOM   837  C  CD    . PRO C 3 52 ? 11.478  -7.408  12.588  1.00 18.33 ? 52  PRO C CD    1 
ATOM   838  N  N     . ASN C 3 53 ? 12.931  -7.342  9.029   1.00 16.40 ? 53  ASN C N     1 
ATOM   839  C  CA    . ASN C 3 53 ? 13.540  -7.649  7.738   1.00 15.45 ? 53  ASN C CA    1 
ATOM   840  C  C     . ASN C 3 53 ? 12.605  -7.393  6.565   1.00 14.41 ? 53  ASN C C     1 
ATOM   841  O  O     . ASN C 3 53 ? 12.875  -7.820  5.444   1.00 13.44 ? 53  ASN C O     1 
ATOM   842  C  CB    . ASN C 3 53 ? 14.015  -9.099  7.711   1.00 16.44 ? 53  ASN C CB    1 
ATOM   843  C  CG    . ASN C 3 53 ? 14.903  -9.439  8.894   1.00 18.48 ? 53  ASN C CG    1 
ATOM   844  O  OD1   . ASN C 3 53 ? 14.659  -10.412 9.610   1.00 21.02 ? 53  ASN C OD1   1 
ATOM   845  N  ND2   . ASN C 3 53 ? 15.937  -8.639  9.104   1.00 17.02 ? 53  ASN C ND2   1 
ATOM   846  N  N     . MET C 3 54 ? 11.507  -6.685  6.829   1.00 13.34 ? 54  MET C N     1 
ATOM   847  C  CA    . MET C 3 54 ? 10.532  -6.365  5.794   1.00 12.77 ? 54  MET C CA    1 
ATOM   848  C  C     . MET C 3 54 ? 11.149  -5.439  4.748   1.00 12.48 ? 54  MET C C     1 
ATOM   849  O  O     . MET C 3 54 ? 11.888  -4.507  5.081   1.00 12.31 ? 54  MET C O     1 
ATOM   850  C  CB    . MET C 3 54 ? 9.295   -5.692  6.421   1.00 12.86 ? 54  MET C CB    1 
ATOM   851  C  CG    . MET C 3 54 ? 8.158   -5.368  5.447   1.00 9.65  ? 54  MET C CG    1 
ATOM   852  S  SD    . MET C 3 54 ? 7.730   -6.675  4.262   1.00 12.30 ? 54  MET C SD    1 
ATOM   853  C  CE    . MET C 3 54 ? 7.122   -7.987  5.371   1.00 10.42 ? 54  MET C CE    1 
ATOM   854  N  N     . ASN C 3 55 ? 10.869  -5.711  3.481   1.00 11.48 ? 55  ASN C N     1 
ATOM   855  C  CA    . ASN C 3 55 ? 11.377  -4.860  2.417   1.00 11.27 ? 55  ASN C CA    1 
ATOM   856  C  C     . ASN C 3 55 ? 10.323  -4.816  1.325   1.00 11.24 ? 55  ASN C C     1 
ATOM   857  O  O     . ASN C 3 55 ? 9.272   -5.466  1.442   1.00 10.72 ? 55  ASN C O     1 
ATOM   858  C  CB    . ASN C 3 55 ? 12.727  -5.367  1.880   1.00 10.80 ? 55  ASN C CB    1 
ATOM   859  C  CG    . ASN C 3 55 ? 12.661  -6.785  1.372   1.00 10.59 ? 55  ASN C CG    1 
ATOM   860  O  OD1   . ASN C 3 55 ? 11.625  -7.233  0.904   1.00 11.77 ? 55  ASN C OD1   1 
ATOM   861  N  ND2   . ASN C 3 55 ? 13.777  -7.503  1.460   1.00 9.97  ? 55  ASN C ND2   1 
ATOM   862  N  N     . TYR C 3 56 ? 10.583  -4.047  0.273   1.00 9.65  ? 56  TYR C N     1 
ATOM   863  C  CA    . TYR C 3 56 ? 9.608   -3.930  -0.798  1.00 9.41  ? 56  TYR C CA    1 
ATOM   864  C  C     . TYR C 3 56 ? 9.401   -5.245  -1.551  1.00 9.09  ? 56  TYR C C     1 
ATOM   865  O  O     . TYR C 3 56 ? 8.320   -5.498  -2.080  1.00 9.69  ? 56  TYR C O     1 
ATOM   866  C  CB    . TYR C 3 56 ? 10.015  -2.825  -1.773  1.00 8.18  ? 56  TYR C CB    1 
ATOM   867  C  CG    . TYR C 3 56 ? 9.045   -2.654  -2.915  1.00 7.50  ? 56  TYR C CG    1 
ATOM   868  C  CD1   . TYR C 3 56 ? 7.679   -2.469  -2.670  1.00 5.68  ? 56  TYR C CD1   1 
ATOM   869  C  CD2   . TYR C 3 56 ? 9.482   -2.711  -4.241  1.00 5.84  ? 56  TYR C CD2   1 
ATOM   870  C  CE1   . TYR C 3 56 ? 6.777   -2.348  -3.718  1.00 6.06  ? 56  TYR C CE1   1 
ATOM   871  C  CE2   . TYR C 3 56 ? 8.583   -2.592  -5.296  1.00 5.84  ? 56  TYR C CE2   1 
ATOM   872  C  CZ    . TYR C 3 56 ? 7.234   -2.414  -5.026  1.00 5.03  ? 56  TYR C CZ    1 
ATOM   873  O  OH    . TYR C 3 56 ? 6.340   -2.324  -6.057  1.00 4.77  ? 56  TYR C OH    1 
ATOM   874  N  N     . ASP C 3 57 ? 10.436  -6.074  -1.601  1.00 9.57  ? 57  ASP C N     1 
ATOM   875  C  CA    . ASP C 3 57 ? 10.329  -7.359  -2.286  1.00 10.25 ? 57  ASP C CA    1 
ATOM   876  C  C     . ASP C 3 57 ? 9.151   -8.144  -1.717  1.00 10.20 ? 57  ASP C C     1 
ATOM   877  O  O     . ASP C 3 57 ? 8.236   -8.525  -2.445  1.00 10.44 ? 57  ASP C O     1 
ATOM   878  C  CB    . ASP C 3 57 ? 11.616  -8.154  -2.090  1.00 11.38 ? 57  ASP C CB    1 
ATOM   879  C  CG    . ASP C 3 57 ? 11.635  -9.450  -2.887  1.00 13.26 ? 57  ASP C CG    1 
ATOM   880  O  OD1   . ASP C 3 57 ? 10.711  -9.700  -3.682  1.00 15.46 ? 57  ASP C OD1   1 
ATOM   881  O  OD2   . ASP C 3 57 ? 12.591  -10.220 -2.713  1.00 15.16 ? 57  ASP C OD2   1 
ATOM   882  N  N     . LYS C 3 58 ? 9.179   -8.365  -0.406  1.00 10.70 ? 58  LYS C N     1 
ATOM   883  C  CA    . LYS C 3 58 ? 8.129   -9.109  0.276   1.00 10.53 ? 58  LYS C CA    1 
ATOM   884  C  C     . LYS C 3 58 ? 6.809   -8.344  0.384   1.00 9.80  ? 58  LYS C C     1 
ATOM   885  O  O     . LYS C 3 58 ? 5.750   -8.950  0.345   1.00 9.96  ? 58  LYS C O     1 
ATOM   886  C  CB    . LYS C 3 58 ? 8.621   -9.524  1.664   1.00 10.90 ? 58  LYS C CB    1 
ATOM   887  C  CG    . LYS C 3 58 ? 9.783   -10.511 1.615   1.00 10.57 ? 58  LYS C CG    1 
ATOM   888  C  CD    . LYS C 3 58 ? 10.317  -10.817 3.004   1.00 10.36 ? 58  LYS C CD    1 
ATOM   889  C  CE    . LYS C 3 58 ? 11.467  -9.897  3.383   1.00 10.57 ? 58  LYS C CE    1 
ATOM   890  N  NZ    . LYS C 3 58 ? 12.060  -10.228 4.717   1.00 8.98  ? 58  LYS C NZ    1 
ATOM   891  N  N     . LEU C 3 59 ? 6.859   -7.020  0.525   1.00 9.78  ? 59  LEU C N     1 
ATOM   892  C  CA    . LEU C 3 59 ? 5.621   -6.243  0.605   1.00 8.53  ? 59  LEU C CA    1 
ATOM   893  C  C     . LEU C 3 59 ? 4.882   -6.369  -0.725  1.00 8.51  ? 59  LEU C C     1 
ATOM   894  O  O     . LEU C 3 59 ? 3.666   -6.549  -0.763  1.00 7.31  ? 59  LEU C O     1 
ATOM   895  C  CB    . LEU C 3 59 ? 5.918   -4.756  0.909   1.00 8.50  ? 59  LEU C CB    1 
ATOM   896  C  CG    . LEU C 3 59 ? 4.722   -3.824  1.189   1.00 7.12  ? 59  LEU C CG    1 
ATOM   897  C  CD1   . LEU C 3 59 ? 5.192   -2.652  2.062   1.00 8.48  ? 59  LEU C CD1   1 
ATOM   898  C  CD2   . LEU C 3 59 ? 4.115   -3.294  -0.097  1.00 5.61  ? 59  LEU C CD2   1 
ATOM   899  N  N     . SER C 3 60 ? 5.630   -6.285  -1.819  1.00 8.84  ? 60  SER C N     1 
ATOM   900  C  CA    . SER C 3 60 ? 5.045   -6.404  -3.141  1.00 9.16  ? 60  SER C CA    1 
ATOM   901  C  C     . SER C 3 60 ? 4.416   -7.797  -3.313  1.00 8.58  ? 60  SER C C     1 
ATOM   902  O  O     . SER C 3 60 ? 3.401   -7.941  -3.995  1.00 8.59  ? 60  SER C O     1 
ATOM   903  C  CB    . SER C 3 60 ? 6.113   -6.141  -4.220  1.00 9.28  ? 60  SER C CB    1 
ATOM   904  O  OG    . SER C 3 60 ? 7.073   -7.192  -4.318  1.00 9.83  ? 60  SER C OG    1 
ATOM   905  N  N     . ARG C 3 61 ? 4.998   -8.826  -2.700  1.00 8.63  ? 61  ARG C N     1 
ATOM   906  C  CA    . ARG C 3 61 ? 4.406   -10.160 -2.827  1.00 8.08  ? 61  ARG C CA    1 
ATOM   907  C  C     . ARG C 3 61 ? 3.028   -10.157 -2.176  1.00 8.43  ? 61  ARG C C     1 
ATOM   908  O  O     . ARG C 3 61 ? 2.096   -10.789 -2.676  1.00 8.82  ? 61  ARG C O     1 
ATOM   909  C  CB    . ARG C 3 61 ? 5.273   -11.231 -2.171  1.00 9.18  ? 61  ARG C CB    1 
ATOM   910  C  CG    . ARG C 3 61 ? 4.738   -12.653 -2.395  1.00 8.79  ? 61  ARG C CG    1 
ATOM   911  C  CD    . ARG C 3 61 ? 4.655   -12.984 -3.888  1.00 9.92  ? 61  ARG C CD    1 
ATOM   912  N  NE    . ARG C 3 61 ? 3.947   -14.227 -4.230  1.00 8.43  ? 61  ARG C NE    1 
ATOM   913  C  CZ    . ARG C 3 61 ? 2.656   -14.298 -4.544  1.00 9.08  ? 61  ARG C CZ    1 
ATOM   914  N  NH1   . ARG C 3 61 ? 1.902   -13.204 -4.559  1.00 8.52  ? 61  ARG C NH1   1 
ATOM   915  N  NH2   . ARG C 3 61 ? 2.124   -15.461 -4.904  1.00 7.55  ? 61  ARG C NH2   1 
ATOM   916  N  N     . ALA C 3 62 ? 2.906   -9.443  -1.054  1.00 7.20  ? 62  ALA C N     1 
ATOM   917  C  CA    . ALA C 3 62 ? 1.630   -9.325  -0.345  1.00 7.19  ? 62  ALA C CA    1 
ATOM   918  C  C     . ALA C 3 62 ? 0.632   -8.563  -1.213  1.00 7.46  ? 62  ALA C C     1 
ATOM   919  O  O     . ALA C 3 62 ? -0.565  -8.867  -1.223  1.00 6.68  ? 62  ALA C O     1 
ATOM   920  C  CB    . ALA C 3 62 ? 1.838   -8.603  0.984   1.00 7.48  ? 62  ALA C CB    1 
ATOM   921  N  N     . LEU C 3 63 ? 1.115   -7.561  -1.946  1.00 7.60  ? 63  LEU C N     1 
ATOM   922  C  CA    . LEU C 3 63 ? 0.234   -6.801  -2.820  1.00 6.61  ? 63  LEU C CA    1 
ATOM   923  C  C     . LEU C 3 63 ? -0.241  -7.720  -3.941  1.00 7.16  ? 63  LEU C C     1 
ATOM   924  O  O     . LEU C 3 63 ? -1.398  -7.663  -4.354  1.00 7.33  ? 63  LEU C O     1 
ATOM   925  C  CB    . LEU C 3 63 ? 0.972   -5.595  -3.413  1.00 7.16  ? 63  LEU C CB    1 
ATOM   926  C  CG    . LEU C 3 63 ? 1.207   -4.427  -2.444  1.00 7.30  ? 63  LEU C CG    1 
ATOM   927  C  CD1   . LEU C 3 63 ? 1.985   -3.310  -3.157  1.00 8.28  ? 63  LEU C CD1   1 
ATOM   928  C  CD2   . LEU C 3 63 ? -0.130  -3.927  -1.903  1.00 6.98  ? 63  LEU C CD2   1 
ATOM   929  N  N     . ARG C 3 64 ? 0.653   -8.573  -4.425  1.00 7.76  ? 64  ARG C N     1 
ATOM   930  C  CA    . ARG C 3 64 ? 0.303   -9.485  -5.508  1.00 9.75  ? 64  ARG C CA    1 
ATOM   931  C  C     . ARG C 3 64 ? -0.790  -10.461 -5.099  1.00 10.09 ? 64  ARG C C     1 
ATOM   932  O  O     . ARG C 3 64 ? -1.573  -10.914 -5.926  1.00 11.06 ? 64  ARG C O     1 
ATOM   933  C  CB    . ARG C 3 64 ? 1.551   -10.225 -5.983  1.00 11.13 ? 64  ARG C CB    1 
ATOM   934  C  CG    . ARG C 3 64 ? 2.440   -9.349  -6.865  1.00 13.94 ? 64  ARG C CG    1 
ATOM   935  C  CD    . ARG C 3 64 ? 3.387   -10.160 -7.725  1.00 13.57 ? 64  ARG C CD    1 
ATOM   936  N  NE    . ARG C 3 64 ? 4.462   -10.742 -6.933  1.00 16.02 ? 64  ARG C NE    1 
ATOM   937  C  CZ    . ARG C 3 64 ? 5.485   -10.056 -6.428  1.00 14.50 ? 64  ARG C CZ    1 
ATOM   938  N  NH1   . ARG C 3 64 ? 5.589   -8.748  -6.630  1.00 15.49 ? 64  ARG C NH1   1 
ATOM   939  N  NH2   . ARG C 3 64 ? 6.421   -10.685 -5.730  1.00 17.42 ? 64  ARG C NH2   1 
ATOM   940  N  N     . TYR C 3 65 ? -0.857  -10.766 -3.812  1.00 10.27 ? 65  TYR C N     1 
ATOM   941  C  CA    . TYR C 3 65 ? -1.893  -11.662 -3.310  1.00 10.38 ? 65  TYR C CA    1 
ATOM   942  C  C     . TYR C 3 65 ? -3.250  -10.957 -3.345  1.00 10.36 ? 65  TYR C C     1 
ATOM   943  O  O     . TYR C 3 65 ? -4.299  -11.601 -3.349  1.00 11.51 ? 65  TYR C O     1 
ATOM   944  C  CB    . TYR C 3 65 ? -1.552  -12.106 -1.887  1.00 8.91  ? 65  TYR C CB    1 
ATOM   945  C  CG    . TYR C 3 65 ? -0.769  -13.397 -1.839  1.00 7.96  ? 65  TYR C CG    1 
ATOM   946  C  CD1   . TYR C 3 65 ? -1.204  -14.525 -2.547  1.00 8.67  ? 65  TYR C CD1   1 
ATOM   947  C  CD2   . TYR C 3 65 ? 0.410   -13.487 -1.112  1.00 7.43  ? 65  TYR C CD2   1 
ATOM   948  C  CE1   . TYR C 3 65 ? -0.467  -15.720 -2.533  1.00 8.27  ? 65  TYR C CE1   1 
ATOM   949  C  CE2   . TYR C 3 65 ? 1.151   -14.662 -1.085  1.00 8.64  ? 65  TYR C CE2   1 
ATOM   950  C  CZ    . TYR C 3 65 ? 0.710   -15.781 -1.799  1.00 7.47  ? 65  TYR C CZ    1 
ATOM   951  O  OH    . TYR C 3 65 ? 1.454   -16.940 -1.771  1.00 7.88  ? 65  TYR C OH    1 
ATOM   952  N  N     . TYR C 3 66 ? -3.226  -9.628  -3.378  1.00 9.19  ? 66  TYR C N     1 
ATOM   953  C  CA    . TYR C 3 66 ? -4.457  -8.850  -3.413  1.00 8.52  ? 66  TYR C CA    1 
ATOM   954  C  C     . TYR C 3 66 ? -5.073  -8.870  -4.812  1.00 8.33  ? 66  TYR C C     1 
ATOM   955  O  O     . TYR C 3 66 ? -6.245  -8.542  -4.977  1.00 7.53  ? 66  TYR C O     1 
ATOM   956  C  CB    . TYR C 3 66 ? -4.187  -7.392  -2.994  1.00 7.48  ? 66  TYR C CB    1 
ATOM   957  C  CG    . TYR C 3 66 ? -3.989  -7.140  -1.503  1.00 7.02  ? 66  TYR C CG    1 
ATOM   958  C  CD1   . TYR C 3 66 ? -4.608  -7.936  -0.536  1.00 8.57  ? 66  TYR C CD1   1 
ATOM   959  C  CD2   . TYR C 3 66 ? -3.210  -6.075  -1.070  1.00 6.76  ? 66  TYR C CD2   1 
ATOM   960  C  CE1   . TYR C 3 66 ? -4.455  -7.665  0.825   1.00 7.43  ? 66  TYR C CE1   1 
ATOM   961  C  CE2   . TYR C 3 66 ? -3.048  -5.793  0.280   1.00 8.37  ? 66  TYR C CE2   1 
ATOM   962  C  CZ    . TYR C 3 66 ? -3.672  -6.587  1.225   1.00 7.99  ? 66  TYR C CZ    1 
ATOM   963  O  OH    . TYR C 3 66 ? -3.525  -6.266  2.558   1.00 7.10  ? 66  TYR C OH    1 
ATOM   964  N  N     . TYR C 3 67 ? -4.286  -9.243  -5.819  1.00 8.83  ? 67  TYR C N     1 
ATOM   965  C  CA    . TYR C 3 67 ? -4.798  -9.286  -7.191  1.00 10.40 ? 67  TYR C CA    1 
ATOM   966  C  C     . TYR C 3 67 ? -5.946  -10.283 -7.273  1.00 11.72 ? 67  TYR C C     1 
ATOM   967  O  O     . TYR C 3 67 ? -6.976  -10.028 -7.898  1.00 11.71 ? 67  TYR C O     1 
ATOM   968  C  CB    . TYR C 3 67 ? -3.710  -9.726  -8.185  1.00 9.37  ? 67  TYR C CB    1 
ATOM   969  C  CG    . TYR C 3 67 ? -2.505  -8.810  -8.323  1.00 10.05 ? 67  TYR C CG    1 
ATOM   970  C  CD1   . TYR C 3 67 ? -2.468  -7.551  -7.717  1.00 9.16  ? 67  TYR C CD1   1 
ATOM   971  C  CD2   . TYR C 3 67 ? -1.384  -9.227  -9.035  1.00 8.84  ? 67  TYR C CD2   1 
ATOM   972  C  CE1   . TYR C 3 67 ? -1.341  -6.741  -7.817  1.00 9.08  ? 67  TYR C CE1   1 
ATOM   973  C  CE2   . TYR C 3 67 ? -0.248  -8.419  -9.142  1.00 8.30  ? 67  TYR C CE2   1 
ATOM   974  C  CZ    . TYR C 3 67 ? -0.231  -7.182  -8.530  1.00 9.60  ? 67  TYR C CZ    1 
ATOM   975  O  OH    . TYR C 3 67 ? 0.893   -6.397  -8.636  1.00 9.17  ? 67  TYR C OH    1 
ATOM   976  N  N     . VAL C 3 68 ? -5.736  -11.433 -6.648  1.00 13.15 ? 68  VAL C N     1 
ATOM   977  C  CA    . VAL C 3 68 ? -6.718  -12.511 -6.617  1.00 14.69 ? 68  VAL C CA    1 
ATOM   978  C  C     . VAL C 3 68 ? -7.952  -12.095 -5.813  1.00 14.89 ? 68  VAL C C     1 
ATOM   979  O  O     . VAL C 3 68 ? -9.094  -12.391 -6.187  1.00 15.85 ? 68  VAL C O     1 
ATOM   980  C  CB    . VAL C 3 68 ? -6.113  -13.764 -5.955  1.00 15.58 ? 68  VAL C CB    1 
ATOM   981  C  CG1   . VAL C 3 68 ? -7.067  -14.932 -6.097  1.00 17.01 ? 68  VAL C CG1   1 
ATOM   982  C  CG2   . VAL C 3 68 ? -4.763  -14.089 -6.587  1.00 15.02 ? 68  VAL C CG2   1 
ATOM   983  N  N     . LYS C 3 69 ? -7.700  -11.407 -4.702  1.00 15.36 ? 69  LYS C N     1 
ATOM   984  C  CA    . LYS C 3 69 ? -8.750  -10.941 -3.815  1.00 14.63 ? 69  LYS C CA    1 
ATOM   985  C  C     . LYS C 3 69 ? -9.496  -9.749  -4.387  1.00 14.51 ? 69  LYS C C     1 
ATOM   986  O  O     . LYS C 3 69 ? -10.554 -9.369  -3.891  1.00 14.53 ? 69  LYS C O     1 
ATOM   987  C  CB    . LYS C 3 69 ? -8.144  -10.580 -2.462  1.00 15.89 ? 69  LYS C CB    1 
ATOM   988  C  CG    . LYS C 3 69 ? -8.116  -11.748 -1.488  1.00 17.72 ? 69  LYS C CG    1 
ATOM   989  C  CD    . LYS C 3 69 ? -6.840  -11.773 -0.686  1.00 19.32 ? 69  LYS C CD    1 
ATOM   990  C  CE    . LYS C 3 69 ? -7.126  -11.618 0.799   1.00 21.50 ? 69  LYS C CE    1 
ATOM   991  N  NZ    . LYS C 3 69 ? -5.867  -11.520 1.594   1.00 22.25 ? 69  LYS C NZ    1 
ATOM   992  N  N     . ASN C 3 70 ? -8.945  -9.160  -5.435  1.00 14.12 ? 70  ASN C N     1 
ATOM   993  C  CA    . ASN C 3 70 ? -9.563  -8.005  -6.065  1.00 15.18 ? 70  ASN C CA    1 
ATOM   994  C  C     . ASN C 3 70 ? -9.606  -6.790  -5.153  1.00 14.76 ? 70  ASN C C     1 
ATOM   995  O  O     . ASN C 3 70 ? -10.561 -6.024  -5.182  1.00 14.35 ? 70  ASN C O     1 
ATOM   996  C  CB    . ASN C 3 70 ? -10.977 -8.344  -6.518  1.00 17.62 ? 70  ASN C CB    1 
ATOM   997  C  CG    . ASN C 3 70 ? -11.045 -8.603  -7.994  1.00 21.38 ? 70  ASN C CG    1 
ATOM   998  O  OD1   . ASN C 3 70 ? -11.161 -7.667  -8.793  1.00 24.45 ? 70  ASN C OD1   1 
ATOM   999  N  ND2   . ASN C 3 70 ? -10.950 -9.881  -8.381  1.00 21.93 ? 70  ASN C ND2   1 
ATOM   1000 N  N     . ILE C 3 71 ? -8.572  -6.624  -4.340  1.00 15.04 ? 71  ILE C N     1 
ATOM   1001 C  CA    . ILE C 3 71 ? -8.488  -5.485  -3.436  1.00 14.46 ? 71  ILE C CA    1 
ATOM   1002 C  C     . ILE C 3 71 ? -7.619  -4.429  -4.112  1.00 14.30 ? 71  ILE C C     1 
ATOM   1003 O  O     . ILE C 3 71 ? -7.946  -3.243  -4.118  1.00 14.38 ? 71  ILE C O     1 
ATOM   1004 C  CB    . ILE C 3 71 ? -7.841  -5.886  -2.087  1.00 14.25 ? 71  ILE C CB    1 
ATOM   1005 C  CG1   . ILE C 3 71 ? -8.867  -6.615  -1.213  1.00 13.44 ? 71  ILE C CG1   1 
ATOM   1006 C  CG2   . ILE C 3 71 ? -7.310  -4.641  -1.364  1.00 13.90 ? 71  ILE C CG2   1 
ATOM   1007 C  CD1   . ILE C 3 71 ? -8.299  -7.098  0.106   1.00 13.78 ? 71  ILE C CD1   1 
ATOM   1008 N  N     . ILE C 3 72 ? -6.516  -4.892  -4.689  1.00 13.62 ? 72  ILE C N     1 
ATOM   1009 C  CA    . ILE C 3 72 ? -5.565  -4.032  -5.378  1.00 13.17 ? 72  ILE C CA    1 
ATOM   1010 C  C     . ILE C 3 72 ? -5.063  -4.739  -6.640  1.00 13.95 ? 72  ILE C C     1 
ATOM   1011 O  O     . ILE C 3 72 ? -4.877  -5.959  -6.658  1.00 13.85 ? 72  ILE C O     1 
ATOM   1012 C  CB    . ILE C 3 72 ? -4.333  -3.697  -4.471  1.00 11.77 ? 72  ILE C CB    1 
ATOM   1013 C  CG1   . ILE C 3 72 ? -4.675  -2.567  -3.502  1.00 11.57 ? 72  ILE C CG1   1 
ATOM   1014 C  CG2   . ILE C 3 72 ? -3.150  -3.238  -5.317  1.00 11.60 ? 72  ILE C CG2   1 
ATOM   1015 C  CD1   . ILE C 3 72 ? -3.797  -2.527  -2.264  1.00 7.49  ? 72  ILE C CD1   1 
ATOM   1016 N  N     . LYS C 3 73 ? -4.869  -3.962  -7.698  1.00 13.63 ? 73  LYS C N     1 
ATOM   1017 C  CA    . LYS C 3 73 ? -4.355  -4.486  -8.946  1.00 14.30 ? 73  LYS C CA    1 
ATOM   1018 C  C     . LYS C 3 73 ? -3.128  -3.658  -9.304  1.00 14.22 ? 73  LYS C C     1 
ATOM   1019 O  O     . LYS C 3 73 ? -2.922  -2.570  -8.763  1.00 13.58 ? 73  LYS C O     1 
ATOM   1020 C  CB    . LYS C 3 73 ? -5.421  -4.414  -10.051 1.00 14.69 ? 73  LYS C CB    1 
ATOM   1021 C  CG    . LYS C 3 73 ? -5.523  -3.090  -10.772 1.00 18.04 ? 73  LYS C CG    1 
ATOM   1022 C  CD    . LYS C 3 73 ? -6.896  -2.913  -11.402 1.00 19.63 ? 73  LYS C CD    1 
ATOM   1023 C  CE    . LYS C 3 73 ? -6.818  -2.783  -12.923 1.00 21.78 ? 73  LYS C CE    1 
ATOM   1024 N  NZ    . LYS C 3 73 ? -5.473  -2.341  -13.407 1.00 22.69 ? 73  LYS C NZ    1 
ATOM   1025 N  N     . LYS C 3 74 ? -2.296  -4.185  -10.189 1.00 14.42 ? 74  LYS C N     1 
ATOM   1026 C  CA    . LYS C 3 74 ? -1.101  -3.477  -10.611 1.00 14.67 ? 74  LYS C CA    1 
ATOM   1027 C  C     . LYS C 3 74 ? -1.440  -2.576  -11.799 1.00 15.80 ? 74  LYS C C     1 
ATOM   1028 O  O     . LYS C 3 74 ? -2.284  -2.933  -12.625 1.00 15.92 ? 74  LYS C O     1 
ATOM   1029 C  CB    . LYS C 3 74 ? -0.014  -4.489  -11.009 1.00 12.80 ? 74  LYS C CB    1 
ATOM   1030 C  CG    . LYS C 3 74 ? 1.298   -3.873  -11.458 1.00 11.08 ? 74  LYS C CG    1 
ATOM   1031 C  CD    . LYS C 3 74 ? 2.128   -3.439  -10.272 1.00 10.42 ? 74  LYS C CD    1 
ATOM   1032 C  CE    . LYS C 3 74 ? 3.438   -2.806  -10.718 1.00 9.87  ? 74  LYS C CE    1 
ATOM   1033 N  NZ    . LYS C 3 74 ? 3.241   -1.475  -11.346 1.00 11.20 ? 74  LYS C NZ    1 
ATOM   1034 N  N     . VAL C 3 75 ? -0.833  -1.389  -11.859 1.00 16.68 ? 75  VAL C N     1 
ATOM   1035 C  CA    . VAL C 3 75 ? -1.044  -0.511  -13.011 1.00 17.58 ? 75  VAL C CA    1 
ATOM   1036 C  C     . VAL C 3 75 ? 0.098   -0.953  -13.933 1.00 18.13 ? 75  VAL C C     1 
ATOM   1037 O  O     . VAL C 3 75 ? 1.267   -0.677  -13.671 1.00 17.55 ? 75  VAL C O     1 
ATOM   1038 C  CB    . VAL C 3 75 ? -0.909  0.992   -12.643 1.00 17.50 ? 75  VAL C CB    1 
ATOM   1039 C  CG1   . VAL C 3 75 ? -0.709  1.824   -13.901 1.00 16.62 ? 75  VAL C CG1   1 
ATOM   1040 C  CG2   . VAL C 3 75 ? -2.162  1.461   -11.919 1.00 16.79 ? 75  VAL C CG2   1 
ATOM   1041 N  N     . ASN C 3 76 ? -0.249  -1.676  -14.994 1.00 19.79 ? 76  ASN C N     1 
ATOM   1042 C  CA    . ASN C 3 76 ? 0.742   -2.212  -15.919 1.00 21.98 ? 76  ASN C CA    1 
ATOM   1043 C  C     . ASN C 3 76 ? 1.690   -1.190  -16.557 1.00 22.65 ? 76  ASN C C     1 
ATOM   1044 O  O     . ASN C 3 76 ? 1.267   -0.126  -17.022 1.00 23.63 ? 76  ASN C O     1 
ATOM   1045 C  CB    . ASN C 3 76 ? 0.040   -3.024  -17.021 1.00 23.73 ? 76  ASN C CB    1 
ATOM   1046 C  CG    . ASN C 3 76 ? -0.596  -4.327  -16.497 1.00 25.34 ? 76  ASN C CG    1 
ATOM   1047 O  OD1   . ASN C 3 76 ? -0.186  -4.876  -15.467 1.00 25.89 ? 76  ASN C OD1   1 
ATOM   1048 N  ND2   . ASN C 3 76 ? -1.596  -4.821  -17.217 1.00 25.50 ? 76  ASN C ND2   1 
ATOM   1049 N  N     . GLY C 3 77 ? 2.978   -1.530  -16.567 1.00 23.02 ? 77  GLY C N     1 
ATOM   1050 C  CA    . GLY C 3 77 ? 3.989   -0.675  -17.171 1.00 23.18 ? 77  GLY C CA    1 
ATOM   1051 C  C     . GLY C 3 77 ? 4.266   0.654   -16.494 1.00 22.80 ? 77  GLY C C     1 
ATOM   1052 O  O     . GLY C 3 77 ? 4.706   1.602   -17.142 1.00 23.63 ? 77  GLY C O     1 
ATOM   1053 N  N     . GLN C 3 78 ? 4.008   0.726   -15.193 1.00 22.12 ? 78  GLN C N     1 
ATOM   1054 C  CA    . GLN C 3 78 ? 4.243   1.946   -14.424 1.00 21.12 ? 78  GLN C CA    1 
ATOM   1055 C  C     . GLN C 3 78 ? 4.838   1.566   -13.083 1.00 19.71 ? 78  GLN C C     1 
ATOM   1056 O  O     . GLN C 3 78 ? 4.113   1.277   -12.139 1.00 19.91 ? 78  GLN C O     1 
ATOM   1057 C  CB    . GLN C 3 78 ? 2.933   2.704   -14.217 1.00 20.85 ? 78  GLN C CB    1 
ATOM   1058 C  CG    . GLN C 3 78 ? 2.285   3.130   -15.519 1.00 23.29 ? 78  GLN C CG    1 
ATOM   1059 C  CD    . GLN C 3 78 ? 1.447   4.372   -15.381 1.00 23.32 ? 78  GLN C CD    1 
ATOM   1060 O  OE1   . GLN C 3 78 ? 0.337   4.443   -15.909 1.00 24.32 ? 78  GLN C OE1   1 
ATOM   1061 N  NE2   . GLN C 3 78 ? 1.968   5.365   -14.665 1.00 24.06 ? 78  GLN C NE2   1 
ATOM   1062 N  N     . LYS C 3 79 ? 6.165   1.569   -13.017 1.00 19.31 ? 79  LYS C N     1 
ATOM   1063 C  CA    . LYS C 3 79 ? 6.894   1.207   -11.808 1.00 19.08 ? 79  LYS C CA    1 
ATOM   1064 C  C     . LYS C 3 79 ? 6.324   1.813   -10.531 1.00 17.55 ? 79  LYS C C     1 
ATOM   1065 O  O     . LYS C 3 79 ? 6.034   3.007   -10.469 1.00 16.61 ? 79  LYS C O     1 
ATOM   1066 C  CB    . LYS C 3 79 ? 8.372   1.599   -11.941 1.00 21.75 ? 79  LYS C CB    1 
ATOM   1067 C  CG    . LYS C 3 79 ? 9.273   0.482   -12.454 1.00 25.31 ? 79  LYS C CG    1 
ATOM   1068 C  CD    . LYS C 3 79 ? 10.490  1.051   -13.181 1.00 27.64 ? 79  LYS C CD    1 
ATOM   1069 C  CE    . LYS C 3 79 ? 11.795  0.587   -12.543 1.00 29.74 ? 79  LYS C CE    1 
ATOM   1070 N  NZ    . LYS C 3 79 ? 12.999  1.268   -13.119 1.00 30.60 ? 79  LYS C NZ    1 
ATOM   1071 N  N     . PHE C 3 80 ? 6.159   0.955   -9.525  1.00 16.54 ? 80  PHE C N     1 
ATOM   1072 C  CA    . PHE C 3 80 ? 5.650   1.328   -8.206  1.00 14.66 ? 80  PHE C CA    1 
ATOM   1073 C  C     . PHE C 3 80 ? 4.210   1.849   -8.142  1.00 13.79 ? 80  PHE C C     1 
ATOM   1074 O  O     . PHE C 3 80 ? 3.750   2.283   -7.084  1.00 13.22 ? 80  PHE C O     1 
ATOM   1075 C  CB    . PHE C 3 80 ? 6.618   2.338   -7.579  1.00 13.47 ? 80  PHE C CB    1 
ATOM   1076 C  CG    . PHE C 3 80 ? 8.038   1.851   -7.532  1.00 12.85 ? 80  PHE C CG    1 
ATOM   1077 C  CD1   . PHE C 3 80 ? 8.381   0.748   -6.757  1.00 12.11 ? 80  PHE C CD1   1 
ATOM   1078 C  CD2   . PHE C 3 80 ? 9.032   2.483   -8.270  1.00 13.01 ? 80  PHE C CD2   1 
ATOM   1079 C  CE1   . PHE C 3 80 ? 9.685   0.281   -6.714  1.00 11.95 ? 80  PHE C CE1   1 
ATOM   1080 C  CE2   . PHE C 3 80 ? 10.351  2.022   -8.237  1.00 13.46 ? 80  PHE C CE2   1 
ATOM   1081 C  CZ    . PHE C 3 80 ? 10.676  0.917   -7.455  1.00 12.93 ? 80  PHE C CZ    1 
ATOM   1082 N  N     . VAL C 3 81 ? 3.499   1.788   -9.267  1.00 12.95 ? 81  VAL C N     1 
ATOM   1083 C  CA    . VAL C 3 81 ? 2.124   2.259   -9.325  1.00 12.76 ? 81  VAL C CA    1 
ATOM   1084 C  C     . VAL C 3 81 ? 1.125   1.111   -9.233  1.00 12.86 ? 81  VAL C C     1 
ATOM   1085 O  O     . VAL C 3 81 ? 1.240   0.105   -9.942  1.00 12.04 ? 81  VAL C O     1 
ATOM   1086 C  CB    . VAL C 3 81 ? 1.849   3.040   -10.619 1.00 13.13 ? 81  VAL C CB    1 
ATOM   1087 C  CG1   . VAL C 3 81 ? 0.414   3.554   -10.611 1.00 12.76 ? 81  VAL C CG1   1 
ATOM   1088 C  CG2   . VAL C 3 81 ? 2.845   4.199   -10.755 1.00 12.86 ? 81  VAL C CG2   1 
ATOM   1089 N  N     . TYR C 3 82 ? 0.145   1.285   -8.354  1.00 12.32 ? 82  TYR C N     1 
ATOM   1090 C  CA    . TYR C 3 82 ? -0.893  0.294   -8.119  1.00 11.73 ? 82  TYR C CA    1 
ATOM   1091 C  C     . TYR C 3 82 ? -2.234  1.004   -8.086  1.00 12.75 ? 82  TYR C C     1 
ATOM   1092 O  O     . TYR C 3 82 ? -2.305  2.231   -8.117  1.00 11.53 ? 82  TYR C O     1 
ATOM   1093 C  CB    . TYR C 3 82 ? -0.674  -0.405  -6.774  1.00 10.72 ? 82  TYR C CB    1 
ATOM   1094 C  CG    . TYR C 3 82 ? 0.524   -1.324  -6.723  1.00 10.37 ? 82  TYR C CG    1 
ATOM   1095 C  CD1   . TYR C 3 82 ? 1.792   -0.831  -6.416  1.00 8.83  ? 82  TYR C CD1   1 
ATOM   1096 C  CD2   . TYR C 3 82 ? 0.385   -2.703  -6.971  1.00 9.50  ? 82  TYR C CD2   1 
ATOM   1097 C  CE1   . TYR C 3 82 ? 2.894   -1.680  -6.352  1.00 10.03 ? 82  TYR C CE1   1 
ATOM   1098 C  CE2   . TYR C 3 82 ? 1.484   -3.563  -6.907  1.00 8.39  ? 82  TYR C CE2   1 
ATOM   1099 C  CZ    . TYR C 3 82 ? 2.731   -3.049  -6.598  1.00 9.03  ? 82  TYR C CZ    1 
ATOM   1100 O  OH    . TYR C 3 82 ? 3.822   -3.889  -6.516  1.00 7.61  ? 82  TYR C OH    1 
ATOM   1101 N  N     . LYS C 3 83 ? -3.303  0.227   -7.996  1.00 12.52 ? 83  LYS C N     1 
ATOM   1102 C  CA    . LYS C 3 83 ? -4.627  0.806   -7.968  1.00 13.39 ? 83  LYS C CA    1 
ATOM   1103 C  C     . LYS C 3 83 ? -5.559  0.037   -7.071  1.00 14.28 ? 83  LYS C C     1 
ATOM   1104 O  O     . LYS C 3 83 ? -5.596  -1.189  -7.108  1.00 14.32 ? 83  LYS C O     1 
ATOM   1105 C  CB    . LYS C 3 83 ? -5.221  0.845   -9.373  1.00 12.92 ? 83  LYS C CB    1 
ATOM   1106 C  CG    . LYS C 3 83 ? -6.481  1.672   -9.447  1.00 13.81 ? 83  LYS C CG    1 
ATOM   1107 C  CD    . LYS C 3 83 ? -7.261  1.398   -10.704 1.00 14.96 ? 83  LYS C CD    1 
ATOM   1108 C  CE    . LYS C 3 83 ? -8.648  2.004   -10.614 1.00 15.12 ? 83  LYS C CE    1 
ATOM   1109 N  NZ    . LYS C 3 83 ? -9.139  2.350   -11.971 1.00 17.44 ? 83  LYS C NZ    1 
ATOM   1110 N  N     . PHE C 3 84 ? -6.308  0.761   -6.253  1.00 14.91 ? 84  PHE C N     1 
ATOM   1111 C  CA    . PHE C 3 84 ? -7.278  0.127   -5.383  1.00 15.58 ? 84  PHE C CA    1 
ATOM   1112 C  C     . PHE C 3 84 ? -8.442  -0.218  -6.308  1.00 16.64 ? 84  PHE C C     1 
ATOM   1113 O  O     . PHE C 3 84 ? -9.002  0.663   -6.960  1.00 16.37 ? 84  PHE C O     1 
ATOM   1114 C  CB    . PHE C 3 84 ? -7.723  1.098   -4.291  1.00 14.77 ? 84  PHE C CB    1 
ATOM   1115 C  CG    . PHE C 3 84 ? -6.985  0.924   -2.992  1.00 14.94 ? 84  PHE C CG    1 
ATOM   1116 C  CD1   . PHE C 3 84 ? -7.450  0.035   -2.028  1.00 14.24 ? 84  PHE C CD1   1 
ATOM   1117 C  CD2   . PHE C 3 84 ? -5.815  1.633   -2.741  1.00 14.57 ? 84  PHE C CD2   1 
ATOM   1118 C  CE1   . PHE C 3 84 ? -6.761  -0.149  -0.839  1.00 14.52 ? 84  PHE C CE1   1 
ATOM   1119 C  CE2   . PHE C 3 84 ? -5.112  1.456   -1.547  1.00 15.10 ? 84  PHE C CE2   1 
ATOM   1120 C  CZ    . PHE C 3 84 ? -5.587  0.560   -0.593  1.00 14.93 ? 84  PHE C CZ    1 
ATOM   1121 N  N     . VAL C 3 85 ? -8.792  -1.500  -6.381  1.00 17.82 ? 85  VAL C N     1 
ATOM   1122 C  CA    . VAL C 3 85 ? -9.874  -1.933  -7.260  1.00 18.88 ? 85  VAL C CA    1 
ATOM   1123 C  C     . VAL C 3 85 ? -11.129 -1.109  -7.056  1.00 20.66 ? 85  VAL C C     1 
ATOM   1124 O  O     . VAL C 3 85 ? -11.681 -0.567  -8.018  1.00 21.86 ? 85  VAL C O     1 
ATOM   1125 C  CB    . VAL C 3 85 ? -10.199 -3.429  -7.064  1.00 17.64 ? 85  VAL C CB    1 
ATOM   1126 C  CG1   . VAL C 3 85 ? -11.509 -3.782  -7.758  1.00 15.48 ? 85  VAL C CG1   1 
ATOM   1127 C  CG2   . VAL C 3 85 ? -9.065  -4.270  -7.622  1.00 16.17 ? 85  VAL C CG2   1 
ATOM   1128 N  N     . SER C 3 86 ? -11.585 -1.009  -5.811  1.00 21.72 ? 86  SER C N     1 
ATOM   1129 C  CA    . SER C 3 86 ? -12.781 -0.229  -5.520  1.00 22.54 ? 86  SER C CA    1 
ATOM   1130 C  C     . SER C 3 86 ? -12.595 0.695   -4.321  1.00 22.73 ? 86  SER C C     1 
ATOM   1131 O  O     . SER C 3 86 ? -12.952 0.371   -3.182  1.00 22.37 ? 86  SER C O     1 
ATOM   1132 C  CB    . SER C 3 86 ? -13.988 -1.147  -5.309  1.00 23.48 ? 86  SER C CB    1 
ATOM   1133 O  OG    . SER C 3 86 ? -14.770 -1.219  -6.491  1.00 24.33 ? 86  SER C OG    1 
ATOM   1134 N  N     . TYR C 3 87 ? -11.998 1.846   -4.602  1.00 22.08 ? 87  TYR C N     1 
ATOM   1135 C  CA    . TYR C 3 87 ? -11.765 2.870   -3.600  1.00 22.03 ? 87  TYR C CA    1 
ATOM   1136 C  C     . TYR C 3 87 ? -12.814 3.918   -3.940  1.00 21.40 ? 87  TYR C C     1 
ATOM   1137 O  O     . TYR C 3 87 ? -12.967 4.270   -5.102  1.00 22.45 ? 87  TYR C O     1 
ATOM   1138 C  CB    . TYR C 3 87 ? -10.361 3.454   -3.764  1.00 22.30 ? 87  TYR C CB    1 
ATOM   1139 C  CG    . TYR C 3 87 ? -10.088 4.643   -2.880  1.00 22.10 ? 87  TYR C CG    1 
ATOM   1140 C  CD1   . TYR C 3 87 ? -9.851  4.478   -1.515  1.00 23.20 ? 87  TYR C CD1   1 
ATOM   1141 C  CD2   . TYR C 3 87 ? -10.082 5.939   -3.401  1.00 22.66 ? 87  TYR C CD2   1 
ATOM   1142 C  CE1   . TYR C 3 87 ? -9.614  5.580   -0.684  1.00 23.46 ? 87  TYR C CE1   1 
ATOM   1143 C  CE2   . TYR C 3 87 ? -9.846  7.047   -2.580  1.00 23.75 ? 87  TYR C CE2   1 
ATOM   1144 C  CZ    . TYR C 3 87 ? -9.614  6.856   -1.225  1.00 23.35 ? 87  TYR C CZ    1 
ATOM   1145 O  OH    . TYR C 3 87 ? -9.367  7.940   -0.413  1.00 25.66 ? 87  TYR C OH    1 
ATOM   1146 N  N     . PRO C 3 88 ? -13.557 4.422   -2.941  1.00 20.96 ? 88  PRO C N     1 
ATOM   1147 C  CA    . PRO C 3 88 ? -13.536 4.127   -1.505  1.00 20.08 ? 88  PRO C CA    1 
ATOM   1148 C  C     . PRO C 3 88 ? -14.540 3.079   -1.012  1.00 19.87 ? 88  PRO C C     1 
ATOM   1149 O  O     . PRO C 3 88 ? -14.821 3.003   0.182   1.00 20.52 ? 88  PRO C O     1 
ATOM   1150 C  CB    . PRO C 3 88 ? -13.813 5.486   -0.882  1.00 20.27 ? 88  PRO C CB    1 
ATOM   1151 C  CG    . PRO C 3 88 ? -14.722 6.163   -1.899  1.00 20.22 ? 88  PRO C CG    1 
ATOM   1152 C  CD    . PRO C 3 88 ? -14.535 5.482   -3.241  1.00 20.61 ? 88  PRO C CD    1 
ATOM   1153 N  N     . GLU C 3 89 ? -15.097 2.287   -1.917  1.00 19.86 ? 89  GLU C N     1 
ATOM   1154 C  CA    . GLU C 3 89 ? -16.063 1.255   -1.542  1.00 20.05 ? 89  GLU C CA    1 
ATOM   1155 C  C     . GLU C 3 89 ? -15.558 0.388   -0.374  1.00 20.66 ? 89  GLU C C     1 
ATOM   1156 O  O     . GLU C 3 89 ? -16.330 -0.029  0.500   1.00 19.63 ? 89  GLU C O     1 
ATOM   1157 C  CB    . GLU C 3 89 ? -16.342 0.355   -2.747  1.00 19.55 ? 89  GLU C CB    1 
ATOM   1158 C  CG    . GLU C 3 89 ? -17.757 -0.171  -2.832  1.00 19.44 ? 89  GLU C CG    1 
ATOM   1159 C  CD    . GLU C 3 89 ? -18.780 0.830   -2.353  1.00 19.27 ? 89  GLU C CD    1 
ATOM   1160 O  OE1   . GLU C 3 89 ? -19.201 1.694   -3.156  1.00 18.84 ? 89  GLU C OE1   1 
ATOM   1161 O  OE2   . GLU C 3 89 ? -19.160 0.744   -1.168  1.00 19.27 ? 89  GLU C OE2   1 
ATOM   1162 N  N     . ILE C 3 90 ? -14.254 0.128   -0.366  1.00 21.14 ? 90  ILE C N     1 
ATOM   1163 C  CA    . ILE C 3 90 ? -13.640 -0.695  0.671   1.00 22.72 ? 90  ILE C CA    1 
ATOM   1164 C  C     . ILE C 3 90 ? -13.634 -0.026  2.055   1.00 23.33 ? 90  ILE C C     1 
ATOM   1165 O  O     . ILE C 3 90 ? -13.247 -0.643  3.055   1.00 23.89 ? 90  ILE C O     1 
ATOM   1166 C  CB    . ILE C 3 90 ? -12.186 -1.078  0.252   1.00 22.93 ? 90  ILE C CB    1 
ATOM   1167 C  CG1   . ILE C 3 90 ? -11.627 -2.145  1.199   1.00 23.11 ? 90  ILE C CG1   1 
ATOM   1168 C  CG2   . ILE C 3 90 ? -11.298 0.175   0.200   1.00 21.50 ? 90  ILE C CG2   1 
ATOM   1169 C  CD1   . ILE C 3 90 ? -10.335 -2.776  0.696   1.00 23.60 ? 90  ILE C CD1   1 
ATOM   1170 N  N     . LEU C 3 91 ? -14.065 1.234   2.113   1.00 24.25 ? 91  LEU C N     1 
ATOM   1171 C  CA    . LEU C 3 91 ? -14.097 1.963   3.383   1.00 25.74 ? 91  LEU C CA    1 
ATOM   1172 C  C     . LEU C 3 91 ? -15.488 2.047   4.027   1.00 26.58 ? 91  LEU C C     1 
ATOM   1173 O  O     . LEU C 3 91 ? -15.623 2.442   5.180   1.00 26.60 ? 91  LEU C O     1 
ATOM   1174 C  CB    . LEU C 3 91 ? -13.470 3.357   3.207   1.00 25.03 ? 91  LEU C CB    1 
ATOM   1175 C  CG    . LEU C 3 91 ? -11.941 3.365   3.170   1.00 26.09 ? 91  LEU C CG    1 
ATOM   1176 C  CD1   . LEU C 3 91 ? -11.431 4.754   3.533   1.00 26.13 ? 91  LEU C CD1   1 
ATOM   1177 C  CD2   . LEU C 3 91 ? -11.389 2.332   4.136   1.00 25.12 ? 91  LEU C CD2   1 
ATOM   1178 N  N     . ASN C 3 92 ? -16.523 1.692   3.276   1.00 28.46 ? 92  ASN C N     1 
ATOM   1179 C  CA    . ASN C 3 92 ? -17.874 1.648   3.832   1.00 30.65 ? 92  ASN C CA    1 
ATOM   1180 C  C     . ASN C 3 92 ? -18.332 0.202   3.697   1.00 33.17 ? 92  ASN C C     1 
ATOM   1181 O  O     . ASN C 3 92 ? -19.134 -0.125  2.812   1.00 33.49 ? 92  ASN C O     1 
ATOM   1182 C  CB    . ASN C 3 92 ? -18.865 2.529   3.077   1.00 30.54 ? 92  ASN C CB    1 
ATOM   1183 C  CG    . ASN C 3 92 ? -18.216 3.697   2.424   1.00 31.12 ? 92  ASN C CG    1 
ATOM   1184 O  OD1   . ASN C 3 92 ? -18.441 4.841   2.812   1.00 30.94 ? 92  ASN C OD1   1 
ATOM   1185 N  ND2   . ASN C 3 92 ? -17.393 3.425   1.414   1.00 31.19 ? 92  ASN C ND2   1 
ATOM   1186 N  N     . MET C 3 93 ? -17.795 -0.661  4.554   1.00 34.91 ? 93  MET C N     1 
ATOM   1187 C  CA    . MET C 3 93 ? -18.175 -2.059  4.531   1.00 35.90 ? 93  MET C CA    1 
ATOM   1188 C  C     . MET C 3 93 ? -19.580 -2.113  5.120   1.00 36.50 ? 93  MET C C     1 
ATOM   1189 O  O     . MET C 3 93 ? -20.358 -3.015  4.730   1.00 36.90 ? 93  MET C O     1 
ATOM   1190 C  CB    . MET C 3 93 ? -17.200 -2.870  5.378   1.00 36.07 ? 93  MET C CB    1 
ATOM   1191 C  CG    . MET C 3 93 ? -16.208 -3.654  4.522   1.00 37.16 ? 93  MET C CG    1 
ATOM   1192 S  SD    . MET C 3 93 ? -14.490 -3.695  5.134   1.00 39.69 ? 93  MET C SD    1 
ATOM   1193 C  CE    . MET C 3 93 ? -13.607 -3.949  3.650   1.00 37.29 ? 93  MET C CE    1 
ATOM   1194 O  OXT   . MET C 3 93 ? -19.883 -1.215  5.941   1.00 36.38 ? 93  MET C OXT   1 
HETATM 1195 ZN ZN    . ZN  D 4 .  ? 15.079  -14.222 -7.654  1.00 26.33 ? 2   ZN  B ZN    1 
HETATM 1196 ZN ZN    . ZN  E 4 .  ? -20.903 1.600   -0.617  1.00 15.69 ? 94  ZN  C ZN    1 
HETATM 1197 O  O     . HOH F 5 .  ? 0.878   -21.771 0.494   1.00 2.00  ? 19  HOH A O     1 
HETATM 1198 O  O     . HOH F 5 .  ? 2.314   -25.862 0.469   1.00 12.57 ? 20  HOH A O     1 
HETATM 1199 O  O     . HOH F 5 .  ? 2.398   -27.745 -3.056  1.00 19.76 ? 21  HOH A O     1 
HETATM 1200 O  O     . HOH F 5 .  ? 5.701   -29.383 5.672   1.00 29.52 ? 23  HOH A O     1 
HETATM 1201 O  O     . HOH F 5 .  ? 2.365   -25.682 5.333   1.00 27.14 ? 24  HOH A O     1 
HETATM 1202 O  O     . HOH F 5 .  ? -0.211  -23.077 6.027   1.00 26.07 ? 25  HOH A O     1 
HETATM 1203 O  O     . HOH F 5 .  ? 18.081  -11.000 -12.634 1.00 19.18 ? 26  HOH A O     1 
HETATM 1204 O  O     . HOH F 5 .  ? 15.616  1.018   -4.629  1.00 39.43 ? 47  HOH A O     1 
HETATM 1205 O  O     . HOH F 5 .  ? 15.872  -2.370  -4.413  1.00 34.73 ? 48  HOH A O     1 
HETATM 1206 O  O     . HOH F 5 .  ? 10.641  -5.620  -5.380  1.00 30.33 ? 50  HOH A O     1 
HETATM 1207 O  O     . HOH F 5 .  ? 12.218  -6.361  -6.923  1.00 22.93 ? 51  HOH A O     1 
HETATM 1208 O  O     . HOH F 5 .  ? 12.977  -8.921  -7.116  1.00 18.61 ? 52  HOH A O     1 
HETATM 1209 O  O     . HOH F 5 .  ? 15.656  -9.776  -9.697  1.00 34.83 ? 53  HOH A O     1 
HETATM 1210 O  O     . HOH F 5 .  ? -1.385  -10.421 -12.647 1.00 15.96 ? 57  HOH A O     1 
HETATM 1211 O  O     . HOH F 5 .  ? -1.066  -12.825 -7.873  1.00 17.58 ? 58  HOH A O     1 
HETATM 1212 O  O     . HOH F 5 .  ? -3.900  -15.253 -13.612 1.00 28.40 ? 59  HOH A O     1 
HETATM 1213 O  O     . HOH F 5 .  ? 21.247  -4.188  -5.886  1.00 23.77 ? 60  HOH A O     1 
HETATM 1214 O  O     . HOH F 5 .  ? 9.097   -9.434  -6.139  1.00 9.48  ? 71  HOH A O     1 
HETATM 1215 O  O     . HOH F 5 .  ? 7.249   -5.615  -7.788  1.00 7.24  ? 72  HOH A O     1 
HETATM 1216 O  O     . HOH F 5 .  ? 4.435   -6.392  -7.592  1.00 4.41  ? 73  HOH A O     1 
HETATM 1217 O  O     . HOH F 5 .  ? -0.530  -8.105  -12.582 1.00 15.12 ? 74  HOH A O     1 
HETATM 1218 O  O     . HOH F 5 .  ? 2.105   -5.833  -14.471 1.00 8.41  ? 77  HOH A O     1 
HETATM 1219 O  O     . HOH F 5 .  ? 3.886   -25.027 7.522   1.00 28.87 ? 84  HOH A O     1 
HETATM 1220 O  O     . HOH F 5 .  ? -2.107  -16.787 -12.388 1.00 17.19 ? 92  HOH A O     1 
HETATM 1221 O  O     . HOH F 5 .  ? -3.086  -19.177 -11.675 1.00 45.26 ? 93  HOH A O     1 
HETATM 1222 O  O     . HOH F 5 .  ? -0.239  -24.205 -10.254 1.00 33.05 ? 95  HOH A O     1 
HETATM 1223 O  O     . HOH F 5 .  ? 7.599   -22.155 -7.390  1.00 22.71 ? 100 HOH A O     1 
HETATM 1224 O  O     . HOH F 5 .  ? 8.950   -22.434 -0.521  1.00 20.32 ? 102 HOH A O     1 
HETATM 1225 O  O     . HOH F 5 .  ? 9.910   -22.583 1.932   1.00 26.96 ? 103 HOH A O     1 
HETATM 1226 O  O     . HOH F 5 .  ? 12.857  -5.799  -4.454  1.00 35.32 ? 107 HOH A O     1 
HETATM 1227 O  O     . HOH F 5 .  ? 9.098   -4.540  -14.717 1.00 16.28 ? 109 HOH A O     1 
HETATM 1228 O  O     . HOH F 5 .  ? 8.184   -1.718  -14.996 1.00 36.31 ? 110 HOH A O     1 
HETATM 1229 O  O     . HOH F 5 .  ? 7.338   -9.869  -15.069 1.00 15.66 ? 112 HOH A O     1 
HETATM 1230 O  O     . HOH F 5 .  ? 14.388  0.979   -7.479  1.00 22.37 ? 115 HOH A O     1 
HETATM 1231 O  O     . HOH F 5 .  ? 1.791   -23.146 4.082   1.00 21.16 ? 133 HOH A O     1 
HETATM 1232 O  O     . HOH F 5 .  ? 0.159   -20.585 2.408   1.00 25.98 ? 134 HOH A O     1 
HETATM 1233 O  O     . HOH F 5 .  ? 8.987   -24.315 -2.561  1.00 39.18 ? 145 HOH A O     1 
HETATM 1234 O  O     . HOH F 5 .  ? 7.630   -28.818 -3.458  1.00 17.56 ? 146 HOH A O     1 
HETATM 1235 O  O     . HOH F 5 .  ? 7.227   -29.560 1.613   1.00 22.51 ? 147 HOH A O     1 
HETATM 1236 O  O     . HOH F 5 .  ? 0.303   -23.368 2.058   1.00 18.81 ? 156 HOH A O     1 
HETATM 1237 O  O     . HOH G 5 .  ? -8.802  -8.984  5.546   1.00 22.08 ? 8   HOH B O     1 
HETATM 1238 O  O     . HOH G 5 .  ? -6.663  -8.396  3.156   1.00 20.44 ? 9   HOH B O     1 
HETATM 1239 O  O     . HOH G 5 .  ? -10.718 -10.768 1.548   1.00 30.12 ? 10  HOH B O     1 
HETATM 1240 O  O     . HOH G 5 .  ? 2.377   -13.877 8.598   1.00 13.20 ? 27  HOH B O     1 
HETATM 1241 O  O     . HOH G 5 .  ? 6.414   -15.050 8.613   1.00 30.06 ? 28  HOH B O     1 
HETATM 1242 O  O     . HOH G 5 .  ? 8.735   -13.645 9.944   1.00 25.97 ? 29  HOH B O     1 
HETATM 1243 O  O     . HOH G 5 .  ? 12.337  -15.979 8.912   1.00 20.02 ? 30  HOH B O     1 
HETATM 1244 O  O     . HOH G 5 .  ? 14.023  -12.206 5.718   1.00 24.77 ? 32  HOH B O     1 
HETATM 1245 O  O     . HOH G 5 .  ? 16.548  -12.922 -6.847  1.00 35.42 ? 54  HOH B O     1 
HETATM 1246 O  O     . HOH G 5 .  ? -1.005  -11.934 8.406   1.00 12.56 ? 62  HOH B O     1 
HETATM 1247 O  O     . HOH G 5 .  ? -1.560  -8.212  8.242   1.00 18.53 ? 63  HOH B O     1 
HETATM 1248 O  O     . HOH G 5 .  ? 5.545   -6.183  8.271   1.00 10.27 ? 68  HOH B O     1 
HETATM 1249 O  O     . HOH G 5 .  ? 8.464   -11.677 -2.137  1.00 11.56 ? 70  HOH B O     1 
HETATM 1250 O  O     . HOH G 5 .  ? 20.323  -18.812 -0.466  1.00 14.84 ? 76  HOH B O     1 
HETATM 1251 O  O     . HOH G 5 .  ? 15.227  -15.109 -3.347  1.00 29.22 ? 80  HOH B O     1 
HETATM 1252 O  O     . HOH G 5 .  ? 17.754  -17.466 -6.453  1.00 46.92 ? 81  HOH B O     1 
HETATM 1253 O  O     . HOH G 5 .  ? 17.324  -15.016 -8.631  1.00 33.65 ? 82  HOH B O     1 
HETATM 1254 O  O     . HOH G 5 .  ? 15.844  -14.987 -11.708 1.00 15.70 ? 83  HOH B O     1 
HETATM 1255 O  O     . HOH G 5 .  ? 17.768  -23.223 -4.820  1.00 36.80 ? 90  HOH B O     1 
HETATM 1256 O  O     . HOH G 5 .  ? 14.651  -25.862 -8.082  1.00 53.84 ? 98  HOH B O     1 
HETATM 1257 O  O     . HOH G 5 .  ? 9.842   -21.475 -12.025 1.00 28.16 ? 99  HOH B O     1 
HETATM 1258 O  O     . HOH G 5 .  ? 11.145  -21.094 -1.975  1.00 37.32 ? 101 HOH B O     1 
HETATM 1259 O  O     . HOH G 5 .  ? 6.662   -13.912 -15.200 1.00 22.26 ? 113 HOH B O     1 
HETATM 1260 O  O     . HOH G 5 .  ? -3.766  -18.151 2.617   1.00 11.33 ? 114 HOH B O     1 
HETATM 1261 O  O     . HOH G 5 .  ? 11.269  -17.116 -22.479 1.00 31.30 ? 131 HOH B O     1 
HETATM 1262 O  O     . HOH G 5 .  ? 15.358  -17.510 -17.915 1.00 11.63 ? 132 HOH B O     1 
HETATM 1263 O  O     . HOH G 5 .  ? 14.676  -12.787 -9.286  1.00 20.88 ? 135 HOH B O     1 
HETATM 1264 O  O     . HOH G 5 .  ? 13.512  -12.990 -6.407  1.00 16.80 ? 136 HOH B O     1 
HETATM 1265 O  O     . HOH G 5 .  ? 15.864  -15.802 -6.040  1.00 18.92 ? 137 HOH B O     1 
HETATM 1266 O  O     . HOH G 5 .  ? 9.696   -19.630 -10.649 1.00 35.68 ? 138 HOH B O     1 
HETATM 1267 O  O     . HOH G 5 .  ? 8.501   -20.357 -13.986 1.00 43.63 ? 139 HOH B O     1 
HETATM 1268 O  O     . HOH G 5 .  ? -2.212  -17.087 0.789   1.00 11.16 ? 152 HOH B O     1 
HETATM 1269 O  O     . HOH G 5 .  ? -2.384  -20.171 3.397   1.00 18.00 ? 153 HOH B O     1 
HETATM 1270 O  O     . HOH G 5 .  ? -2.337  -22.100 5.284   1.00 13.32 ? 154 HOH B O     1 
HETATM 1271 O  O     . HOH G 5 .  ? 13.977  -14.505 -19.795 1.00 19.80 ? 155 HOH B O     1 
HETATM 1272 O  O     . HOH G 5 .  ? -1.353  -21.996 9.640   1.00 23.50 ? 157 HOH B O     1 
HETATM 1273 O  O     . HOH G 5 .  ? 7.462   -15.905 -13.910 1.00 39.94 ? 158 HOH B O     1 
HETATM 1274 O  O     . HOH G 5 .  ? 4.249   -20.272 -15.552 1.00 40.09 ? 159 HOH B O     1 
HETATM 1275 O  O     . HOH H 5 .  ? -1.080  7.141   -11.968 1.00 48.86 ? 95  HOH C O     1 
HETATM 1276 O  O     . HOH H 5 .  ? 4.341   5.980   -14.266 1.00 23.42 ? 96  HOH C O     1 
HETATM 1277 O  O     . HOH H 5 .  ? 6.499   5.102   -12.097 1.00 27.49 ? 97  HOH C O     1 
HETATM 1278 O  O     . HOH H 5 .  ? 9.846   4.598   -13.610 1.00 20.39 ? 98  HOH C O     1 
HETATM 1279 O  O     . HOH H 5 .  ? 7.565   2.901   -15.252 1.00 19.47 ? 99  HOH C O     1 
HETATM 1280 O  O     . HOH H 5 .  ? -5.489  -14.836 2.046   1.00 15.15 ? 100 HOH C O     1 
HETATM 1281 O  O     . HOH H 5 .  ? -3.629  -14.423 0.135   1.00 18.78 ? 101 HOH C O     1 
HETATM 1282 O  O     . HOH H 5 .  ? -3.496  -12.147 1.064   1.00 13.03 ? 102 HOH C O     1 
HETATM 1283 O  O     . HOH H 5 .  ? -1.634  -10.007 1.009   1.00 10.30 ? 103 HOH C O     1 
HETATM 1284 O  O     . HOH H 5 .  ? -4.639  -14.041 -2.411  1.00 10.46 ? 104 HOH C O     1 
HETATM 1285 O  O     . HOH H 5 .  ? -4.198  -16.852 -3.528  1.00 19.39 ? 105 HOH C O     1 
HETATM 1286 O  O     . HOH H 5 .  ? -0.529  -14.131 -6.015  1.00 18.69 ? 106 HOH C O     1 
HETATM 1287 O  O     . HOH H 5 .  ? 1.148   -19.078 -3.210  1.00 21.85 ? 107 HOH C O     1 
HETATM 1288 O  O     . HOH H 5 .  ? 5.611   14.310  2.483   1.00 8.77  ? 108 HOH C O     1 
HETATM 1289 O  O     . HOH H 5 .  ? 13.378  -12.582 8.101   1.00 30.46 ? 109 HOH C O     1 
HETATM 1290 O  O     . HOH H 5 .  ? 12.757  -3.488  7.387   1.00 9.55  ? 110 HOH C O     1 
HETATM 1291 O  O     . HOH H 5 .  ? 11.109  -2.421  9.686   1.00 10.78 ? 111 HOH C O     1 
HETATM 1292 O  O     . HOH H 5 .  ? -16.479 7.309   1.286   1.00 11.38 ? 112 HOH C O     1 
HETATM 1293 O  O     . HOH H 5 .  ? -16.348 5.085   0.654   1.00 16.05 ? 113 HOH C O     1 
HETATM 1294 O  O     . HOH H 5 .  ? -17.831 7.073   -1.059  1.00 10.94 ? 114 HOH C O     1 
HETATM 1295 O  O     . HOH H 5 .  ? -18.268 4.672   -1.835  1.00 19.48 ? 115 HOH C O     1 
HETATM 1296 O  O     . HOH H 5 .  ? -17.549 3.928   -4.508  1.00 14.93 ? 116 HOH C O     1 
HETATM 1297 O  O     . HOH H 5 .  ? 7.494   14.257  5.949   1.00 17.41 ? 117 HOH C O     1 
HETATM 1298 O  O     . HOH H 5 .  ? -21.098 1.033   1.239   1.00 14.59 ? 118 HOH C O     1 
HETATM 1299 O  O     . HOH H 5 .  ? -17.961 5.192   6.941   1.00 27.63 ? 119 HOH C O     1 
HETATM 1300 O  O     . HOH H 5 .  ? -15.613 7.028   5.390   1.00 22.89 ? 120 HOH C O     1 
HETATM 1301 O  O     . HOH H 5 .  ? 16.458  2.282   0.745   1.00 27.07 ? 121 HOH C O     1 
HETATM 1302 O  O     . HOH H 5 .  ? 12.866  2.324   -2.711  1.00 18.75 ? 122 HOH C O     1 
HETATM 1303 O  O     . HOH H 5 .  ? 10.501  3.625   -4.760  1.00 15.99 ? 123 HOH C O     1 
HETATM 1304 O  O     . HOH H 5 .  ? 13.192  -5.161  -1.589  1.00 7.66  ? 124 HOH C O     1 
HETATM 1305 O  O     . HOH H 5 .  ? -8.630  -11.226 -10.056 1.00 26.67 ? 125 HOH C O     1 
HETATM 1306 O  O     . HOH H 5 .  ? -3.856  -7.131  -10.427 1.00 41.21 ? 126 HOH C O     1 
HETATM 1307 O  O     . HOH H 5 .  ? 3.145   -13.857 13.190  1.00 34.70 ? 127 HOH C O     1 
HETATM 1308 O  O     . HOH H 5 .  ? 14.040  0.862   -9.924  1.00 25.57 ? 128 HOH C O     1 
HETATM 1309 O  O     . HOH H 5 .  ? -3.887  -2.213  16.195  1.00 23.56 ? 129 HOH C O     1 
HETATM 1310 O  O     . HOH H 5 .  ? 3.991   -4.888  18.581  1.00 36.90 ? 130 HOH C O     1 
HETATM 1311 O  O     . HOH H 5 .  ? 12.657  -1.596  3.009   1.00 19.80 ? 131 HOH C O     1 
HETATM 1312 O  O     . HOH H 5 .  ? 4.951   -9.856  2.883   1.00 16.33 ? 132 HOH C O     1 
HETATM 1313 O  O     . HOH H 5 .  ? -2.256  -6.666  -11.881 1.00 21.07 ? 133 HOH C O     1 
HETATM 1314 O  O     . HOH H 5 .  ? 3.931   -3.633  -14.983 1.00 25.50 ? 134 HOH C O     1 
HETATM 1315 O  O     . HOH H 5 .  ? 1.311   -9.009  -16.834 1.00 32.94 ? 135 HOH C O     1 
HETATM 1316 O  O     . HOH H 5 .  ? -15.102 -3.914  -7.099  1.00 31.86 ? 136 HOH C O     1 
HETATM 1317 O  O     . HOH H 5 .  ? -15.414 2.293   -5.136  1.00 17.68 ? 137 HOH C O     1 
HETATM 1318 O  O     . HOH H 5 .  ? 6.534   10.313  7.785   1.00 18.37 ? 138 HOH C O     1 
HETATM 1319 O  O     . HOH H 5 .  ? 1.705   9.135   8.987   1.00 36.99 ? 139 HOH C O     1 
HETATM 1320 O  O     . HOH H 5 .  ? -12.028 3.367   -11.462 1.00 35.57 ? 140 HOH C O     1 
HETATM 1321 O  O     . HOH H 5 .  ? -7.203  -7.249  -8.854  1.00 27.55 ? 141 HOH C O     1 
HETATM 1322 O  O     . HOH H 5 .  ? 3.140   -12.999 22.240  1.00 37.80 ? 142 HOH C O     1 
HETATM 1323 O  O     . HOH H 5 .  ? -0.469  16.864  -2.793  1.00 37.10 ? 143 HOH C O     1 
HETATM 1324 O  O     . HOH H 5 .  ? 10.162  11.366  -2.847  1.00 18.41 ? 144 HOH C O     1 
HETATM 1325 O  O     . HOH H 5 .  ? -2.851  -1.595  -16.184 1.00 21.05 ? 145 HOH C O     1 
HETATM 1326 O  O     . HOH H 5 .  ? -12.260 -3.393  -2.511  1.00 26.75 ? 146 HOH C O     1 
HETATM 1327 O  O     . HOH H 5 .  ? -11.181 -13.684 -4.654  1.00 29.29 ? 147 HOH C O     1 
HETATM 1328 O  O     . HOH H 5 .  ? 9.232   -6.549  -6.788  1.00 24.01 ? 148 HOH C O     1 
HETATM 1329 O  O     . HOH H 5 .  ? 5.023   -1.627  -13.549 1.00 16.66 ? 149 HOH C O     1 
HETATM 1330 O  O     . HOH H 5 .  ? -5.814  -2.230  14.566  1.00 27.34 ? 150 HOH C O     1 
HETATM 1331 O  O     . HOH H 5 .  ? -6.795  0.893   12.413  1.00 40.89 ? 151 HOH C O     1 
HETATM 1332 O  O     . HOH H 5 .  ? -9.408  2.567   9.859   1.00 35.41 ? 152 HOH C O     1 
HETATM 1333 O  O     . HOH H 5 .  ? -6.670  7.405   2.225   1.00 27.14 ? 153 HOH C O     1 
HETATM 1334 O  O     . HOH H 5 .  ? -6.523  9.904   1.255   1.00 22.21 ? 154 HOH C O     1 
HETATM 1335 O  O     . HOH H 5 .  ? -8.715  10.570  -2.499  1.00 20.20 ? 155 HOH C O     1 
HETATM 1336 O  O     . HOH H 5 .  ? 8.567   -2.674  15.283  1.00 21.05 ? 156 HOH C O     1 
HETATM 1337 O  O     . HOH H 5 .  ? 10.196  -4.420  14.099  1.00 25.27 ? 157 HOH C O     1 
HETATM 1338 O  O     . HOH H 5 .  ? -7.945  8.434   -5.570  1.00 19.31 ? 158 HOH C O     1 
HETATM 1339 O  O     . HOH H 5 .  ? -4.611  12.930  -8.108  1.00 27.39 ? 159 HOH C O     1 
HETATM 1340 O  O     . HOH H 5 .  ? -7.103  11.814  -12.123 1.00 23.66 ? 160 HOH C O     1 
HETATM 1341 O  O     . HOH H 5 .  ? -1.524  11.911  -2.074  1.00 13.87 ? 161 HOH C O     1 
HETATM 1342 O  O     . HOH H 5 .  ? -1.201  11.373  0.333   1.00 16.63 ? 162 HOH C O     1 
HETATM 1343 O  O     . HOH H 5 .  ? 0.754   10.289  1.519   1.00 16.67 ? 163 HOH C O     1 
HETATM 1344 O  O     . HOH H 5 .  ? -3.936  14.388  2.171   1.00 25.03 ? 164 HOH C O     1 
HETATM 1345 O  O     . HOH H 5 .  ? -0.050  6.979   9.575   1.00 40.99 ? 165 HOH C O     1 
HETATM 1346 O  O     . HOH H 5 .  ? -10.867 1.970   -7.971  1.00 16.39 ? 166 HOH C O     1 
HETATM 1347 O  O     . HOH H 5 .  ? -10.270 -1.971  -3.265  1.00 15.54 ? 167 HOH C O     1 
HETATM 1348 O  O     . HOH H 5 .  ? 14.623  4.283   1.452   1.00 19.16 ? 168 HOH C O     1 
HETATM 1349 O  O     . HOH H 5 .  ? -2.229  -2.391  -19.422 1.00 18.27 ? 169 HOH C O     1 
HETATM 1350 O  O     . HOH H 5 .  ? 12.693  4.255   -0.296  1.00 11.87 ? 170 HOH C O     1 
HETATM 1351 O  O     . HOH H 5 .  ? 4.576   8.349   -12.949 1.00 30.99 ? 171 HOH C O     1 
HETATM 1352 O  O     . HOH H 5 .  ? -10.427 -4.027  10.046  1.00 31.41 ? 172 HOH C O     1 
HETATM 1353 O  O     . HOH H 5 .  ? 6.766   4.096   -17.508 1.00 34.61 ? 173 HOH C O     1 
HETATM 1354 O  O     . HOH H 5 .  ? -6.278  12.429  2.688   1.00 43.14 ? 174 HOH C O     1 
HETATM 1355 O  O     . HOH H 5 .  ? -1.578  13.735  1.561   1.00 32.59 ? 175 HOH C O     1 
HETATM 1356 O  O     . HOH H 5 .  ? -6.331  -20.336 -2.291  1.00 36.08 ? 176 HOH C O     1 
# 
